data_4UDG
#
_entry.id   4UDG
#
_cell.length_a   83.816
_cell.length_b   140.912
_cell.length_c   168.598
_cell.angle_alpha   90.00
_cell.angle_beta   90.00
_cell.angle_gamma   90.00
#
_symmetry.space_group_name_H-M   'P 21 21 21'
#
loop_
_entity.id
_entity.type
_entity.pdbx_description
1 polymer UHGB_MP
2 non-polymer 'PHOSPHATE ION'
3 non-polymer 2-acetamido-2-deoxy-alpha-D-glucopyranose
4 non-polymer GLYCEROL
5 non-polymer 'POTASSIUM ION'
6 non-polymer 1,2-ETHANEDIOL
7 water water
#
_entity_poly.entity_id   1
_entity_poly.type   'polypeptide(L)'
_entity_poly.pdbx_seq_one_letter_code
;MGSSHHHHHHSSGLVPRGSHMSMSSKVIIPWEERPAGCKDVLWRSVANPIIPRDLLPTSNSIFNSAVVPFGDGFAGVFRC
DDTSRRMRLHVGFSKDAINWNIKEEPLKFQCDDEEIGTWVYGYDPRVCFIEDRYYVTWCNGYHGPTIGVAYTFDFETFHQ
LENAFIPFNRNGVLFPRKINGRFAMLSRPSDNGHTPFGDIFYSESPDMEFWGRHRHVMSPAAFEVSAWQCTKIGAGPIPV
ETPEGWLLIYHGVLHSCNGYVYSFGSALLDLDEPWKVKFRSGPYLLAPREPYECMGDVPNVCFPCAALHDNETGRIAIYY
GCADTVTGLAFGYIPEIIEFTKRTSII
;
_entity_poly.pdbx_strand_id   A,B,C,D,E,F
#
loop_
_chem_comp.id
_chem_comp.type
_chem_comp.name
_chem_comp.formula
EDO non-polymer 1,2-ETHANEDIOL 'C2 H6 O2'
GOL non-polymer GLYCEROL 'C3 H8 O3'
K non-polymer 'POTASSIUM ION' 'K 1'
NDG D-saccharide, alpha linking 2-acetamido-2-deoxy-alpha-D-glucopyranose 'C8 H15 N O6'
PO4 non-polymer 'PHOSPHATE ION' 'O4 P -3'
#
# COMPACT_ATOMS: atom_id res chain seq x y z
N ILE A 28 29.08 0.06 41.62
CA ILE A 28 30.09 -0.61 40.73
C ILE A 28 29.53 -1.29 39.46
N ILE A 29 29.73 -0.60 38.33
CA ILE A 29 29.06 -0.99 37.09
C ILE A 29 29.77 -2.02 36.24
N PRO A 30 29.02 -2.76 35.42
CA PRO A 30 29.61 -3.85 34.62
C PRO A 30 30.57 -3.22 33.66
N TRP A 31 31.69 -3.88 33.44
CA TRP A 31 32.75 -3.25 32.62
C TRP A 31 33.67 -4.31 31.99
N GLU A 32 34.02 -4.10 30.73
CA GLU A 32 35.05 -4.85 30.04
C GLU A 32 35.92 -3.84 29.35
N GLU A 33 37.23 -3.98 29.49
CA GLU A 33 38.14 -3.02 28.87
C GLU A 33 38.06 -3.10 27.37
N ARG A 34 38.35 -1.96 26.77
CA ARG A 34 38.43 -1.81 25.32
C ARG A 34 39.33 -2.91 24.76
N PRO A 35 38.84 -3.70 23.84
CA PRO A 35 39.66 -4.77 23.32
C PRO A 35 40.91 -4.22 22.66
N ALA A 36 41.97 -5.02 22.72
CA ALA A 36 43.23 -4.62 22.13
C ALA A 36 43.07 -4.31 20.64
N GLY A 37 43.51 -3.12 20.24
CA GLY A 37 43.41 -2.74 18.84
C GLY A 37 42.05 -2.20 18.44
N CYS A 38 41.08 -2.16 19.34
CA CYS A 38 39.78 -1.69 18.94
C CYS A 38 39.76 -0.18 18.85
N LYS A 39 39.28 0.34 17.74
CA LYS A 39 39.23 1.78 17.54
C LYS A 39 37.82 2.34 17.75
N ASP A 40 36.87 1.47 18.05
CA ASP A 40 35.51 1.93 18.13
C ASP A 40 35.28 2.63 19.45
N VAL A 41 34.37 3.57 19.43
CA VAL A 41 33.93 4.25 20.61
C VAL A 41 33.08 3.35 21.55
N LEU A 42 32.33 2.39 21.00
CA LEU A 42 31.62 1.41 21.82
C LEU A 42 32.04 0.05 21.42
N TRP A 43 32.17 -0.82 22.39
CA TRP A 43 32.49 -2.22 22.10
C TRP A 43 31.55 -3.21 22.81
N ARG A 44 31.16 -4.25 22.10
CA ARG A 44 30.29 -5.28 22.64
C ARG A 44 30.98 -6.06 23.78
N SER A 45 30.18 -6.49 24.75
CA SER A 45 30.63 -7.52 25.69
C SER A 45 30.95 -8.82 24.98
N VAL A 46 32.09 -9.46 25.37
CA VAL A 46 32.40 -10.72 24.72
C VAL A 46 31.55 -11.88 25.24
N ALA A 47 30.81 -11.61 26.30
CA ALA A 47 29.86 -12.52 26.86
C ALA A 47 28.42 -12.38 26.33
N ASN A 48 28.18 -11.55 25.34
CA ASN A 48 26.82 -11.39 24.88
C ASN A 48 26.30 -12.66 24.25
N PRO A 49 25.02 -12.96 24.41
CA PRO A 49 24.08 -12.11 25.19
C PRO A 49 24.21 -12.34 26.63
N ILE A 50 23.93 -11.31 27.39
CA ILE A 50 23.94 -11.41 28.84
C ILE A 50 22.66 -11.94 29.43
N ILE A 51 21.54 -11.77 28.74
CA ILE A 51 20.27 -12.36 29.21
C ILE A 51 19.75 -13.23 28.06
N PRO A 52 19.57 -14.52 28.31
CA PRO A 52 19.14 -15.43 27.24
C PRO A 52 17.62 -15.46 27.11
N ARG A 53 17.12 -16.01 26.05
CA ARG A 53 15.69 -15.95 25.74
C ARG A 53 14.85 -16.81 26.66
N ASP A 54 15.49 -17.75 27.23
CA ASP A 54 14.76 -18.79 27.97
C ASP A 54 15.01 -18.77 29.46
N LEU A 55 15.28 -17.61 30.01
CA LEU A 55 15.47 -17.53 31.43
C LEU A 55 14.28 -17.91 32.27
N LEU A 56 13.06 -17.63 31.84
CA LEU A 56 11.87 -18.02 32.54
C LEU A 56 11.25 -19.29 31.92
N PRO A 57 10.40 -20.02 32.66
CA PRO A 57 9.88 -21.26 32.08
C PRO A 57 9.04 -21.09 30.86
N THR A 58 8.41 -19.91 30.70
CA THR A 58 7.64 -19.71 29.48
C THR A 58 8.09 -18.48 28.71
N SER A 59 9.32 -18.01 28.93
CA SER A 59 9.80 -16.92 28.12
C SER A 59 10.20 -17.37 26.73
N ASN A 60 9.75 -16.58 25.76
CA ASN A 60 10.17 -16.70 24.36
C ASN A 60 11.33 -15.80 24.03
N SER A 61 11.36 -14.63 24.68
CA SER A 61 12.38 -13.64 24.42
C SER A 61 12.44 -12.65 25.52
N ILE A 62 13.64 -12.08 25.78
CA ILE A 62 13.86 -11.10 26.86
C ILE A 62 14.85 -10.06 26.32
N PHE A 63 14.33 -8.88 25.99
CA PHE A 63 15.11 -7.96 25.16
C PHE A 63 14.89 -6.47 25.38
N ASN A 64 14.12 -6.12 26.39
CA ASN A 64 14.34 -4.75 26.99
C ASN A 64 14.61 -4.98 28.45
N SER A 65 15.58 -4.26 28.90
CA SER A 65 16.08 -4.43 30.26
C SER A 65 16.26 -3.03 30.75
N ALA A 66 15.22 -2.47 31.41
CA ALA A 66 15.35 -1.16 32.00
C ALA A 66 15.97 -1.28 33.42
N VAL A 67 17.24 -1.03 33.50
CA VAL A 67 18.10 -1.33 34.65
CA VAL A 67 18.01 -1.33 34.69
C VAL A 67 18.53 -0.07 35.37
N VAL A 68 18.57 -0.15 36.70
CA VAL A 68 19.11 0.95 37.56
C VAL A 68 19.85 0.35 38.75
N PRO A 69 20.74 1.10 39.35
CA PRO A 69 21.30 0.70 40.66
C PRO A 69 20.19 0.75 41.69
N PHE A 70 20.22 -0.18 42.60
CA PHE A 70 19.20 -0.27 43.64
C PHE A 70 19.85 -0.91 44.84
N GLY A 71 19.84 -0.23 45.95
CA GLY A 71 20.46 -0.84 47.16
C GLY A 71 21.94 -1.03 46.91
N ASP A 72 22.55 -2.16 47.31
N ASP A 72 22.36 -2.26 47.24
CA ASP A 72 23.93 -2.37 46.85
CA ASP A 72 23.73 -2.69 47.07
C ASP A 72 23.92 -3.43 45.76
C ASP A 72 23.97 -3.23 45.66
N GLY A 73 22.90 -3.38 44.89
CA GLY A 73 23.02 -4.06 43.59
C GLY A 73 22.18 -3.31 42.61
N PHE A 74 21.35 -4.10 41.89
CA PHE A 74 20.66 -3.54 40.71
C PHE A 74 19.29 -4.10 40.59
N ALA A 75 18.39 -3.31 40.00
CA ALA A 75 17.05 -3.79 39.78
C ALA A 75 16.68 -3.40 38.34
N GLY A 76 15.57 -3.91 37.88
CA GLY A 76 15.10 -3.48 36.57
C GLY A 76 13.74 -4.02 36.29
N VAL A 77 13.17 -3.51 35.21
CA VAL A 77 11.89 -3.95 34.64
C VAL A 77 12.23 -4.45 33.24
N PHE A 78 11.81 -5.69 33.00
CA PHE A 78 12.17 -6.43 31.78
C PHE A 78 10.95 -6.71 30.97
N ARG A 79 11.11 -6.48 29.66
CA ARG A 79 10.15 -7.01 28.74
C ARG A 79 10.47 -8.47 28.50
N CYS A 80 9.51 -9.32 28.89
CA CYS A 80 9.64 -10.78 28.61
C CYS A 80 8.43 -11.21 27.83
N ASP A 81 8.59 -11.52 26.54
CA ASP A 81 7.50 -12.00 25.75
C ASP A 81 7.42 -13.50 25.98
N ASP A 82 6.22 -14.02 26.19
CA ASP A 82 6.05 -15.43 26.50
C ASP A 82 5.86 -16.30 25.27
N THR A 83 5.65 -17.60 25.49
CA THR A 83 5.41 -18.54 24.40
C THR A 83 4.06 -18.41 23.70
N SER A 84 3.18 -17.57 24.23
CA SER A 84 1.98 -17.16 23.58
C SER A 84 2.21 -15.84 22.78
N ARG A 85 3.44 -15.33 22.83
CA ARG A 85 3.84 -14.07 22.21
C ARG A 85 3.11 -12.83 22.78
N ARG A 86 2.68 -12.99 24.04
CA ARG A 86 2.18 -11.85 24.85
C ARG A 86 3.36 -11.07 25.37
N MET A 87 3.16 -9.77 25.48
CA MET A 87 4.15 -8.84 25.96
C MET A 87 3.86 -8.45 27.42
N ARG A 88 4.73 -8.86 28.30
CA ARG A 88 4.59 -8.58 29.75
C ARG A 88 5.86 -7.98 30.29
N LEU A 89 5.71 -7.31 31.44
CA LEU A 89 6.81 -6.73 32.18
C LEU A 89 7.05 -7.56 33.41
N HIS A 90 8.32 -7.78 33.74
CA HIS A 90 8.70 -8.55 34.93
C HIS A 90 9.81 -7.78 35.68
N VAL A 91 9.79 -7.82 37.01
CA VAL A 91 10.83 -7.23 37.76
C VAL A 91 11.98 -8.18 37.82
N GLY A 92 13.17 -7.61 37.84
CA GLY A 92 14.40 -8.44 38.15
C GLY A 92 15.39 -7.78 39.07
N PHE A 93 16.25 -8.57 39.67
CA PHE A 93 17.28 -8.06 40.56
C PHE A 93 18.56 -8.73 40.23
N SER A 94 19.64 -8.05 40.52
CA SER A 94 20.95 -8.59 40.19
C SER A 94 21.98 -8.02 41.12
N LYS A 95 22.98 -8.86 41.45
CA LYS A 95 24.09 -8.34 42.18
C LYS A 95 25.11 -7.62 41.35
N ASP A 96 25.25 -8.01 40.10
CA ASP A 96 26.34 -7.53 39.29
C ASP A 96 25.94 -6.85 38.01
N ALA A 97 24.63 -6.79 37.79
CA ALA A 97 24.02 -6.13 36.61
C ALA A 97 24.18 -6.94 35.32
N ILE A 98 24.71 -8.15 35.44
CA ILE A 98 24.96 -9.05 34.31
C ILE A 98 24.13 -10.31 34.41
N ASN A 99 24.13 -10.95 35.58
CA ASN A 99 23.32 -12.13 35.88
C ASN A 99 22.06 -11.74 36.59
N TRP A 100 20.92 -11.89 35.91
CA TRP A 100 19.64 -11.40 36.42
C TRP A 100 18.76 -12.49 36.98
N ASN A 101 18.10 -12.21 38.10
CA ASN A 101 17.05 -13.02 38.68
C ASN A 101 15.72 -12.34 38.44
N ILE A 102 15.04 -12.82 37.41
CA ILE A 102 13.79 -12.17 36.95
C ILE A 102 12.61 -12.93 37.52
N LYS A 103 11.65 -12.23 38.10
CA LYS A 103 10.50 -12.84 38.71
C LYS A 103 9.65 -13.54 37.67
N GLU A 104 9.23 -14.76 37.92
CA GLU A 104 8.44 -15.49 36.96
C GLU A 104 7.02 -14.85 36.80
N GLU A 105 6.43 -14.31 37.86
CA GLU A 105 5.13 -13.67 37.76
C GLU A 105 5.30 -12.31 37.10
N PRO A 106 4.46 -12.01 36.11
CA PRO A 106 4.52 -10.64 35.56
C PRO A 106 4.18 -9.57 36.66
N LEU A 107 4.76 -8.43 36.46
CA LEU A 107 4.55 -7.21 37.32
C LEU A 107 3.11 -6.78 37.18
N LYS A 108 2.43 -6.62 38.32
CA LYS A 108 1.12 -6.01 38.38
C LYS A 108 1.19 -4.63 38.97
N PHE A 109 0.47 -3.71 38.41
CA PHE A 109 0.49 -2.34 38.90
C PHE A 109 -0.72 -2.04 39.77
N GLN A 110 -0.53 -1.29 40.85
CA GLN A 110 -1.65 -0.79 41.64
C GLN A 110 -2.23 0.48 41.05
N CYS A 111 -3.52 0.53 40.87
CA CYS A 111 -4.16 1.71 40.37
C CYS A 111 -5.52 1.90 41.00
N ASP A 112 -5.77 3.09 41.46
CA ASP A 112 -7.07 3.52 41.98
C ASP A 112 -8.13 3.60 40.89
N ASP A 113 -7.72 4.01 39.70
CA ASP A 113 -8.66 4.15 38.60
C ASP A 113 -8.72 2.85 37.88
N GLU A 114 -9.89 2.27 37.80
CA GLU A 114 -9.99 0.96 37.20
C GLU A 114 -9.79 0.99 35.68
N GLU A 115 -10.22 2.08 35.13
CA GLU A 115 -10.00 2.07 33.70
C GLU A 115 -8.52 2.33 33.31
N ILE A 116 -7.87 3.12 33.83
CA ILE A 116 -6.40 3.24 33.50
C ILE A 116 -5.66 2.01 34.03
N GLY A 117 -6.14 1.41 35.14
CA GLY A 117 -5.42 0.26 35.69
C GLY A 117 -5.67 -1.04 34.95
N THR A 118 -6.53 -1.06 33.92
CA THR A 118 -6.78 -2.25 33.14
C THR A 118 -5.57 -2.62 32.30
N TRP A 119 -5.15 -3.86 32.41
CA TRP A 119 -3.98 -4.30 31.64
C TRP A 119 -4.42 -4.89 30.32
N VAL A 120 -3.79 -4.40 29.26
CA VAL A 120 -3.89 -4.95 27.90
C VAL A 120 -2.61 -5.60 27.39
N TYR A 121 -1.56 -4.82 27.39
CA TYR A 121 -0.22 -5.22 27.12
C TYR A 121 0.78 -4.22 27.61
N GLY A 122 2.06 -4.62 27.60
CA GLY A 122 3.09 -3.69 27.88
C GLY A 122 4.45 -4.05 27.37
N TYR A 123 5.15 -3.06 26.85
CA TYR A 123 6.49 -3.34 26.32
C TYR A 123 7.33 -2.02 26.47
N ASP A 124 8.57 -2.04 25.99
CA ASP A 124 9.40 -0.82 25.92
C ASP A 124 9.60 -0.12 27.31
N PRO A 125 9.86 -0.88 28.41
CA PRO A 125 10.04 -0.18 29.70
C PRO A 125 11.28 0.72 29.77
N ARG A 126 11.17 1.80 30.53
CA ARG A 126 12.31 2.63 30.91
C ARG A 126 12.19 2.92 32.41
N VAL A 127 13.32 2.99 33.12
CA VAL A 127 13.25 3.26 34.56
C VAL A 127 14.32 4.25 34.95
N CYS A 128 13.96 5.25 35.79
CA CYS A 128 14.97 6.15 36.37
C CYS A 128 14.53 6.60 37.73
N PHE A 129 15.49 7.07 38.51
CA PHE A 129 15.20 7.70 39.77
C PHE A 129 15.09 9.21 39.61
N ILE A 130 13.98 9.78 40.08
CA ILE A 130 13.79 11.20 40.09
C ILE A 130 13.49 11.68 41.51
N GLU A 131 14.46 12.37 42.06
CA GLU A 131 14.35 13.04 43.36
C GLU A 131 14.25 12.13 44.57
N ASP A 132 13.16 11.37 44.65
CA ASP A 132 12.92 10.53 45.79
C ASP A 132 12.38 9.11 45.56
N ARG A 133 12.23 8.72 44.31
CA ARG A 133 11.64 7.44 44.00
C ARG A 133 11.99 7.07 42.56
N TYR A 134 11.71 5.82 42.21
CA TYR A 134 11.92 5.35 40.84
C TYR A 134 10.63 5.50 40.04
N TYR A 135 10.77 5.94 38.78
CA TYR A 135 9.71 6.02 37.84
C TYR A 135 9.92 5.01 36.73
N VAL A 136 8.83 4.33 36.36
N VAL A 136 8.84 4.41 36.29
CA VAL A 136 8.74 3.40 35.22
CA VAL A 136 8.88 3.45 35.20
C VAL A 136 7.83 4.04 34.18
C VAL A 136 7.83 3.91 34.18
N THR A 137 8.28 4.04 32.94
CA THR A 137 7.42 4.30 31.77
C THR A 137 7.45 3.04 30.92
N TRP A 138 6.42 2.84 30.14
CA TRP A 138 6.40 1.71 29.19
C TRP A 138 5.38 2.04 28.12
N CYS A 139 5.44 1.29 27.03
CA CYS A 139 4.36 1.40 26.03
C CYS A 139 3.21 0.55 26.52
N ASN A 140 2.17 1.22 26.95
CA ASN A 140 0.98 0.62 27.57
C ASN A 140 -0.17 0.66 26.64
N GLY A 141 -0.90 -0.45 26.52
CA GLY A 141 -2.07 -0.47 25.64
C GLY A 141 -3.25 0.19 26.34
N TYR A 142 -3.75 1.23 25.75
CA TYR A 142 -5.00 1.91 26.17
C TYR A 142 -5.62 2.37 24.86
N HIS A 143 -6.39 1.47 24.24
CA HIS A 143 -6.96 1.76 22.88
C HIS A 143 -5.84 2.09 21.91
N GLY A 144 -4.79 1.28 22.05
CA GLY A 144 -3.59 1.44 21.24
C GLY A 144 -2.37 1.88 22.10
N PRO A 145 -1.22 1.98 21.49
CA PRO A 145 -0.02 2.29 22.24
C PRO A 145 0.00 3.70 22.77
N THR A 146 0.24 3.82 24.06
CA THR A 146 0.58 5.11 24.65
C THR A 146 1.64 4.90 25.72
N ILE A 147 2.00 5.96 26.45
N ILE A 147 1.93 5.94 26.50
CA ILE A 147 3.02 5.85 27.48
CA ILE A 147 2.99 5.84 27.48
C ILE A 147 2.35 5.72 28.85
C ILE A 147 2.37 5.73 28.87
N GLY A 148 2.52 4.56 29.45
CA GLY A 148 2.12 4.31 30.85
C GLY A 148 3.19 4.87 31.77
N VAL A 149 2.79 5.26 32.97
CA VAL A 149 3.68 5.76 33.98
C VAL A 149 3.35 5.18 35.33
N ALA A 150 4.39 4.83 36.08
CA ALA A 150 4.22 4.33 37.49
C ALA A 150 5.41 4.73 38.31
N TYR A 151 5.31 4.64 39.64
CA TYR A 151 6.50 4.79 40.46
C TYR A 151 6.56 3.64 41.45
N THR A 152 7.75 3.47 41.94
CA THR A 152 8.05 2.58 43.03
C THR A 152 9.17 3.15 43.93
N PHE A 153 9.15 2.74 45.22
CA PHE A 153 10.27 2.88 46.08
C PHE A 153 11.11 1.65 46.26
N ASP A 154 10.55 0.49 45.98
CA ASP A 154 11.18 -0.75 46.31
C ASP A 154 11.23 -1.86 45.26
N PHE A 155 10.69 -1.62 44.08
CA PHE A 155 10.56 -2.68 43.08
C PHE A 155 9.69 -3.85 43.49
N GLU A 156 8.85 -3.63 44.50
CA GLU A 156 7.83 -4.59 44.92
C GLU A 156 6.43 -4.06 44.70
N THR A 157 6.10 -2.84 45.11
CA THR A 157 4.81 -2.23 44.84
C THR A 157 5.03 -1.09 43.85
N PHE A 158 4.28 -1.12 42.75
CA PHE A 158 4.29 -0.09 41.74
C PHE A 158 2.97 0.61 41.70
N HIS A 159 2.95 1.92 41.87
CA HIS A 159 1.73 2.71 41.82
C HIS A 159 1.61 3.34 40.42
N GLN A 160 0.58 2.93 39.70
CA GLN A 160 0.32 3.44 38.40
C GLN A 160 -0.33 4.84 38.41
N LEU A 161 0.23 5.69 37.54
CA LEU A 161 -0.23 7.02 37.33
C LEU A 161 -0.98 7.16 36.03
N GLU A 162 -1.49 8.35 35.75
CA GLU A 162 -2.14 8.51 34.46
C GLU A 162 -1.18 8.22 33.31
N ASN A 163 -1.73 7.69 32.24
CA ASN A 163 -0.99 7.59 30.99
C ASN A 163 -0.66 9.04 30.62
N ALA A 164 0.55 9.26 30.21
CA ALA A 164 1.02 10.63 29.98
C ALA A 164 0.40 11.30 28.74
N PHE A 165 0.06 10.52 27.73
CA PHE A 165 -0.32 10.99 26.43
C PHE A 165 -1.49 10.23 25.93
N ILE A 166 -2.13 10.80 24.94
N ILE A 166 -2.17 10.81 24.95
CA ILE A 166 -3.16 10.11 24.18
CA ILE A 166 -3.15 10.07 24.15
C ILE A 166 -2.44 9.21 23.16
C ILE A 166 -2.40 9.16 23.19
N PRO A 167 -2.99 8.03 22.82
CA PRO A 167 -2.32 7.23 21.76
C PRO A 167 -2.30 8.05 20.49
N PHE A 168 -1.37 7.78 19.54
CA PHE A 168 -0.45 6.67 19.52
C PHE A 168 0.95 7.19 19.81
N ASN A 169 1.61 6.62 20.81
CA ASN A 169 2.89 7.11 21.25
C ASN A 169 3.69 5.99 21.90
N ARG A 170 5.01 6.04 21.80
CA ARG A 170 5.90 5.10 22.46
C ARG A 170 7.35 5.64 22.59
N ASN A 171 8.27 4.84 23.08
CA ASN A 171 9.59 5.32 23.34
C ASN A 171 9.57 6.53 24.27
N GLY A 172 8.79 6.41 25.34
CA GLY A 172 8.74 7.40 26.42
C GLY A 172 9.90 7.24 27.33
N VAL A 173 10.64 8.29 27.56
CA VAL A 173 11.87 8.24 28.33
C VAL A 173 11.93 9.50 29.18
N LEU A 174 11.85 9.30 30.50
CA LEU A 174 11.93 10.44 31.44
C LEU A 174 13.39 10.91 31.61
N PHE A 175 13.54 12.20 31.89
CA PHE A 175 14.82 12.75 32.36
C PHE A 175 15.00 12.46 33.87
N PRO A 176 16.25 12.19 34.28
CA PRO A 176 16.50 11.75 35.61
C PRO A 176 16.53 12.88 36.71
N ARG A 177 16.07 14.08 36.36
CA ARG A 177 15.82 15.12 37.35
C ARG A 177 14.81 16.04 36.72
N LYS A 178 14.23 16.89 37.52
CA LYS A 178 13.41 17.92 36.99
C LYS A 178 14.23 18.89 36.19
N ILE A 179 13.54 19.51 35.25
CA ILE A 179 14.16 20.51 34.41
C ILE A 179 13.40 21.78 34.78
N ASN A 180 14.11 22.74 35.34
N ASN A 180 14.13 22.75 35.33
CA ASN A 180 13.49 24.00 35.71
CA ASN A 180 13.53 23.97 35.91
C ASN A 180 12.17 23.77 36.53
C ASN A 180 12.19 23.77 36.56
N GLY A 181 12.17 22.81 37.47
CA GLY A 181 11.05 22.52 38.30
C GLY A 181 9.88 21.74 37.72
N ARG A 182 10.07 21.12 36.55
CA ARG A 182 9.07 20.26 35.99
C ARG A 182 9.69 18.90 35.64
N PHE A 183 8.86 17.86 35.72
CA PHE A 183 9.21 16.56 35.18
C PHE A 183 9.29 16.76 33.65
N ALA A 184 10.19 16.02 33.03
CA ALA A 184 10.32 16.02 31.56
C ALA A 184 10.45 14.64 30.97
N MET A 185 9.87 14.48 29.79
CA MET A 185 9.85 13.18 29.10
C MET A 185 10.03 13.37 27.61
N LEU A 186 10.86 12.56 27.03
CA LEU A 186 10.90 12.41 25.59
C LEU A 186 9.86 11.39 25.19
N SER A 187 9.33 11.53 23.99
CA SER A 187 8.39 10.56 23.50
C SER A 187 8.48 10.49 21.95
N ARG A 188 7.59 9.77 21.32
CA ARG A 188 7.72 9.46 19.90
C ARG A 188 6.37 9.14 19.34
N PRO A 189 5.67 10.15 18.86
CA PRO A 189 4.41 9.89 18.21
C PRO A 189 4.48 8.79 17.17
N SER A 190 3.50 7.92 17.22
CA SER A 190 3.45 6.70 16.42
C SER A 190 2.12 6.51 15.74
N ASP A 191 1.94 5.34 15.15
CA ASP A 191 0.61 4.89 14.66
C ASP A 191 0.24 3.57 15.37
N ASN A 192 -0.75 2.86 14.87
CA ASN A 192 -1.10 1.60 15.51
C ASN A 192 -0.60 0.41 14.72
N GLY A 193 0.49 0.60 14.00
CA GLY A 193 1.13 -0.50 13.31
C GLY A 193 2.64 -0.52 13.48
N HIS A 194 3.34 -1.06 12.46
CA HIS A 194 4.84 -0.99 12.41
C HIS A 194 5.15 0.37 11.77
N THR A 195 5.18 1.32 12.65
CA THR A 195 5.12 2.75 12.24
C THR A 195 6.20 3.12 11.22
N PRO A 196 5.87 3.72 10.09
CA PRO A 196 6.86 4.02 9.08
C PRO A 196 7.44 5.42 9.15
N PHE A 197 7.38 6.02 10.32
CA PHE A 197 7.85 7.37 10.54
C PHE A 197 8.16 7.52 12.03
N GLY A 198 8.82 8.58 12.42
CA GLY A 198 8.96 8.85 13.83
C GLY A 198 9.92 9.94 14.21
N ASP A 199 9.41 11.01 14.80
CA ASP A 199 10.17 12.12 15.35
C ASP A 199 10.19 11.99 16.87
N ILE A 200 11.28 12.40 17.49
CA ILE A 200 11.35 12.51 18.93
C ILE A 200 10.83 13.87 19.39
N PHE A 201 9.95 13.83 20.38
CA PHE A 201 9.36 15.00 21.04
C PHE A 201 9.76 15.04 22.53
N TYR A 202 9.51 16.24 23.10
CA TYR A 202 9.83 16.56 24.50
C TYR A 202 8.63 17.19 25.07
N SER A 203 8.29 16.82 26.29
CA SER A 203 7.12 17.40 27.02
C SER A 203 7.45 17.53 28.50
N GLU A 204 6.67 18.34 29.20
CA GLU A 204 6.90 18.59 30.62
C GLU A 204 5.64 18.44 31.41
N SER A 205 5.79 18.24 32.72
CA SER A 205 4.64 18.15 33.61
C SER A 205 5.00 18.74 34.96
N PRO A 206 4.08 19.51 35.58
CA PRO A 206 4.38 19.97 36.92
C PRO A 206 4.15 18.93 37.99
N ASP A 207 3.38 17.90 37.67
CA ASP A 207 2.74 17.07 38.69
C ASP A 207 2.72 15.55 38.41
N MET A 208 3.27 15.10 37.28
CA MET A 208 3.17 13.70 36.85
C MET A 208 1.76 13.26 36.55
N GLU A 209 0.92 14.21 36.21
CA GLU A 209 -0.48 13.92 35.88
C GLU A 209 -0.86 14.65 34.57
N PHE A 210 -0.61 15.95 34.50
CA PHE A 210 -0.90 16.76 33.34
C PHE A 210 0.38 17.14 32.60
N TRP A 211 0.34 16.98 31.25
CA TRP A 211 1.53 17.11 30.40
C TRP A 211 1.31 18.12 29.35
N GLY A 212 2.37 18.76 28.96
CA GLY A 212 2.24 19.84 27.99
C GLY A 212 3.56 20.49 27.61
N ARG A 213 3.47 21.68 27.00
CA ARG A 213 4.67 22.40 26.48
C ARG A 213 5.48 21.45 25.57
N HIS A 214 4.77 20.78 24.66
CA HIS A 214 5.38 19.87 23.71
C HIS A 214 6.25 20.60 22.75
N ARG A 215 7.47 20.08 22.61
CA ARG A 215 8.45 20.58 21.66
C ARG A 215 9.08 19.47 20.77
N HIS A 216 9.22 19.70 19.48
CA HIS A 216 9.85 18.79 18.63
C HIS A 216 11.36 18.79 18.91
N VAL A 217 11.94 17.60 19.03
CA VAL A 217 13.37 17.46 19.27
C VAL A 217 14.14 17.23 17.96
N MET A 218 13.81 16.12 17.31
CA MET A 218 14.42 15.83 15.99
C MET A 218 13.65 14.89 15.17
N SER A 219 13.94 14.98 13.87
CA SER A 219 13.35 14.13 12.84
C SER A 219 14.39 13.16 12.32
N PRO A 220 13.92 12.09 11.65
CA PRO A 220 14.90 11.27 10.93
C PRO A 220 15.75 12.16 10.00
N ALA A 221 16.99 11.74 9.84
CA ALA A 221 17.92 12.43 8.90
C ALA A 221 17.56 12.10 7.49
N ALA A 222 18.06 12.91 6.55
CA ALA A 222 17.88 12.56 5.12
C ALA A 222 18.74 11.31 4.79
N PHE A 223 18.21 10.52 3.87
CA PHE A 223 18.83 9.28 3.43
C PHE A 223 20.28 9.53 2.97
N GLU A 224 20.48 10.63 2.26
CA GLU A 224 21.80 10.97 1.73
C GLU A 224 22.84 11.36 2.80
N VAL A 225 22.36 11.79 3.96
CA VAL A 225 23.19 12.26 5.05
C VAL A 225 23.56 11.17 6.07
N SER A 226 22.56 10.45 6.49
CA SER A 226 22.75 9.44 7.49
C SER A 226 21.62 8.41 7.43
N ALA A 227 21.75 7.34 6.64
CA ALA A 227 20.66 6.48 6.32
C ALA A 227 20.30 5.50 7.43
N TRP A 228 21.20 5.27 8.39
CA TRP A 228 20.84 4.38 9.54
C TRP A 228 19.72 5.00 10.36
N GLN A 229 19.43 6.30 10.19
CA GLN A 229 18.42 7.00 11.00
C GLN A 229 17.50 7.84 10.11
N CYS A 230 17.24 7.32 8.90
CA CYS A 230 16.41 8.02 7.97
C CYS A 230 14.96 7.68 7.89
N THR A 231 14.52 6.60 8.48
CA THR A 231 13.10 6.16 8.40
C THR A 231 12.34 6.70 9.67
N LYS A 232 12.92 6.38 10.82
CA LYS A 232 12.36 6.81 12.11
C LYS A 232 13.45 6.72 13.14
N ILE A 233 13.20 7.39 14.24
CA ILE A 233 14.11 7.44 15.35
C ILE A 233 13.31 7.35 16.66
N GLY A 234 13.94 6.94 17.73
CA GLY A 234 13.27 6.93 19.06
C GLY A 234 14.28 6.92 20.16
N ALA A 235 13.96 7.60 21.28
CA ALA A 235 14.89 7.61 22.42
C ALA A 235 15.06 6.22 23.02
N GLY A 236 16.26 6.00 23.51
CA GLY A 236 16.66 4.74 24.15
C GLY A 236 16.80 4.86 25.66
N PRO A 237 18.01 4.70 26.16
CA PRO A 237 18.25 4.84 27.60
C PRO A 237 17.91 6.24 28.13
N ILE A 238 17.78 6.30 29.48
CA ILE A 238 17.52 7.54 30.11
C ILE A 238 18.66 8.57 29.76
N PRO A 239 18.28 9.81 29.46
CA PRO A 239 19.30 10.83 29.16
C PRO A 239 20.35 10.92 30.26
N VAL A 240 21.63 11.10 29.87
CA VAL A 240 22.78 11.11 30.75
C VAL A 240 23.32 12.56 30.84
N GLU A 241 23.30 13.15 32.04
CA GLU A 241 23.73 14.53 32.14
C GLU A 241 25.27 14.65 32.01
N THR A 242 25.72 15.60 31.20
CA THR A 242 27.17 16.00 31.05
C THR A 242 27.23 17.52 31.22
N PRO A 243 28.41 18.07 31.43
CA PRO A 243 28.50 19.53 31.67
C PRO A 243 27.99 20.41 30.50
N GLU A 244 28.04 19.89 29.30
CA GLU A 244 27.57 20.63 28.12
C GLU A 244 26.16 20.28 27.63
N GLY A 245 25.50 19.30 28.28
CA GLY A 245 24.19 18.95 27.80
C GLY A 245 23.84 17.50 28.15
N TRP A 246 22.72 17.06 27.61
CA TRP A 246 22.28 15.72 27.84
C TRP A 246 22.77 14.81 26.72
N LEU A 247 23.45 13.73 27.08
CA LEU A 247 23.74 12.71 26.13
C LEU A 247 22.53 11.78 25.92
N LEU A 248 22.03 11.82 24.69
CA LEU A 248 20.92 10.97 24.29
C LEU A 248 21.42 9.85 23.40
N ILE A 249 21.20 8.61 23.82
CA ILE A 249 21.44 7.45 22.99
CA ILE A 249 21.44 7.42 23.01
C ILE A 249 20.07 7.04 22.46
N TYR A 250 19.95 6.91 21.14
CA TYR A 250 18.67 6.77 20.48
C TYR A 250 18.83 5.78 19.29
N HIS A 251 17.78 5.02 19.01
CA HIS A 251 17.75 4.16 17.83
C HIS A 251 17.31 4.90 16.59
N GLY A 252 17.77 4.36 15.45
CA GLY A 252 17.39 4.82 14.17
C GLY A 252 17.14 3.64 13.25
N VAL A 253 16.22 3.82 12.32
CA VAL A 253 15.89 2.80 11.41
C VAL A 253 16.24 3.18 9.98
N LEU A 254 16.75 2.20 9.27
CA LEU A 254 17.00 2.20 7.80
C LEU A 254 15.99 1.20 7.20
N HIS A 255 15.30 1.62 6.15
CA HIS A 255 14.30 0.74 5.48
C HIS A 255 14.95 0.12 4.24
N SER A 256 15.33 -1.15 4.34
CA SER A 256 15.92 -1.82 3.20
C SER A 256 14.85 -2.55 2.44
N CYS A 257 15.20 -3.18 1.32
CA CYS A 257 14.19 -3.88 0.62
C CYS A 257 13.63 -5.05 1.44
N ASN A 258 14.39 -5.57 2.41
CA ASN A 258 14.06 -6.75 3.17
C ASN A 258 13.74 -6.46 4.63
N GLY A 259 13.58 -5.22 4.97
CA GLY A 259 13.05 -4.92 6.31
C GLY A 259 13.71 -3.70 6.92
N TYR A 260 13.34 -3.48 8.12
CA TYR A 260 13.95 -2.40 8.88
C TYR A 260 15.26 -2.93 9.49
N VAL A 261 16.25 -2.08 9.55
CA VAL A 261 17.46 -2.39 10.28
C VAL A 261 17.53 -1.33 11.40
N TYR A 262 17.66 -1.76 12.66
CA TYR A 262 17.74 -0.86 13.79
C TYR A 262 19.17 -0.74 14.27
N SER A 263 19.71 0.47 14.22
CA SER A 263 21.02 0.80 14.70
C SER A 263 20.87 1.83 15.79
N PHE A 264 21.90 2.15 16.55
CA PHE A 264 21.81 3.26 17.46
C PHE A 264 23.01 4.17 17.47
N GLY A 265 22.77 5.38 17.91
CA GLY A 265 23.70 6.47 17.90
C GLY A 265 23.46 7.47 19.05
N SER A 266 24.13 8.61 18.96
CA SER A 266 24.22 9.58 20.05
C SER A 266 23.96 11.03 19.55
N ALA A 267 23.34 11.80 20.45
CA ALA A 267 23.15 13.20 20.31
C ALA A 267 23.40 13.90 21.62
N LEU A 268 23.63 15.22 21.52
CA LEU A 268 23.81 16.08 22.67
C LEU A 268 22.73 17.14 22.65
N LEU A 269 21.94 17.17 23.71
CA LEU A 269 20.83 18.13 23.85
C LEU A 269 21.21 19.29 24.80
N ASP A 270 20.64 20.45 24.54
CA ASP A 270 20.77 21.62 25.45
C ASP A 270 20.31 21.25 26.86
N LEU A 271 21.07 21.67 27.87
N LEU A 271 21.07 21.67 27.87
CA LEU A 271 20.76 21.30 29.27
CA LEU A 271 20.74 21.26 29.25
C LEU A 271 19.40 21.78 29.76
C LEU A 271 19.41 21.78 29.77
N ASP A 272 19.07 23.03 29.43
CA ASP A 272 17.90 23.74 29.94
C ASP A 272 16.69 23.63 29.09
N GLU A 273 16.85 23.42 27.77
CA GLU A 273 15.78 23.32 26.84
C GLU A 273 16.13 22.12 25.95
N PRO A 274 15.89 20.91 26.47
CA PRO A 274 16.42 19.69 25.78
C PRO A 274 15.88 19.34 24.45
N TRP A 275 14.86 20.05 23.96
CA TRP A 275 14.49 19.92 22.57
C TRP A 275 15.44 20.57 21.60
N LYS A 276 16.38 21.39 22.09
CA LYS A 276 17.35 22.07 21.22
C LYS A 276 18.54 21.12 21.11
N VAL A 277 18.74 20.57 19.94
CA VAL A 277 19.81 19.61 19.69
C VAL A 277 21.08 20.37 19.33
N LYS A 278 22.15 20.06 20.03
CA LYS A 278 23.44 20.71 19.77
C LYS A 278 24.31 19.93 18.76
N PHE A 279 24.41 18.62 18.96
CA PHE A 279 25.20 17.75 18.07
C PHE A 279 24.41 16.45 17.89
N ARG A 280 24.56 15.83 16.73
CA ARG A 280 23.84 14.56 16.41
C ARG A 280 24.78 13.71 15.52
N SER A 281 25.14 12.51 15.94
CA SER A 281 26.11 11.72 15.21
C SER A 281 25.64 11.35 13.79
N GLY A 282 26.52 11.50 12.83
CA GLY A 282 26.28 10.98 11.47
C GLY A 282 26.41 9.45 11.44
N PRO A 283 27.52 8.92 11.95
CA PRO A 283 27.72 7.50 12.05
C PRO A 283 26.91 6.91 13.21
N TYR A 284 26.64 5.63 13.11
CA TYR A 284 26.05 4.92 14.25
C TYR A 284 27.14 4.69 15.30
N LEU A 285 26.72 4.45 16.53
CA LEU A 285 27.58 3.80 17.52
C LEU A 285 27.66 2.28 17.42
N LEU A 286 26.54 1.67 17.07
CA LEU A 286 26.44 0.21 17.00
C LEU A 286 25.36 -0.14 16.01
N ALA A 287 25.61 -1.19 15.24
CA ALA A 287 24.67 -1.69 14.27
C ALA A 287 24.69 -3.22 14.23
N PRO A 288 23.63 -3.87 13.71
CA PRO A 288 23.56 -5.33 13.78
C PRO A 288 24.67 -5.96 12.97
N ARG A 289 25.48 -6.77 13.81
CA ARG A 289 26.62 -7.40 13.15
C ARG A 289 26.73 -8.88 13.49
N GLU A 290 26.57 -9.13 14.77
CA GLU A 290 26.77 -10.49 15.31
C GLU A 290 25.58 -11.38 15.05
N PRO A 291 25.76 -12.70 15.04
CA PRO A 291 24.59 -13.55 14.77
C PRO A 291 23.46 -13.37 15.74
N TYR A 292 23.76 -13.00 16.99
CA TYR A 292 22.65 -12.76 17.93
C TYR A 292 21.88 -11.43 17.73
N GLU A 293 22.42 -10.58 16.90
CA GLU A 293 21.78 -9.33 16.47
C GLU A 293 21.10 -9.49 15.12
N CYS A 294 21.59 -10.43 14.33
CA CYS A 294 21.12 -10.58 12.99
C CYS A 294 20.07 -11.67 12.79
N MET A 295 19.96 -12.64 13.68
CA MET A 295 19.07 -13.77 13.56
C MET A 295 18.23 -13.84 14.83
N GLY A 296 16.94 -14.07 14.70
CA GLY A 296 16.06 -14.22 15.86
C GLY A 296 14.67 -13.76 15.46
N ASP A 297 13.85 -13.37 16.42
CA ASP A 297 12.47 -13.14 16.15
C ASP A 297 12.27 -11.95 15.22
N VAL A 298 13.18 -10.95 15.31
CA VAL A 298 13.13 -9.81 14.39
C VAL A 298 14.61 -9.57 14.00
N PRO A 299 14.99 -10.03 12.82
CA PRO A 299 16.36 -9.90 12.42
C PRO A 299 16.84 -8.46 12.31
N ASN A 300 18.14 -8.27 12.50
CA ASN A 300 18.83 -7.00 12.30
C ASN A 300 18.31 -5.86 13.20
N VAL A 301 18.41 -6.11 14.52
CA VAL A 301 17.94 -5.12 15.50
C VAL A 301 18.96 -5.01 16.61
N CYS A 302 19.42 -3.78 16.84
CA CYS A 302 20.13 -3.39 18.07
C CYS A 302 19.31 -2.23 18.68
N PHE A 303 18.65 -2.46 19.81
CA PHE A 303 17.67 -1.49 20.35
C PHE A 303 18.09 -1.16 21.78
N PRO A 304 18.68 0.01 21.99
CA PRO A 304 19.16 0.33 23.34
C PRO A 304 18.06 0.78 24.27
N CYS A 305 18.09 0.28 25.53
CA CYS A 305 16.99 0.49 26.45
CA CYS A 305 17.00 0.43 26.42
C CYS A 305 17.39 1.04 27.81
N ALA A 306 18.67 0.90 28.16
CA ALA A 306 19.14 1.35 29.46
C ALA A 306 20.61 1.56 29.43
N ALA A 307 21.09 2.36 30.35
CA ALA A 307 22.49 2.46 30.59
C ALA A 307 22.78 2.67 32.07
N LEU A 308 23.97 2.17 32.48
CA LEU A 308 24.54 2.42 33.77
C LEU A 308 25.79 3.28 33.51
N HIS A 309 26.04 4.31 34.31
CA HIS A 309 27.29 5.07 34.12
C HIS A 309 27.93 5.59 35.40
N ASP A 310 29.21 5.89 35.30
CA ASP A 310 29.95 6.44 36.43
C ASP A 310 30.69 7.67 35.99
N ASN A 311 30.29 8.83 36.51
CA ASN A 311 30.89 10.07 36.03
C ASN A 311 32.33 10.24 36.47
N GLU A 312 32.77 9.52 37.47
CA GLU A 312 34.15 9.76 37.89
C GLU A 312 35.14 8.98 37.05
N THR A 313 34.74 7.86 36.44
CA THR A 313 35.58 7.19 35.50
C THR A 313 35.18 7.45 34.07
N GLY A 314 34.02 8.05 33.84
CA GLY A 314 33.49 8.18 32.49
C GLY A 314 32.90 6.91 31.90
N ARG A 315 32.98 5.79 32.60
CA ARG A 315 32.50 4.52 32.06
C ARG A 315 30.97 4.51 31.84
N ILE A 316 30.53 3.95 30.74
CA ILE A 316 29.13 3.68 30.51
C ILE A 316 28.94 2.27 29.96
N ALA A 317 27.89 1.59 30.41
CA ALA A 317 27.47 0.28 29.97
C ALA A 317 26.07 0.43 29.45
N ILE A 318 25.87 0.09 28.16
CA ILE A 318 24.57 0.22 27.47
C ILE A 318 23.97 -1.12 27.25
N TYR A 319 22.73 -1.30 27.75
CA TYR A 319 21.97 -2.47 27.53
C TYR A 319 21.17 -2.34 26.25
N TYR A 320 21.15 -3.36 25.40
CA TYR A 320 20.38 -3.26 24.15
C TYR A 320 19.77 -4.60 23.75
N GLY A 321 18.56 -4.57 23.21
CA GLY A 321 17.94 -5.78 22.73
C GLY A 321 18.54 -6.17 21.42
N CYS A 322 18.64 -7.46 21.19
CA CYS A 322 19.30 -8.05 20.03
C CYS A 322 18.32 -8.94 19.33
N ALA A 323 17.95 -8.56 18.11
CA ALA A 323 17.05 -9.28 17.26
C ALA A 323 15.67 -9.52 17.91
N ASP A 324 15.27 -8.61 18.81
CA ASP A 324 14.07 -8.81 19.65
C ASP A 324 14.04 -10.24 20.25
N THR A 325 15.18 -10.72 20.71
CA THR A 325 15.29 -12.07 21.20
C THR A 325 16.01 -12.13 22.57
N VAL A 326 17.18 -11.50 22.63
CA VAL A 326 18.08 -11.53 23.81
C VAL A 326 18.55 -10.12 24.13
N THR A 327 19.27 -10.01 25.23
CA THR A 327 19.78 -8.77 25.67
C THR A 327 21.32 -8.81 25.69
N GLY A 328 21.89 -7.74 25.19
CA GLY A 328 23.31 -7.57 25.11
C GLY A 328 23.81 -6.32 25.82
N LEU A 329 25.12 -6.27 26.05
CA LEU A 329 25.78 -5.12 26.64
C LEU A 329 26.88 -4.56 25.72
N ALA A 330 27.04 -3.25 25.74
CA ALA A 330 28.16 -2.62 25.07
C ALA A 330 28.74 -1.58 26.00
N PHE A 331 30.01 -1.31 25.84
CA PHE A 331 30.70 -0.47 26.76
C PHE A 331 31.38 0.67 26.03
N GLY A 332 31.56 1.78 26.73
CA GLY A 332 32.42 2.86 26.29
C GLY A 332 32.65 3.92 27.33
N TYR A 333 33.31 5.01 26.90
CA TYR A 333 33.56 6.19 27.77
C TYR A 333 32.76 7.39 27.33
N ILE A 334 32.07 8.02 28.28
CA ILE A 334 31.24 9.22 27.99
C ILE A 334 32.05 10.32 27.24
N PRO A 335 33.25 10.64 27.71
CA PRO A 335 33.94 11.73 27.00
C PRO A 335 34.27 11.36 25.58
N GLU A 336 34.61 10.10 25.33
CA GLU A 336 34.86 9.65 23.95
C GLU A 336 33.60 9.65 23.08
N ILE A 337 32.48 9.23 23.66
CA ILE A 337 31.20 9.29 22.92
C ILE A 337 30.86 10.74 22.59
N ILE A 338 31.10 11.63 23.56
CA ILE A 338 30.76 13.05 23.34
C ILE A 338 31.66 13.65 22.21
N GLU A 339 32.91 13.28 22.23
CA GLU A 339 33.89 13.81 21.25
C GLU A 339 33.50 13.32 19.90
N PHE A 340 33.03 12.06 19.83
CA PHE A 340 32.62 11.42 18.53
C PHE A 340 31.37 12.10 18.03
N THR A 341 30.42 12.36 18.93
CA THR A 341 29.15 12.93 18.52
C THR A 341 29.39 14.33 17.97
N LYS A 342 30.32 15.09 18.57
CA LYS A 342 30.59 16.43 18.04
C LYS A 342 31.36 16.41 16.76
N ARG A 343 32.40 15.58 16.68
CA ARG A 343 33.31 15.54 15.51
C ARG A 343 32.59 15.08 14.27
N THR A 344 31.63 14.14 14.46
CA THR A 344 30.90 13.58 13.33
C THR A 344 29.52 14.18 13.16
N SER A 345 29.26 15.28 13.84
CA SER A 345 27.91 15.82 13.86
C SER A 345 27.35 16.18 12.50
N ILE A 346 26.03 15.91 12.32
CA ILE A 346 25.35 16.30 11.12
C ILE A 346 24.60 17.58 11.29
N ILE A 347 24.64 18.14 12.50
CA ILE A 347 24.18 19.50 12.70
C ILE A 347 25.35 20.34 13.21
N VAL B 27 47.55 -11.05 -18.92
CA VAL B 27 46.64 -10.93 -17.76
C VAL B 27 46.46 -12.33 -17.19
N ILE B 28 46.75 -12.50 -15.93
CA ILE B 28 46.44 -13.77 -15.26
C ILE B 28 45.29 -13.54 -14.28
N ILE B 29 44.16 -14.12 -14.60
CA ILE B 29 42.99 -13.95 -13.79
C ILE B 29 42.94 -14.99 -12.66
N PRO B 30 42.21 -14.65 -11.59
CA PRO B 30 42.10 -15.63 -10.49
C PRO B 30 41.39 -16.89 -10.93
N TRP B 31 41.72 -18.05 -10.35
CA TRP B 31 41.10 -19.29 -10.77
C TRP B 31 41.19 -20.31 -9.65
N GLU B 32 40.10 -21.05 -9.45
CA GLU B 32 40.14 -22.28 -8.66
C GLU B 32 39.41 -23.34 -9.42
N GLU B 33 40.00 -24.53 -9.50
CA GLU B 33 39.41 -25.58 -10.31
C GLU B 33 38.13 -26.06 -9.60
N ARG B 34 37.25 -26.55 -10.32
CA ARG B 34 36.03 -27.04 -9.76
C ARG B 34 36.33 -28.23 -8.90
N PRO B 35 35.66 -28.32 -7.81
CA PRO B 35 35.86 -29.48 -6.97
C PRO B 35 35.54 -30.80 -7.61
N ALA B 36 36.19 -31.82 -7.06
CA ALA B 36 35.86 -33.18 -7.35
C ALA B 36 34.38 -33.34 -7.11
N GLY B 37 33.70 -33.92 -8.09
CA GLY B 37 32.30 -34.24 -7.93
C GLY B 37 31.32 -33.09 -8.04
N CYS B 38 31.81 -31.86 -8.23
CA CYS B 38 30.86 -30.73 -8.39
C CYS B 38 30.37 -30.67 -9.83
N LYS B 39 29.06 -30.69 -10.02
CA LYS B 39 28.47 -30.64 -11.31
C LYS B 39 27.89 -29.29 -11.61
N ASP B 40 28.15 -28.31 -10.77
CA ASP B 40 27.58 -27.00 -11.03
C ASP B 40 28.37 -26.24 -12.06
N VAL B 41 27.67 -25.39 -12.78
CA VAL B 41 28.27 -24.54 -13.79
C VAL B 41 29.17 -23.46 -13.17
N LEU B 42 28.79 -22.90 -12.02
CA LEU B 42 29.64 -21.98 -11.30
C LEU B 42 29.91 -22.53 -9.94
N TRP B 43 31.09 -22.25 -9.42
CA TRP B 43 31.43 -22.62 -8.10
C TRP B 43 32.11 -21.51 -7.32
N ARG B 44 31.77 -21.39 -6.03
CA ARG B 44 32.30 -20.31 -5.20
C ARG B 44 33.76 -20.52 -4.83
N SER B 45 34.50 -19.41 -4.74
CA SER B 45 35.85 -19.44 -4.17
C SER B 45 35.79 -19.98 -2.72
N VAL B 46 36.74 -20.89 -2.42
CA VAL B 46 36.84 -21.40 -1.06
C VAL B 46 37.35 -20.26 -0.15
N ALA B 47 37.87 -19.18 -0.70
CA ALA B 47 38.30 -18.01 0.12
C ALA B 47 37.21 -16.92 0.38
N ASN B 48 35.98 -17.18 -0.04
CA ASN B 48 34.92 -16.22 0.18
C ASN B 48 34.67 -15.94 1.65
N PRO B 49 34.36 -14.71 2.02
CA PRO B 49 34.32 -13.49 1.18
C PRO B 49 35.74 -13.05 0.93
N ILE B 50 36.02 -12.56 -0.27
CA ILE B 50 37.35 -12.08 -0.61
C ILE B 50 37.63 -10.67 -0.16
N ILE B 51 36.58 -9.87 0.04
CA ILE B 51 36.75 -8.53 0.61
C ILE B 51 35.80 -8.43 1.82
N PRO B 52 36.35 -8.08 2.98
CA PRO B 52 35.58 -7.98 4.23
C PRO B 52 34.92 -6.63 4.38
N ARG B 53 33.94 -6.57 5.24
CA ARG B 53 33.12 -5.36 5.38
C ARG B 53 33.90 -4.22 6.03
N ASP B 54 34.89 -4.58 6.82
CA ASP B 54 35.61 -3.58 7.59
C ASP B 54 37.05 -3.32 7.10
N LEU B 55 37.27 -3.46 5.79
CA LEU B 55 38.57 -3.14 5.24
C LEU B 55 39.02 -1.71 5.49
N LEU B 56 38.14 -0.73 5.49
CA LEU B 56 38.50 0.66 5.67
C LEU B 56 38.13 1.08 7.08
N PRO B 57 38.75 2.14 7.59
CA PRO B 57 38.45 2.50 8.98
C PRO B 57 37.00 2.86 9.21
N THR B 58 36.32 3.40 8.20
CA THR B 58 34.90 3.81 8.36
C THR B 58 33.94 2.96 7.52
N SER B 59 34.39 1.84 6.97
CA SER B 59 33.46 1.05 6.11
C SER B 59 32.53 0.20 6.92
N ASN B 60 31.27 0.23 6.52
CA ASN B 60 30.21 -0.61 7.03
C ASN B 60 30.07 -1.89 6.19
N SER B 61 30.32 -1.73 4.88
CA SER B 61 30.11 -2.81 3.94
C SER B 61 30.79 -2.50 2.63
N ILE B 62 31.25 -3.57 1.95
CA ILE B 62 31.94 -3.39 0.67
C ILE B 62 31.46 -4.56 -0.23
N PHE B 63 30.63 -4.24 -1.22
CA PHE B 63 29.84 -5.26 -1.87
C PHE B 63 29.53 -4.99 -3.32
N ASN B 64 30.02 -3.92 -3.87
CA ASN B 64 30.21 -3.93 -5.38
C ASN B 64 31.68 -3.66 -5.70
N SER B 65 32.16 -4.48 -6.60
CA SER B 65 33.56 -4.44 -6.94
C SER B 65 33.63 -4.43 -8.47
N ALA B 66 33.69 -3.23 -9.05
CA ALA B 66 33.86 -3.12 -10.48
C ALA B 66 35.31 -3.22 -10.91
N VAL B 67 35.74 -4.40 -11.33
CA VAL B 67 37.17 -4.81 -11.45
C VAL B 67 37.52 -4.95 -12.90
N VAL B 68 38.75 -4.54 -13.24
CA VAL B 68 39.31 -4.64 -14.55
C VAL B 68 40.84 -4.90 -14.48
N PRO B 69 41.41 -5.49 -15.56
CA PRO B 69 42.90 -5.49 -15.63
C PRO B 69 43.38 -4.07 -15.80
N PHE B 70 44.50 -3.75 -15.18
CA PHE B 70 45.08 -2.42 -15.28
C PHE B 70 46.59 -2.55 -15.07
N GLY B 71 47.33 -2.15 -16.09
CA GLY B 71 48.80 -2.19 -16.02
C GLY B 71 49.22 -3.63 -15.83
N ASP B 72 50.07 -3.88 -14.84
CA ASP B 72 50.52 -5.23 -14.54
C ASP B 72 49.66 -5.98 -13.52
N GLY B 73 48.53 -5.40 -13.15
CA GLY B 73 47.66 -6.05 -12.17
C GLY B 73 46.22 -5.63 -12.47
N PHE B 74 45.53 -5.18 -11.45
CA PHE B 74 44.09 -4.93 -11.52
C PHE B 74 43.69 -3.66 -10.76
N ALA B 75 42.61 -3.04 -11.21
CA ALA B 75 42.08 -1.87 -10.56
C ALA B 75 40.57 -2.04 -10.48
N GLY B 76 39.98 -1.25 -9.60
CA GLY B 76 38.51 -1.29 -9.54
C GLY B 76 37.93 -0.09 -8.87
N VAL B 77 36.64 0.09 -9.07
CA VAL B 77 35.84 1.07 -8.33
C VAL B 77 34.83 0.25 -7.48
N PHE B 78 34.88 0.51 -6.20
CA PHE B 78 34.15 -0.26 -5.17
C PHE B 78 33.09 0.61 -4.50
N ARG B 79 31.95 0.05 -4.30
CA ARG B 79 30.97 0.62 -3.42
C ARG B 79 31.28 0.26 -1.98
N CYS B 80 31.59 1.27 -1.20
CA CYS B 80 31.92 1.12 0.21
C CYS B 80 30.98 1.99 0.95
N ASP B 81 30.00 1.37 1.63
CA ASP B 81 29.04 2.19 2.37
C ASP B 81 29.71 2.39 3.73
N ASP B 82 29.62 3.59 4.24
CA ASP B 82 30.30 3.94 5.51
C ASP B 82 29.37 3.76 6.71
N THR B 83 29.91 4.09 7.89
CA THR B 83 29.20 3.89 9.15
C THR B 83 28.06 4.91 9.37
N SER B 84 27.92 5.89 8.48
CA SER B 84 26.73 6.76 8.43
C SER B 84 25.73 6.17 7.43
N ARG B 85 26.08 5.04 6.84
CA ARG B 85 25.27 4.38 5.80
C ARG B 85 25.12 5.24 4.52
N ARG B 86 26.12 6.08 4.31
CA ARG B 86 26.30 6.77 3.05
C ARG B 86 26.93 5.87 1.98
N MET B 87 26.48 6.03 0.75
CA MET B 87 26.98 5.24 -0.40
C MET B 87 28.04 6.06 -1.11
N ARG B 88 29.25 5.55 -1.06
CA ARG B 88 30.41 6.18 -1.77
C ARG B 88 31.18 5.15 -2.57
N LEU B 89 31.91 5.69 -3.55
CA LEU B 89 32.79 4.93 -4.43
C LEU B 89 34.24 5.16 -4.06
N HIS B 90 35.02 4.09 -4.04
CA HIS B 90 36.45 4.16 -3.71
C HIS B 90 37.24 3.37 -4.79
N VAL B 91 38.43 3.86 -5.12
CA VAL B 91 39.33 3.15 -6.00
C VAL B 91 40.09 2.11 -5.22
N GLY B 92 40.25 0.95 -5.83
CA GLY B 92 41.20 -0.03 -5.34
C GLY B 92 42.12 -0.59 -6.40
N PHE B 93 43.23 -1.13 -5.92
CA PHE B 93 44.24 -1.80 -6.74
C PHE B 93 44.60 -3.17 -6.14
N SER B 94 45.02 -4.08 -6.98
CA SER B 94 45.39 -5.45 -6.57
C SER B 94 46.35 -6.06 -7.58
N LYS B 95 47.32 -6.81 -7.09
CA LYS B 95 48.16 -7.54 -7.99
C LYS B 95 47.56 -8.78 -8.56
N ASP B 96 46.69 -9.44 -7.79
CA ASP B 96 46.08 -10.71 -8.22
C ASP B 96 44.55 -10.72 -8.39
N ALA B 97 43.91 -9.59 -8.11
CA ALA B 97 42.45 -9.44 -8.17
C ALA B 97 41.70 -10.16 -7.02
N ILE B 98 42.42 -10.64 -6.01
CA ILE B 98 41.84 -11.31 -4.86
C ILE B 98 42.10 -10.51 -3.59
N ASN B 99 43.34 -10.05 -3.43
CA ASN B 99 43.71 -9.23 -2.25
C ASN B 99 43.75 -7.76 -2.67
N TRP B 100 42.82 -6.97 -2.13
CA TRP B 100 42.58 -5.61 -2.57
C TRP B 100 43.11 -4.54 -1.60
N ASN B 101 43.74 -3.51 -2.14
N ASN B 101 43.75 -3.51 -2.16
CA ASN B 101 44.09 -2.35 -1.38
CA ASN B 101 44.12 -2.32 -1.44
C ASN B 101 43.19 -1.21 -1.85
C ASN B 101 43.17 -1.21 -1.87
N ILE B 102 42.24 -0.84 -1.01
CA ILE B 102 41.22 0.12 -1.42
C ILE B 102 41.54 1.44 -0.73
N LYS B 103 41.48 2.52 -1.48
CA LYS B 103 41.74 3.81 -0.93
C LYS B 103 40.76 4.22 0.20
N GLU B 104 41.29 4.82 1.26
CA GLU B 104 40.42 5.23 2.37
C GLU B 104 39.50 6.35 2.03
N GLU B 105 39.92 7.31 1.21
CA GLU B 105 39.08 8.47 0.93
C GLU B 105 38.24 8.13 -0.31
N PRO B 106 36.96 8.49 -0.30
CA PRO B 106 36.09 8.33 -1.48
C PRO B 106 36.65 9.02 -2.71
N LEU B 107 36.41 8.42 -3.87
CA LEU B 107 36.75 8.98 -5.15
C LEU B 107 35.93 10.25 -5.38
N LYS B 108 36.58 11.28 -5.87
CA LYS B 108 35.88 12.53 -6.30
C LYS B 108 35.98 12.66 -7.79
N PHE B 109 34.87 13.03 -8.41
CA PHE B 109 34.87 13.23 -9.86
C PHE B 109 35.15 14.70 -10.19
N GLN B 110 35.91 14.95 -11.27
CA GLN B 110 36.07 16.32 -11.79
C GLN B 110 34.97 16.54 -12.85
N CYS B 111 34.34 17.70 -12.89
CA CYS B 111 33.30 17.89 -13.89
C CYS B 111 33.33 19.32 -14.44
N ASP B 112 33.13 19.48 -15.73
CA ASP B 112 33.12 20.79 -16.36
C ASP B 112 31.92 21.59 -15.83
N ASP B 113 30.85 20.89 -15.47
CA ASP B 113 29.56 21.49 -15.20
C ASP B 113 29.25 21.34 -13.75
N GLU B 114 29.02 22.44 -13.09
CA GLU B 114 28.78 22.46 -11.67
C GLU B 114 27.53 21.73 -11.21
N GLU B 115 26.48 21.83 -11.99
CA GLU B 115 25.25 21.17 -11.66
C GLU B 115 25.33 19.64 -11.71
N ILE B 116 25.90 19.12 -12.78
CA ILE B 116 26.10 17.68 -12.96
C ILE B 116 27.12 17.14 -12.00
N GLY B 117 28.11 17.98 -11.74
CA GLY B 117 29.21 17.68 -10.88
C GLY B 117 28.90 17.59 -9.39
N THR B 118 27.71 17.94 -9.01
CA THR B 118 27.34 17.94 -7.64
C THR B 118 27.12 16.51 -7.14
N TRP B 119 27.75 16.18 -6.06
CA TRP B 119 27.68 14.84 -5.51
C TRP B 119 26.53 14.73 -4.51
N VAL B 120 25.64 13.78 -4.73
CA VAL B 120 24.60 13.42 -3.77
C VAL B 120 24.85 12.05 -3.16
N TYR B 121 24.95 11.04 -4.02
CA TYR B 121 25.30 9.65 -3.59
C TYR B 121 25.72 8.89 -4.85
N GLY B 122 26.34 7.74 -4.63
CA GLY B 122 26.67 6.85 -5.73
C GLY B 122 26.78 5.43 -5.33
N TYR B 123 26.25 4.54 -6.14
CA TYR B 123 26.36 3.11 -5.90
C TYR B 123 26.38 2.37 -7.19
N ASP B 124 26.43 1.07 -7.14
CA ASP B 124 26.23 0.24 -8.35
C ASP B 124 27.31 0.58 -9.46
N PRO B 125 28.61 0.71 -9.12
CA PRO B 125 29.57 1.01 -10.20
C PRO B 125 29.77 -0.20 -11.15
N ARG B 126 30.08 0.15 -12.39
CA ARG B 126 30.60 -0.77 -13.40
C ARG B 126 31.77 -0.10 -14.11
N VAL B 127 32.77 -0.88 -14.54
CA VAL B 127 33.94 -0.34 -15.23
C VAL B 127 34.29 -1.21 -16.41
N CYS B 128 34.62 -0.56 -17.51
CA CYS B 128 35.26 -1.21 -18.64
C CYS B 128 36.10 -0.27 -19.46
N PHE B 129 36.99 -0.85 -20.25
CA PHE B 129 37.81 -0.11 -21.18
C PHE B 129 37.11 -0.13 -22.51
N ILE B 130 36.99 1.04 -23.14
CA ILE B 130 36.45 1.15 -24.46
C ILE B 130 37.42 1.99 -25.29
N GLU B 131 38.05 1.33 -26.23
CA GLU B 131 38.96 1.96 -27.19
C GLU B 131 40.25 2.58 -26.71
N ASP B 132 40.14 3.60 -25.88
CA ASP B 132 41.31 4.31 -25.41
C ASP B 132 41.30 4.78 -23.97
N ARG B 133 40.30 4.37 -23.20
CA ARG B 133 40.22 4.77 -21.82
C ARG B 133 39.27 3.83 -21.06
N TYR B 134 39.32 3.93 -19.74
CA TYR B 134 38.33 3.24 -18.88
C TYR B 134 37.12 4.12 -18.65
N TYR B 135 35.93 3.53 -18.77
CA TYR B 135 34.71 4.27 -18.41
C TYR B 135 34.15 3.65 -17.14
N VAL B 136 33.55 4.52 -16.35
N VAL B 136 33.62 4.48 -16.28
CA VAL B 136 32.90 4.16 -15.07
CA VAL B 136 32.85 3.98 -15.11
C VAL B 136 31.46 4.62 -15.19
C VAL B 136 31.46 4.59 -15.19
N THR B 137 30.50 3.73 -14.96
CA THR B 137 29.10 4.13 -14.75
C THR B 137 28.73 3.78 -13.33
N TRP B 138 27.74 4.49 -12.83
CA TRP B 138 27.26 4.23 -11.49
C TRP B 138 25.85 4.75 -11.35
N CYS B 139 25.15 4.34 -10.29
CA CYS B 139 23.84 4.92 -9.96
C CYS B 139 24.11 6.19 -9.20
N ASN B 140 23.90 7.30 -9.90
CA ASN B 140 24.27 8.60 -9.49
C ASN B 140 23.04 9.37 -9.06
N GLY B 141 23.06 10.02 -7.91
CA GLY B 141 21.89 10.78 -7.51
C GLY B 141 21.80 12.14 -8.21
N TYR B 142 20.73 12.35 -8.99
CA TYR B 142 20.50 13.63 -9.62
C TYR B 142 19.00 13.79 -9.66
N HIS B 143 18.43 14.31 -8.56
CA HIS B 143 16.97 14.30 -8.41
C HIS B 143 16.37 12.92 -8.52
N GLY B 144 17.06 11.98 -7.85
CA GLY B 144 16.77 10.58 -7.97
C GLY B 144 17.86 9.79 -8.64
N PRO B 145 17.73 8.48 -8.62
CA PRO B 145 18.74 7.60 -9.24
C PRO B 145 18.75 7.72 -10.75
N THR B 146 19.93 7.99 -11.28
CA THR B 146 20.18 7.86 -12.69
C THR B 146 21.53 7.26 -12.93
N ILE B 147 22.00 7.21 -14.20
CA ILE B 147 23.28 6.57 -14.52
C ILE B 147 24.27 7.68 -14.79
N GLY B 148 25.22 7.78 -13.85
CA GLY B 148 26.39 8.62 -14.00
C GLY B 148 27.40 7.94 -14.89
N VAL B 149 28.17 8.77 -15.58
CA VAL B 149 29.21 8.33 -16.52
C VAL B 149 30.50 9.16 -16.28
N ALA B 150 31.63 8.48 -16.28
CA ALA B 150 32.94 9.18 -16.21
C ALA B 150 33.97 8.36 -16.88
N TYR B 151 35.13 8.95 -17.11
CA TYR B 151 36.25 8.22 -17.66
C TYR B 151 37.54 8.52 -16.92
N THR B 152 38.45 7.58 -17.04
CA THR B 152 39.77 7.71 -16.42
C THR B 152 40.81 7.01 -17.28
N PHE B 153 42.03 7.56 -17.32
CA PHE B 153 43.21 6.82 -17.88
C PHE B 153 44.08 6.13 -16.85
N ASP B 154 43.91 6.51 -15.58
CA ASP B 154 44.81 6.09 -14.55
C ASP B 154 44.25 5.71 -13.20
N PHE B 155 42.93 5.75 -13.07
CA PHE B 155 42.28 5.32 -11.79
C PHE B 155 42.72 6.25 -10.65
N GLU B 156 43.12 7.45 -11.03
CA GLU B 156 43.41 8.56 -10.06
C GLU B 156 42.53 9.75 -10.31
N THR B 157 42.55 10.27 -11.52
CA THR B 157 41.65 11.33 -11.93
C THR B 157 40.51 10.82 -12.80
N PHE B 158 39.32 11.14 -12.38
CA PHE B 158 38.13 10.80 -13.11
C PHE B 158 37.42 12.00 -13.60
N HIS B 159 37.06 11.99 -14.86
CA HIS B 159 36.32 13.05 -15.48
C HIS B 159 34.91 12.67 -15.75
N GLN B 160 34.01 13.40 -15.11
CA GLN B 160 32.59 13.10 -15.16
C GLN B 160 31.94 13.71 -16.41
N LEU B 161 31.15 12.90 -17.09
CA LEU B 161 30.43 13.28 -18.24
C LEU B 161 28.94 13.46 -17.90
N GLU B 162 28.13 13.80 -18.90
CA GLU B 162 26.69 13.92 -18.64
C GLU B 162 26.09 12.61 -18.11
N ASN B 163 25.12 12.73 -17.20
CA ASN B 163 24.38 11.58 -16.81
C ASN B 163 23.69 11.08 -18.09
N ALA B 164 23.70 9.79 -18.29
CA ALA B 164 23.23 9.23 -19.59
C ALA B 164 21.74 9.34 -19.83
N PHE B 165 20.97 9.26 -18.75
CA PHE B 165 19.52 9.22 -18.80
C PHE B 165 18.92 10.16 -17.77
N ILE B 166 17.63 10.42 -17.96
N ILE B 166 17.64 10.41 -17.94
CA ILE B 166 16.81 11.05 -16.96
CA ILE B 166 16.85 11.10 -16.97
C ILE B 166 16.50 10.04 -15.86
C ILE B 166 16.47 10.08 -15.89
N PRO B 167 16.39 10.47 -14.62
CA PRO B 167 15.87 9.50 -13.59
C PRO B 167 14.52 8.94 -14.00
N PHE B 168 14.12 7.77 -13.53
CA PHE B 168 14.80 6.93 -12.60
C PHE B 168 15.35 5.70 -13.28
N ASN B 169 16.63 5.40 -13.04
CA ASN B 169 17.35 4.38 -13.81
C ASN B 169 18.57 3.95 -13.02
N ARG B 170 18.86 2.68 -13.13
CA ARG B 170 20.12 2.18 -12.57
C ARG B 170 20.53 0.88 -13.28
N ASN B 171 21.50 0.15 -12.74
CA ASN B 171 22.04 -1.02 -13.39
C ASN B 171 22.46 -0.68 -14.86
N GLY B 172 23.18 0.41 -14.99
CA GLY B 172 23.83 0.79 -16.20
C GLY B 172 25.12 0.08 -16.43
N VAL B 173 25.20 -0.53 -17.61
CA VAL B 173 26.38 -1.34 -17.93
C VAL B 173 26.71 -1.15 -19.40
N LEU B 174 27.88 -0.56 -19.61
CA LEU B 174 28.46 -0.41 -20.94
C LEU B 174 28.88 -1.69 -21.59
N PHE B 175 28.79 -1.72 -22.93
CA PHE B 175 29.49 -2.76 -23.69
C PHE B 175 30.98 -2.35 -23.88
N PRO B 176 31.86 -3.35 -23.94
CA PRO B 176 33.30 -3.05 -23.89
C PRO B 176 33.90 -2.64 -25.25
N ARG B 177 33.08 -2.37 -26.23
CA ARG B 177 33.48 -1.85 -27.51
C ARG B 177 32.28 -1.19 -28.10
N LYS B 178 32.47 -0.39 -29.16
CA LYS B 178 31.40 0.19 -29.88
C LYS B 178 30.68 -0.92 -30.70
N ILE B 179 29.38 -0.72 -30.82
CA ILE B 179 28.53 -1.56 -31.61
C ILE B 179 28.19 -0.76 -32.86
N ASN B 180 28.66 -1.23 -34.01
N ASN B 180 28.73 -1.21 -33.98
CA ASN B 180 28.49 -0.50 -35.29
CA ASN B 180 28.52 -0.55 -35.27
C ASN B 180 28.74 0.98 -35.15
C ASN B 180 28.74 0.96 -35.14
N GLY B 181 29.86 1.33 -34.50
CA GLY B 181 30.28 2.69 -34.46
C GLY B 181 29.62 3.53 -33.38
N ARG B 182 28.83 2.94 -32.51
CA ARG B 182 28.20 3.71 -31.43
C ARG B 182 28.39 3.08 -30.06
N PHE B 183 28.73 3.88 -29.05
CA PHE B 183 28.74 3.36 -27.68
C PHE B 183 27.36 2.73 -27.39
N ALA B 184 27.36 1.71 -26.53
CA ALA B 184 26.11 1.00 -26.17
C ALA B 184 26.09 0.74 -24.68
N MET B 185 24.88 0.90 -24.10
CA MET B 185 24.69 0.68 -22.68
C MET B 185 23.40 -0.01 -22.35
N LEU B 186 23.46 -1.02 -21.50
CA LEU B 186 22.27 -1.60 -20.89
C LEU B 186 21.90 -0.74 -19.70
N SER B 187 20.59 -0.65 -19.47
CA SER B 187 20.08 0.04 -18.31
C SER B 187 18.84 -0.65 -17.77
N ARG B 188 18.19 0.06 -16.85
CA ARG B 188 17.10 -0.58 -16.09
C ARG B 188 16.19 0.48 -15.45
N PRO B 189 15.18 0.89 -16.18
CA PRO B 189 14.24 1.86 -15.66
C PRO B 189 13.73 1.44 -14.32
N SER B 190 13.70 2.40 -13.43
CA SER B 190 13.40 2.15 -11.99
C SER B 190 12.38 3.14 -11.47
N ASP B 191 12.25 3.19 -10.15
CA ASP B 191 11.47 4.22 -9.46
C ASP B 191 12.34 4.84 -8.38
N ASN B 192 11.76 5.63 -7.49
CA ASN B 192 12.54 6.22 -6.42
C ASN B 192 12.52 5.46 -5.10
N GLY B 193 12.23 4.18 -5.13
CA GLY B 193 12.35 3.36 -3.93
C GLY B 193 12.86 1.95 -4.17
N HIS B 194 12.35 1.01 -3.42
CA HIS B 194 12.80 -0.33 -3.64
C HIS B 194 11.93 -0.92 -4.76
N THR B 195 12.39 -0.70 -5.96
CA THR B 195 11.56 -0.81 -7.11
C THR B 195 10.94 -2.21 -7.27
N PRO B 196 9.64 -2.29 -7.49
CA PRO B 196 8.99 -3.59 -7.53
C PRO B 196 8.82 -4.19 -8.93
N PHE B 197 9.62 -3.71 -9.85
CA PHE B 197 9.52 -4.06 -11.26
C PHE B 197 10.88 -3.77 -11.85
N GLY B 198 11.12 -4.23 -13.08
CA GLY B 198 12.35 -3.89 -13.73
C GLY B 198 12.68 -4.70 -14.96
N ASP B 199 12.65 -4.05 -16.12
CA ASP B 199 13.07 -4.62 -17.39
C ASP B 199 14.48 -4.09 -17.74
N ILE B 200 15.24 -4.89 -18.47
CA ILE B 200 16.51 -4.42 -19.02
C ILE B 200 16.29 -3.79 -20.39
N PHE B 201 16.92 -2.64 -20.56
CA PHE B 201 16.88 -1.85 -21.77
C PHE B 201 18.33 -1.70 -22.33
N TYR B 202 18.40 -1.33 -23.62
CA TYR B 202 19.59 -1.07 -24.36
C TYR B 202 19.48 0.26 -25.03
N SER B 203 20.56 1.02 -25.02
CA SER B 203 20.62 2.34 -25.67
C SER B 203 21.98 2.59 -26.29
N GLU B 204 22.03 3.51 -27.27
CA GLU B 204 23.27 3.86 -27.97
C GLU B 204 23.55 5.33 -27.94
N SER B 205 24.83 5.65 -28.17
CA SER B 205 25.24 7.03 -28.24
C SER B 205 26.38 7.15 -29.23
N PRO B 206 26.34 8.21 -30.05
CA PRO B 206 27.48 8.41 -30.97
C PRO B 206 28.65 9.03 -30.25
N ASP B 207 28.45 9.60 -29.08
CA ASP B 207 29.40 10.51 -28.49
C ASP B 207 29.57 10.57 -27.01
N MET B 208 28.93 9.63 -26.27
CA MET B 208 29.01 9.62 -24.83
C MET B 208 28.36 10.87 -24.18
N GLU B 209 27.41 11.48 -24.87
CA GLU B 209 26.72 12.67 -24.39
C GLU B 209 25.23 12.57 -24.70
N PHE B 210 24.87 12.21 -25.94
CA PHE B 210 23.46 12.08 -26.29
C PHE B 210 23.15 10.59 -26.53
N TRP B 211 22.03 10.13 -26.02
CA TRP B 211 21.70 8.70 -26.00
C TRP B 211 20.32 8.53 -26.63
N GLY B 212 20.10 7.39 -27.27
CA GLY B 212 18.85 7.16 -27.94
C GLY B 212 18.84 5.78 -28.59
N ARG B 213 17.90 5.56 -29.51
N ARG B 213 17.87 5.57 -29.48
CA ARG B 213 17.64 4.24 -30.10
CA ARG B 213 17.63 4.26 -30.09
C ARG B 213 17.42 3.23 -29.00
C ARG B 213 17.42 3.23 -29.00
N HIS B 214 16.55 3.58 -28.04
CA HIS B 214 16.27 2.73 -26.92
C HIS B 214 15.51 1.49 -27.36
N ARG B 215 15.96 0.36 -26.87
CA ARG B 215 15.29 -0.88 -27.17
C ARG B 215 15.13 -1.76 -25.92
N HIS B 216 13.98 -2.40 -25.80
CA HIS B 216 13.70 -3.31 -24.74
C HIS B 216 14.50 -4.56 -24.99
N VAL B 217 15.15 -5.07 -23.94
CA VAL B 217 15.94 -6.33 -23.98
C VAL B 217 15.17 -7.50 -23.44
N MET B 218 14.79 -7.39 -22.16
CA MET B 218 14.01 -8.40 -21.54
C MET B 218 13.31 -7.95 -20.32
N SER B 219 12.25 -8.70 -20.04
CA SER B 219 11.40 -8.47 -18.87
C SER B 219 11.56 -9.61 -17.91
N PRO B 220 11.15 -9.39 -16.66
CA PRO B 220 11.11 -10.53 -15.74
C PRO B 220 10.33 -11.69 -16.36
N ALA B 221 10.74 -12.90 -16.02
CA ALA B 221 10.03 -14.12 -16.36
C ALA B 221 8.73 -14.30 -15.61
N ALA B 222 7.86 -15.15 -16.17
CA ALA B 222 6.67 -15.49 -15.49
C ALA B 222 7.07 -16.30 -14.24
N PHE B 223 6.33 -16.08 -13.17
CA PHE B 223 6.55 -16.81 -11.93
C PHE B 223 6.56 -18.35 -12.12
N GLU B 224 5.64 -18.87 -12.96
CA GLU B 224 5.55 -20.31 -13.11
C GLU B 224 6.65 -20.89 -14.00
N VAL B 225 7.39 -20.00 -14.67
CA VAL B 225 8.46 -20.47 -15.56
C VAL B 225 9.85 -20.37 -14.89
N SER B 226 10.13 -19.23 -14.26
CA SER B 226 11.42 -19.02 -13.64
C SER B 226 11.35 -17.96 -12.55
N ALA B 227 11.03 -18.40 -11.33
CA ALA B 227 10.66 -17.47 -10.33
C ALA B 227 11.80 -16.73 -9.74
N TRP B 228 13.04 -17.21 -9.88
CA TRP B 228 14.18 -16.38 -9.37
C TRP B 228 14.34 -15.05 -10.05
N GLN B 229 13.69 -14.86 -11.20
CA GLN B 229 13.80 -13.67 -12.05
C GLN B 229 12.45 -13.15 -12.44
N CYS B 230 11.47 -13.34 -11.54
CA CYS B 230 10.10 -12.94 -11.90
C CYS B 230 9.62 -11.59 -11.41
N THR B 231 10.31 -10.99 -10.45
CA THR B 231 9.97 -9.62 -9.97
C THR B 231 10.60 -8.51 -10.74
N LYS B 232 11.90 -8.62 -10.87
CA LYS B 232 12.70 -7.68 -11.63
C LYS B 232 14.03 -8.31 -11.96
N ILE B 233 14.69 -7.67 -12.95
CA ILE B 233 16.01 -8.09 -13.41
C ILE B 233 16.88 -6.89 -13.62
N GLY B 234 18.18 -7.10 -13.64
CA GLY B 234 19.13 -6.05 -14.02
C GLY B 234 20.46 -6.57 -14.41
N ALA B 235 21.16 -5.87 -15.32
CA ALA B 235 22.44 -6.31 -15.78
C ALA B 235 23.48 -6.22 -14.72
N GLY B 236 24.41 -7.17 -14.74
CA GLY B 236 25.56 -7.27 -13.80
C GLY B 236 26.87 -6.89 -14.41
N PRO B 237 27.77 -7.85 -14.54
CA PRO B 237 29.04 -7.57 -15.18
C PRO B 237 28.94 -7.02 -16.59
N ILE B 238 30.04 -6.38 -17.02
CA ILE B 238 30.13 -5.92 -18.41
C ILE B 238 29.90 -7.14 -19.35
N PRO B 239 29.13 -6.97 -20.45
CA PRO B 239 28.88 -8.07 -21.35
C PRO B 239 30.23 -8.69 -21.84
N VAL B 240 30.25 -9.99 -22.03
CA VAL B 240 31.47 -10.72 -22.46
C VAL B 240 31.19 -11.27 -23.83
N GLU B 241 32.03 -10.83 -24.82
CA GLU B 241 31.80 -11.19 -26.22
C GLU B 241 32.22 -12.63 -26.48
N THR B 242 31.33 -13.43 -27.07
CA THR B 242 31.59 -14.82 -27.44
C THR B 242 31.14 -15.01 -28.91
N PRO B 243 31.60 -16.10 -29.56
CA PRO B 243 31.11 -16.28 -30.93
C PRO B 243 29.63 -16.58 -31.00
N GLU B 244 29.02 -17.03 -29.88
CA GLU B 244 27.61 -17.32 -29.84
C GLU B 244 26.78 -16.16 -29.31
N GLY B 245 27.41 -15.00 -29.17
CA GLY B 245 26.66 -13.82 -28.75
C GLY B 245 27.33 -13.18 -27.54
N TRP B 246 26.75 -12.08 -27.09
CA TRP B 246 27.23 -11.43 -25.89
C TRP B 246 26.66 -12.26 -24.70
N LEU B 247 27.56 -12.67 -23.81
CA LEU B 247 27.18 -13.35 -22.59
C LEU B 247 26.86 -12.25 -21.53
N LEU B 248 25.59 -12.17 -21.17
CA LEU B 248 25.08 -11.27 -20.12
C LEU B 248 24.82 -12.11 -18.86
N ILE B 249 25.51 -11.72 -17.81
N ILE B 249 25.54 -11.74 -17.81
CA ILE B 249 25.23 -12.21 -16.49
CA ILE B 249 25.30 -12.22 -16.46
C ILE B 249 24.43 -11.12 -15.74
C ILE B 249 24.44 -11.13 -15.75
N TYR B 250 23.28 -11.53 -15.22
CA TYR B 250 22.32 -10.57 -14.71
C TYR B 250 21.65 -11.11 -13.47
N HIS B 251 21.25 -10.19 -12.59
CA HIS B 251 20.48 -10.57 -11.42
C HIS B 251 18.99 -10.62 -11.71
N GLY B 252 18.34 -11.39 -10.85
CA GLY B 252 16.90 -11.55 -10.85
C GLY B 252 16.41 -11.61 -9.41
N VAL B 253 15.20 -11.10 -9.23
CA VAL B 253 14.58 -11.05 -7.91
C VAL B 253 13.31 -11.92 -7.84
N LEU B 254 13.17 -12.66 -6.75
CA LEU B 254 11.95 -13.36 -6.31
C LEU B 254 11.45 -12.65 -5.05
N HIS B 255 10.14 -12.41 -5.01
CA HIS B 255 9.50 -11.73 -3.84
C HIS B 255 8.83 -12.74 -2.97
N SER B 256 9.46 -13.05 -1.84
CA SER B 256 8.87 -13.93 -0.86
C SER B 256 8.04 -13.11 0.09
N CYS B 257 7.31 -13.83 0.96
CA CYS B 257 6.57 -13.08 2.00
C CYS B 257 7.49 -12.23 2.92
N ASN B 258 8.78 -12.61 3.08
CA ASN B 258 9.72 -11.92 3.93
C ASN B 258 10.77 -11.08 3.22
N GLY B 259 10.62 -10.84 1.92
CA GLY B 259 11.56 -9.93 1.25
C GLY B 259 11.93 -10.41 -0.13
N TYR B 260 12.95 -9.77 -0.64
CA TYR B 260 13.44 -10.08 -1.97
C TYR B 260 14.67 -11.03 -1.82
N VAL B 261 14.75 -11.98 -2.74
CA VAL B 261 15.89 -12.90 -2.85
C VAL B 261 16.51 -12.57 -4.19
N TYR B 262 17.78 -12.18 -4.17
CA TYR B 262 18.54 -11.89 -5.40
C TYR B 262 19.43 -13.10 -5.77
N SER B 263 19.20 -13.62 -6.99
CA SER B 263 20.00 -14.69 -7.58
C SER B 263 20.51 -14.14 -8.89
N PHE B 264 21.43 -14.85 -9.54
CA PHE B 264 21.82 -14.42 -10.86
C PHE B 264 21.98 -15.61 -11.83
N GLY B 265 21.92 -15.25 -13.10
CA GLY B 265 21.87 -16.23 -14.20
C GLY B 265 22.46 -15.62 -15.45
N SER B 266 22.16 -16.27 -16.60
CA SER B 266 22.83 -15.90 -17.86
C SER B 266 21.89 -15.85 -19.04
N ALA B 267 22.27 -14.97 -19.98
CA ALA B 267 21.62 -14.89 -21.27
C ALA B 267 22.65 -14.63 -22.34
N LEU B 268 22.27 -14.90 -23.60
CA LEU B 268 23.08 -14.65 -24.79
C LEU B 268 22.32 -13.69 -25.65
N LEU B 269 22.99 -12.60 -25.96
CA LEU B 269 22.45 -11.50 -26.80
C LEU B 269 23.07 -11.56 -28.21
N ASP B 270 22.27 -11.20 -29.20
CA ASP B 270 22.79 -11.09 -30.56
C ASP B 270 23.97 -10.15 -30.65
N LEU B 271 24.99 -10.56 -31.41
CA LEU B 271 26.20 -9.80 -31.41
C LEU B 271 26.04 -8.39 -31.99
N ASP B 272 25.27 -8.31 -33.08
CA ASP B 272 25.07 -7.05 -33.84
C ASP B 272 23.97 -6.17 -33.38
N GLU B 273 22.94 -6.77 -32.75
CA GLU B 273 21.76 -6.10 -32.24
C GLU B 273 21.52 -6.66 -30.86
N PRO B 274 22.25 -6.09 -29.89
CA PRO B 274 22.25 -6.82 -28.61
C PRO B 274 21.03 -6.71 -27.76
N TRP B 275 20.01 -5.96 -28.21
CA TRP B 275 18.72 -6.04 -27.59
C TRP B 275 17.91 -7.27 -27.97
N LYS B 276 18.40 -8.07 -28.93
CA LYS B 276 17.75 -9.30 -29.32
C LYS B 276 18.37 -10.41 -28.52
N VAL B 277 17.55 -10.96 -27.63
CA VAL B 277 17.98 -12.05 -26.79
C VAL B 277 17.78 -13.35 -27.50
N LYS B 278 18.84 -14.10 -27.63
CA LYS B 278 18.76 -15.37 -28.30
C LYS B 278 18.46 -16.55 -27.38
N PHE B 279 19.09 -16.54 -26.18
CA PHE B 279 18.88 -17.61 -25.16
C PHE B 279 18.90 -16.98 -23.80
N ARG B 280 18.12 -17.54 -22.90
CA ARG B 280 18.02 -17.01 -21.53
C ARG B 280 17.84 -18.16 -20.53
N SER B 281 18.66 -18.24 -19.50
CA SER B 281 18.60 -19.43 -18.64
C SER B 281 17.34 -19.54 -17.80
N GLY B 282 16.86 -20.76 -17.65
CA GLY B 282 15.72 -21.07 -16.73
C GLY B 282 16.22 -21.10 -15.31
N PRO B 283 17.19 -21.98 -15.00
CA PRO B 283 17.77 -21.98 -13.69
C PRO B 283 18.71 -20.80 -13.44
N TYR B 284 18.91 -20.48 -12.18
CA TYR B 284 19.97 -19.54 -11.78
C TYR B 284 21.35 -20.23 -11.96
N LEU B 285 22.41 -19.39 -12.08
CA LEU B 285 23.76 -19.81 -11.87
C LEU B 285 24.19 -19.86 -10.43
N LEU B 286 23.71 -18.90 -9.64
CA LEU B 286 24.12 -18.80 -8.25
C LEU B 286 22.95 -18.15 -7.50
N ALA B 287 22.66 -18.65 -6.29
CA ALA B 287 21.63 -18.14 -5.41
C ALA B 287 22.13 -18.15 -3.98
N PRO B 288 21.55 -17.33 -3.11
CA PRO B 288 22.11 -17.24 -1.75
C PRO B 288 21.98 -18.55 -0.95
N ARG B 289 23.09 -19.00 -0.44
CA ARG B 289 23.22 -20.33 0.16
C ARG B 289 24.08 -20.25 1.42
N GLU B 290 25.22 -19.61 1.27
CA GLU B 290 26.17 -19.51 2.35
C GLU B 290 25.82 -18.45 3.36
N PRO B 291 26.44 -18.67 4.59
CA PRO B 291 26.05 -17.70 5.61
C PRO B 291 26.38 -16.28 5.24
N TYR B 292 27.46 -16.06 4.55
CA TYR B 292 27.79 -14.70 4.16
C TYR B 292 26.88 -14.08 3.05
N GLU B 293 26.06 -14.92 2.44
CA GLU B 293 25.06 -14.50 1.48
C GLU B 293 23.68 -14.39 2.13
N CYS B 294 23.45 -15.10 3.21
CA CYS B 294 22.14 -15.22 3.82
C CYS B 294 22.04 -14.43 5.15
N MET B 295 23.08 -13.79 5.60
CA MET B 295 23.00 -12.94 6.80
C MET B 295 23.87 -11.72 6.57
N GLY B 296 23.34 -10.54 6.88
CA GLY B 296 24.07 -9.30 6.79
C GLY B 296 23.11 -8.13 6.66
N ASP B 297 23.60 -7.04 6.12
CA ASP B 297 22.79 -5.85 6.03
C ASP B 297 21.47 -6.03 5.21
N VAL B 298 21.55 -6.84 4.13
CA VAL B 298 20.39 -7.21 3.38
C VAL B 298 20.48 -8.71 3.12
N PRO B 299 19.79 -9.49 3.92
CA PRO B 299 19.92 -10.95 3.78
C PRO B 299 19.46 -11.46 2.41
N ASN B 300 20.09 -12.56 1.97
CA ASN B 300 19.62 -13.32 0.76
C ASN B 300 19.85 -12.55 -0.53
N VAL B 301 21.08 -12.07 -0.70
CA VAL B 301 21.48 -11.32 -1.92
C VAL B 301 22.83 -11.84 -2.45
N CYS B 302 22.79 -12.28 -3.70
CA CYS B 302 24.00 -12.51 -4.53
C CYS B 302 23.88 -11.59 -5.79
N PHE B 303 24.68 -10.54 -5.81
CA PHE B 303 24.51 -9.45 -6.78
C PHE B 303 25.80 -9.29 -7.63
N PRO B 304 25.77 -9.80 -8.85
CA PRO B 304 27.04 -9.80 -9.60
C PRO B 304 27.36 -8.46 -10.21
N CYS B 305 28.61 -8.08 -10.13
N CYS B 305 28.59 -7.99 -10.12
CA CYS B 305 28.97 -6.73 -10.43
CA CYS B 305 28.92 -6.65 -10.64
C CYS B 305 30.12 -6.58 -11.44
C CYS B 305 30.10 -6.59 -11.60
N ALA B 306 30.91 -7.64 -11.67
CA ALA B 306 32.09 -7.59 -12.52
C ALA B 306 32.52 -9.00 -12.84
N ALA B 307 33.22 -9.16 -13.94
CA ALA B 307 33.89 -10.42 -14.24
C ALA B 307 35.21 -10.15 -14.92
N LEU B 308 36.15 -11.09 -14.68
CA LEU B 308 37.39 -11.12 -15.46
C LEU B 308 37.35 -12.41 -16.27
N HIS B 309 37.84 -12.42 -17.52
CA HIS B 309 37.78 -13.64 -18.30
C HIS B 309 38.99 -13.80 -19.18
N ASP B 310 39.22 -15.02 -19.62
CA ASP B 310 40.38 -15.35 -20.50
C ASP B 310 39.84 -16.21 -21.60
N ASN B 311 39.73 -15.67 -22.81
CA ASN B 311 39.16 -16.45 -23.89
C ASN B 311 39.99 -17.63 -24.36
N GLU B 312 41.28 -17.60 -24.11
CA GLU B 312 42.17 -18.75 -24.45
C GLU B 312 41.78 -19.98 -23.70
N THR B 313 41.45 -19.83 -22.41
CA THR B 313 41.19 -20.97 -21.55
C THR B 313 39.72 -21.19 -21.31
N GLY B 314 38.93 -20.15 -21.60
CA GLY B 314 37.50 -20.09 -21.29
C GLY B 314 37.20 -19.80 -19.85
N ARG B 315 38.21 -19.49 -19.06
CA ARG B 315 37.95 -19.20 -17.62
C ARG B 315 37.28 -17.85 -17.41
N ILE B 316 36.34 -17.84 -16.47
CA ILE B 316 35.69 -16.62 -16.03
C ILE B 316 35.60 -16.60 -14.52
N ALA B 317 35.86 -15.43 -13.95
CA ALA B 317 35.81 -15.19 -12.52
C ALA B 317 34.79 -14.09 -12.31
N ILE B 318 33.69 -14.35 -11.59
CA ILE B 318 32.61 -13.38 -11.43
C ILE B 318 32.59 -12.90 -9.98
N TYR B 319 32.67 -11.60 -9.83
CA TYR B 319 32.60 -10.91 -8.53
C TYR B 319 31.15 -10.59 -8.19
N TYR B 320 30.75 -10.81 -6.94
CA TYR B 320 29.34 -10.59 -6.58
C TYR B 320 29.24 -10.12 -5.16
N GLY B 321 28.36 -9.16 -4.90
CA GLY B 321 28.14 -8.78 -3.49
C GLY B 321 27.25 -9.79 -2.82
N CYS B 322 27.53 -9.99 -1.55
CA CYS B 322 26.91 -10.99 -0.73
C CYS B 322 26.21 -10.28 0.46
N ALA B 323 24.89 -10.41 0.56
CA ALA B 323 24.09 -9.83 1.61
C ALA B 323 24.30 -8.33 1.76
N ASP B 324 24.65 -7.62 0.68
CA ASP B 324 25.01 -6.18 0.74
C ASP B 324 26.03 -5.87 1.82
N THR B 325 26.92 -6.83 2.10
CA THR B 325 27.86 -6.72 3.19
C THR B 325 29.32 -6.89 2.77
N VAL B 326 29.55 -7.95 1.98
CA VAL B 326 30.91 -8.38 1.58
C VAL B 326 30.95 -8.73 0.12
N THR B 327 32.14 -8.96 -0.41
CA THR B 327 32.32 -9.35 -1.83
C THR B 327 32.78 -10.79 -1.92
N GLY B 328 32.18 -11.55 -2.83
CA GLY B 328 32.61 -12.87 -3.08
C GLY B 328 33.00 -13.06 -4.54
N LEU B 329 33.58 -14.25 -4.83
CA LEU B 329 34.01 -14.63 -6.14
C LEU B 329 33.52 -16.04 -6.47
N ALA B 330 33.14 -16.24 -7.73
CA ALA B 330 32.74 -17.55 -8.22
C ALA B 330 33.40 -17.76 -9.62
N PHE B 331 33.61 -19.01 -9.96
CA PHE B 331 34.33 -19.36 -11.15
C PHE B 331 33.50 -20.23 -12.03
N GLY B 332 33.76 -20.17 -13.33
CA GLY B 332 33.22 -21.15 -14.25
C GLY B 332 33.96 -21.05 -15.57
N TYR B 333 33.46 -21.82 -16.54
CA TYR B 333 33.96 -21.80 -17.93
C TYR B 333 32.95 -21.20 -18.87
N ILE B 334 33.38 -20.24 -19.68
CA ILE B 334 32.48 -19.64 -20.66
C ILE B 334 31.73 -20.68 -21.52
N PRO B 335 32.43 -21.65 -22.14
CA PRO B 335 31.69 -22.62 -22.95
C PRO B 335 30.65 -23.43 -22.19
N GLU B 336 30.92 -23.71 -20.92
CA GLU B 336 29.93 -24.41 -20.09
C GLU B 336 28.72 -23.53 -19.75
N ILE B 337 28.98 -22.26 -19.53
CA ILE B 337 27.88 -21.30 -19.31
C ILE B 337 27.01 -21.11 -20.55
N ILE B 338 27.68 -21.00 -21.72
CA ILE B 338 26.94 -20.94 -23.02
C ILE B 338 26.06 -22.17 -23.14
N GLU B 339 26.63 -23.35 -22.91
CA GLU B 339 25.89 -24.61 -23.03
C GLU B 339 24.68 -24.61 -22.10
N PHE B 340 24.92 -24.20 -20.88
CA PHE B 340 23.84 -24.16 -19.86
C PHE B 340 22.74 -23.23 -20.29
N THR B 341 23.10 -22.08 -20.83
CA THR B 341 22.15 -21.04 -21.19
C THR B 341 21.27 -21.54 -22.32
N LYS B 342 21.88 -22.24 -23.30
CA LYS B 342 21.13 -22.76 -24.41
C LYS B 342 20.26 -23.96 -23.98
N ARG B 343 20.85 -24.89 -23.30
CA ARG B 343 20.19 -26.09 -22.91
C ARG B 343 18.96 -25.81 -22.11
N THR B 344 19.08 -24.82 -21.22
CA THR B 344 17.95 -24.56 -20.29
C THR B 344 17.14 -23.33 -20.74
N SER B 345 17.31 -22.85 -21.97
CA SER B 345 16.69 -21.62 -22.37
C SER B 345 15.16 -21.58 -22.26
N ILE B 346 14.69 -20.45 -21.75
CA ILE B 346 13.28 -20.23 -21.68
C ILE B 346 12.79 -19.37 -22.80
N ILE B 347 13.63 -19.01 -23.78
CA ILE B 347 13.25 -18.09 -24.89
C ILE B 347 12.52 -18.93 -25.92
N ILE C 28 6.04 -48.73 12.50
CA ILE C 28 7.17 -48.38 13.43
C ILE C 28 7.72 -46.96 13.21
N ILE C 29 7.19 -45.98 13.94
CA ILE C 29 7.52 -44.61 13.59
C ILE C 29 8.86 -44.06 14.15
N PRO C 30 9.44 -43.07 13.47
CA PRO C 30 10.66 -42.46 13.94
C PRO C 30 10.53 -41.83 15.31
N TRP C 31 11.56 -42.02 16.13
CA TRP C 31 11.46 -41.58 17.50
C TRP C 31 12.80 -41.32 18.09
N GLU C 32 12.88 -40.24 18.87
CA GLU C 32 13.95 -39.92 19.77
C GLU C 32 13.33 -39.58 21.10
N GLU C 33 13.95 -40.09 22.15
CA GLU C 33 13.54 -39.75 23.49
C GLU C 33 13.71 -38.28 23.82
N ARG C 34 12.89 -37.75 24.59
CA ARG C 34 12.96 -36.41 25.05
C ARG C 34 14.29 -36.15 25.78
N PRO C 35 14.96 -35.16 25.43
CA PRO C 35 16.21 -34.84 26.06
C PRO C 35 16.10 -34.71 27.57
N ALA C 36 17.16 -35.14 28.24
CA ALA C 36 17.25 -35.01 29.69
C ALA C 36 17.05 -33.55 30.10
N GLY C 37 16.20 -33.31 31.10
CA GLY C 37 15.89 -31.94 31.52
C GLY C 37 14.88 -31.16 30.69
N CYS C 38 14.55 -31.64 29.49
CA CYS C 38 13.67 -30.87 28.58
C CYS C 38 12.27 -30.92 29.12
N LYS C 39 11.65 -29.74 29.32
CA LYS C 39 10.28 -29.69 29.75
C LYS C 39 9.28 -29.40 28.62
N ASP C 40 9.68 -29.46 27.37
CA ASP C 40 8.77 -29.07 26.31
C ASP C 40 7.93 -30.22 25.89
N VAL C 41 6.76 -29.89 25.39
CA VAL C 41 5.84 -30.87 24.88
C VAL C 41 6.35 -31.49 23.56
N LEU C 42 6.92 -30.68 22.72
CA LEU C 42 7.60 -31.20 21.53
C LEU C 42 9.06 -30.96 21.57
N TRP C 43 9.83 -31.87 21.05
CA TRP C 43 11.27 -31.63 20.97
C TRP C 43 11.83 -31.99 19.58
N ARG C 44 12.77 -31.19 19.10
CA ARG C 44 13.34 -31.40 17.76
C ARG C 44 14.28 -32.60 17.69
N SER C 45 14.29 -33.27 16.55
CA SER C 45 15.28 -34.28 16.30
C SER C 45 16.69 -33.71 16.38
N VAL C 46 17.63 -34.42 17.04
CA VAL C 46 19.03 -34.00 16.96
C VAL C 46 19.63 -34.23 15.58
N ALA C 47 18.93 -34.93 14.70
CA ALA C 47 19.38 -35.15 13.33
C ALA C 47 18.86 -34.05 12.35
N ASN C 48 18.17 -33.03 12.85
CA ASN C 48 17.67 -32.01 11.91
C ASN C 48 18.79 -31.22 11.20
N PRO C 49 18.59 -30.87 9.94
CA PRO C 49 17.42 -31.23 9.12
C PRO C 49 17.54 -32.63 8.60
N ILE C 50 16.46 -33.37 8.51
CA ILE C 50 16.44 -34.73 8.02
C ILE C 50 16.42 -34.85 6.50
N ILE C 51 16.04 -33.79 5.77
CA ILE C 51 16.09 -33.80 4.32
C ILE C 51 16.78 -32.51 3.87
N PRO C 52 17.90 -32.65 3.19
CA PRO C 52 18.70 -31.49 2.81
C PRO C 52 18.19 -30.86 1.53
N ARG C 53 18.56 -29.63 1.31
CA ARG C 53 18.07 -28.89 0.19
C ARG C 53 18.49 -29.42 -1.16
N ASP C 54 19.59 -30.12 -1.18
CA ASP C 54 20.25 -30.53 -2.41
C ASP C 54 20.23 -32.01 -2.65
N LEU C 55 19.23 -32.66 -2.11
CA LEU C 55 19.06 -34.09 -2.31
C LEU C 55 18.96 -34.48 -3.79
N LEU C 56 18.28 -33.69 -4.67
CA LEU C 56 18.10 -33.97 -6.05
C LEU C 56 19.14 -33.16 -6.90
N PRO C 57 19.43 -33.63 -8.14
CA PRO C 57 20.38 -32.86 -8.93
C PRO C 57 19.99 -31.39 -9.20
N THR C 58 18.70 -31.10 -9.27
CA THR C 58 18.24 -29.81 -9.60
C THR C 58 17.42 -29.25 -8.43
N SER C 59 17.48 -29.81 -7.22
CA SER C 59 16.67 -29.20 -6.14
C SER C 59 17.34 -27.95 -5.55
N ASN C 60 16.51 -26.92 -5.32
CA ASN C 60 16.86 -25.76 -4.54
C ASN C 60 16.51 -25.89 -3.05
N SER C 61 15.39 -26.58 -2.83
CA SER C 61 14.85 -26.68 -1.49
C SER C 61 13.83 -27.80 -1.44
N ILE C 62 13.71 -28.42 -0.26
CA ILE C 62 12.79 -29.55 -0.08
C ILE C 62 12.23 -29.43 1.32
N PHE C 63 10.97 -29.02 1.38
CA PHE C 63 10.44 -28.53 2.64
C PHE C 63 8.93 -28.80 2.86
N ASN C 64 8.24 -29.48 1.97
CA ASN C 64 6.96 -30.13 2.50
C ASN C 64 7.22 -31.62 2.23
N SER C 65 6.80 -32.41 3.18
CA SER C 65 7.07 -33.82 3.14
C SER C 65 5.76 -34.39 3.59
N ALA C 66 4.89 -34.70 2.65
CA ALA C 66 3.64 -35.35 3.00
C ALA C 66 3.86 -36.86 3.07
N VAL C 67 4.06 -37.37 4.28
CA VAL C 67 4.49 -38.75 4.53
C VAL C 67 3.36 -39.61 5.11
N VAL C 68 3.40 -40.89 4.71
CA VAL C 68 2.44 -41.92 5.21
C VAL C 68 3.18 -43.26 5.31
N PRO C 69 2.70 -44.17 6.14
CA PRO C 69 3.16 -45.57 6.02
C PRO C 69 2.69 -46.16 4.74
N PHE C 70 3.52 -46.99 4.13
CA PHE C 70 3.22 -47.67 2.90
C PHE C 70 4.00 -48.97 2.78
N GLY C 71 3.30 -50.04 2.53
CA GLY C 71 3.96 -51.32 2.33
C GLY C 71 4.84 -51.62 3.52
N ASP C 72 6.08 -51.97 3.25
CA ASP C 72 7.02 -52.30 4.30
C ASP C 72 7.71 -51.11 4.92
N GLY C 73 7.41 -49.92 4.44
CA GLY C 73 8.00 -48.73 4.99
C GLY C 73 7.10 -47.50 4.92
N PHE C 74 7.60 -46.53 4.19
CA PHE C 74 6.98 -45.20 4.14
C PHE C 74 7.04 -44.67 2.71
N ALA C 75 6.02 -43.86 2.40
CA ALA C 75 6.01 -43.15 1.16
C ALA C 75 5.63 -41.70 1.41
N GLY C 76 5.95 -40.88 0.42
CA GLY C 76 5.55 -39.48 0.59
C GLY C 76 5.46 -38.75 -0.73
N VAL C 77 4.83 -37.59 -0.67
CA VAL C 77 4.82 -36.63 -1.74
C VAL C 77 5.53 -35.38 -1.20
N PHE C 78 6.57 -34.96 -1.92
CA PHE C 78 7.46 -33.91 -1.47
C PHE C 78 7.40 -32.69 -2.35
N ARG C 79 7.32 -31.53 -1.71
CA ARG C 79 7.54 -30.28 -2.43
C ARG C 79 9.06 -30.05 -2.62
N CYS C 80 9.51 -30.15 -3.90
CA CYS C 80 10.92 -29.93 -4.23
C CYS C 80 10.96 -28.76 -5.16
N ASP C 81 11.40 -27.60 -4.67
CA ASP C 81 11.50 -26.43 -5.61
C ASP C 81 12.81 -26.58 -6.31
N ASP C 82 12.86 -26.33 -7.61
CA ASP C 82 14.08 -26.52 -8.34
C ASP C 82 14.91 -25.26 -8.48
N THR C 83 16.03 -25.34 -9.25
CA THR C 83 16.95 -24.24 -9.40
C THR C 83 16.40 -23.15 -10.37
N SER C 84 15.24 -23.40 -10.95
CA SER C 84 14.47 -22.37 -11.64
C SER C 84 13.43 -21.76 -10.72
N ARG C 85 13.40 -22.19 -9.47
CA ARG C 85 12.44 -21.81 -8.46
C ARG C 85 11.01 -22.16 -8.87
N ARG C 86 10.88 -23.21 -9.67
CA ARG C 86 9.57 -23.79 -9.95
C ARG C 86 9.21 -24.73 -8.77
N MET C 87 7.93 -24.84 -8.53
CA MET C 87 7.36 -25.62 -7.44
C MET C 87 6.79 -26.89 -8.06
N ARG C 88 7.44 -27.99 -7.73
CA ARG C 88 7.10 -29.33 -8.23
C ARG C 88 6.88 -30.32 -7.10
N LEU C 89 6.09 -31.36 -7.35
CA LEU C 89 5.90 -32.46 -6.43
C LEU C 89 6.67 -33.70 -6.89
N HIS C 90 7.29 -34.38 -5.93
CA HIS C 90 8.01 -35.61 -6.27
C HIS C 90 7.66 -36.71 -5.28
N VAL C 91 7.58 -37.95 -5.76
CA VAL C 91 7.34 -39.09 -4.86
C VAL C 91 8.64 -39.51 -4.22
N GLY C 92 8.58 -39.93 -2.97
CA GLY C 92 9.74 -40.48 -2.23
C GLY C 92 9.34 -41.73 -1.48
N PHE C 93 10.34 -42.55 -1.17
CA PHE C 93 10.17 -43.76 -0.36
C PHE C 93 11.26 -43.80 0.69
N SER C 94 10.94 -44.40 1.80
CA SER C 94 11.89 -44.57 2.90
C SER C 94 11.59 -45.83 3.70
N LYS C 95 12.63 -46.44 4.28
CA LYS C 95 12.34 -47.56 5.14
C LYS C 95 12.14 -47.13 6.54
N ASP C 96 12.84 -46.07 6.95
CA ASP C 96 12.78 -45.57 8.33
C ASP C 96 12.03 -44.25 8.55
N ALA C 97 11.58 -43.63 7.46
CA ALA C 97 10.83 -42.35 7.53
C ALA C 97 11.75 -41.14 7.83
N ILE C 98 13.07 -41.38 7.85
CA ILE C 98 14.05 -40.33 8.14
C ILE C 98 14.96 -40.05 6.91
N ASN C 99 15.45 -41.13 6.30
CA ASN C 99 16.36 -41.07 5.14
C ASN C 99 15.56 -41.41 3.91
N TRP C 100 15.36 -40.43 3.06
CA TRP C 100 14.40 -40.56 1.96
C TRP C 100 15.09 -40.74 0.63
N ASN C 101 14.51 -41.58 -0.18
CA ASN C 101 14.88 -41.70 -1.57
C ASN C 101 13.83 -41.05 -2.43
N ILE C 102 14.10 -39.83 -2.87
CA ILE C 102 13.10 -39.06 -3.68
C ILE C 102 13.36 -39.16 -5.17
N LYS C 103 12.33 -39.45 -5.95
CA LYS C 103 12.45 -39.54 -7.37
C LYS C 103 12.92 -38.22 -7.99
N GLU C 104 13.90 -38.29 -8.88
CA GLU C 104 14.42 -37.10 -9.56
C GLU C 104 13.41 -36.37 -10.44
N GLU C 105 12.50 -37.12 -11.04
CA GLU C 105 11.55 -36.60 -12.03
C GLU C 105 10.30 -36.21 -11.23
N PRO C 106 9.73 -35.07 -11.55
CA PRO C 106 8.52 -34.69 -10.84
C PRO C 106 7.39 -35.65 -11.15
N LEU C 107 6.48 -35.73 -10.19
CA LEU C 107 5.23 -36.47 -10.34
C LEU C 107 4.35 -35.84 -11.40
N LYS C 108 3.80 -36.67 -12.26
CA LYS C 108 2.80 -36.22 -13.22
C LYS C 108 1.51 -36.93 -12.88
N PHE C 109 0.41 -36.25 -13.09
CA PHE C 109 -0.88 -36.76 -12.77
C PHE C 109 -1.60 -37.13 -14.04
N GLN C 110 -2.34 -38.22 -14.03
CA GLN C 110 -3.20 -38.68 -15.09
C GLN C 110 -4.55 -38.02 -14.95
N CYS C 111 -5.11 -37.51 -16.03
CA CYS C 111 -6.41 -36.93 -15.95
C CYS C 111 -7.08 -36.99 -17.35
N ASP C 112 -8.32 -37.45 -17.42
CA ASP C 112 -9.06 -37.42 -18.71
C ASP C 112 -9.46 -36.03 -19.12
N ASP C 113 -9.63 -35.10 -18.18
CA ASP C 113 -10.02 -33.74 -18.51
C ASP C 113 -8.77 -32.91 -18.72
N GLU C 114 -8.52 -32.51 -19.95
CA GLU C 114 -7.32 -31.76 -20.24
C GLU C 114 -7.27 -30.42 -19.57
N GLU C 115 -8.41 -29.80 -19.38
CA GLU C 115 -8.45 -28.53 -18.71
C GLU C 115 -7.99 -28.59 -17.23
N ILE C 116 -8.53 -29.52 -16.48
CA ILE C 116 -8.08 -29.75 -15.10
C ILE C 116 -6.68 -30.33 -14.99
N GLY C 117 -6.35 -31.16 -15.95
CA GLY C 117 -5.12 -31.86 -16.02
C GLY C 117 -3.93 -31.01 -16.37
N THR C 118 -4.19 -29.79 -16.76
CA THR C 118 -3.11 -28.88 -17.13
C THR C 118 -2.27 -28.45 -15.92
N TRP C 119 -0.96 -28.76 -15.96
CA TRP C 119 -0.04 -28.37 -14.88
C TRP C 119 0.47 -26.99 -15.06
N VAL C 120 0.32 -26.21 -14.00
CA VAL C 120 0.80 -24.84 -13.91
C VAL C 120 1.88 -24.78 -12.81
N TYR C 121 1.51 -25.14 -11.58
CA TYR C 121 2.46 -25.27 -10.45
C TYR C 121 1.78 -26.08 -9.36
N GLY C 122 2.56 -26.59 -8.40
CA GLY C 122 1.95 -27.24 -7.26
C GLY C 122 2.84 -27.19 -6.06
N TYR C 123 2.27 -26.91 -4.90
CA TYR C 123 3.05 -26.90 -3.65
C TYR C 123 2.13 -27.39 -2.52
N ASP C 124 2.65 -27.36 -1.31
CA ASP C 124 1.76 -27.59 -0.08
C ASP C 124 1.07 -28.99 -0.12
N PRO C 125 1.78 -30.08 -0.48
CA PRO C 125 1.05 -31.34 -0.51
C PRO C 125 0.68 -31.89 0.85
N ARG C 126 -0.39 -32.63 0.89
CA ARG C 126 -0.77 -33.42 2.05
C ARG C 126 -1.23 -34.77 1.56
N VAL C 127 -1.01 -35.83 2.34
CA VAL C 127 -1.36 -37.19 1.87
C VAL C 127 -2.02 -37.95 3.01
N CYS C 128 -3.06 -38.67 2.71
CA CYS C 128 -3.62 -39.60 3.72
C CYS C 128 -4.38 -40.72 3.06
N PHE C 129 -4.45 -41.83 3.76
CA PHE C 129 -5.25 -42.97 3.25
C PHE C 129 -6.68 -42.76 3.69
N ILE C 130 -7.65 -42.90 2.78
CA ILE C 130 -9.08 -42.87 3.19
C ILE C 130 -9.79 -44.12 2.62
N GLU C 131 -10.05 -45.07 3.51
CA GLU C 131 -10.81 -46.33 3.21
C GLU C 131 -10.14 -47.30 2.28
N ASP C 132 -9.88 -46.87 1.05
CA ASP C 132 -9.42 -47.85 0.00
C ASP C 132 -8.26 -47.40 -0.84
N ARG C 133 -7.80 -46.18 -0.64
CA ARG C 133 -6.70 -45.61 -1.43
C ARG C 133 -6.04 -44.42 -0.71
N TYR C 134 -4.90 -43.98 -1.22
CA TYR C 134 -4.28 -42.75 -0.75
C TYR C 134 -4.78 -41.57 -1.55
N TYR C 135 -5.03 -40.47 -0.86
CA TYR C 135 -5.37 -39.23 -1.53
C TYR C 135 -4.26 -38.20 -1.29
N VAL C 136 -4.01 -37.40 -2.31
CA VAL C 136 -3.04 -36.34 -2.28
C VAL C 136 -3.84 -35.07 -2.56
N THR C 137 -3.65 -34.06 -1.70
CA THR C 137 -4.11 -32.72 -2.00
C THR C 137 -2.92 -31.79 -2.10
N TRP C 138 -3.05 -30.73 -2.86
CA TRP C 138 -1.90 -29.78 -2.96
C TRP C 138 -2.46 -28.46 -3.36
N CYS C 139 -1.65 -27.42 -3.22
CA CYS C 139 -2.00 -26.12 -3.75
C CYS C 139 -1.66 -26.14 -5.24
N ASN C 140 -2.71 -26.22 -6.03
CA ASN C 140 -2.67 -26.39 -7.48
C ASN C 140 -3.00 -25.11 -8.20
N GLY C 141 -2.16 -24.70 -9.16
CA GLY C 141 -2.49 -23.52 -9.95
C GLY C 141 -3.57 -23.77 -10.99
N TYR C 142 -4.72 -23.09 -10.84
CA TYR C 142 -5.83 -23.10 -11.80
C TYR C 142 -6.41 -21.73 -11.79
N HIS C 143 -5.78 -20.85 -12.58
CA HIS C 143 -6.16 -19.42 -12.53
C HIS C 143 -5.96 -18.82 -11.16
N GLY C 144 -4.90 -19.29 -10.50
CA GLY C 144 -4.67 -18.92 -9.09
C GLY C 144 -4.63 -20.15 -8.22
N PRO C 145 -4.29 -19.99 -6.96
CA PRO C 145 -4.14 -21.17 -6.06
C PRO C 145 -5.47 -21.73 -5.67
N THR C 146 -5.64 -23.02 -5.90
CA THR C 146 -6.73 -23.74 -5.37
C THR C 146 -6.27 -25.06 -4.84
N ILE C 147 -7.21 -25.91 -4.40
CA ILE C 147 -6.86 -27.23 -3.84
CA ILE C 147 -6.81 -27.22 -3.85
C ILE C 147 -7.02 -28.32 -4.91
N GLY C 148 -5.91 -28.84 -5.41
CA GLY C 148 -5.93 -30.00 -6.28
C GLY C 148 -6.10 -31.30 -5.48
N VAL C 149 -6.70 -32.31 -6.14
CA VAL C 149 -7.02 -33.57 -5.53
C VAL C 149 -6.65 -34.70 -6.45
N ALA C 150 -6.02 -35.74 -5.94
CA ALA C 150 -5.67 -36.92 -6.77
C ALA C 150 -5.61 -38.13 -5.83
N TYR C 151 -5.72 -39.33 -6.40
CA TYR C 151 -5.52 -40.55 -5.63
C TYR C 151 -4.51 -41.46 -6.25
N THR C 152 -4.05 -42.39 -5.41
CA THR C 152 -3.16 -43.45 -5.86
C THR C 152 -3.40 -44.65 -5.06
N PHE C 153 -3.28 -45.81 -5.72
CA PHE C 153 -3.25 -47.12 -5.00
C PHE C 153 -1.83 -47.60 -4.71
N ASP C 154 -0.86 -47.15 -5.49
CA ASP C 154 0.50 -47.66 -5.43
C ASP C 154 1.66 -46.67 -5.33
N PHE C 155 1.41 -45.38 -5.26
CA PHE C 155 2.49 -44.36 -5.31
C PHE C 155 3.37 -44.38 -6.56
N GLU C 156 2.80 -44.95 -7.62
CA GLU C 156 3.44 -44.95 -8.94
C GLU C 156 2.60 -44.13 -9.87
N THR C 157 1.31 -44.45 -9.96
N THR C 157 1.32 -44.46 -10.01
CA THR C 157 0.37 -43.76 -10.82
CA THR C 157 0.42 -43.72 -10.88
C THR C 157 -0.60 -42.97 -9.98
C THR C 157 -0.57 -42.97 -10.00
N PHE C 158 -0.80 -41.71 -10.35
CA PHE C 158 -1.63 -40.80 -9.61
C PHE C 158 -2.68 -40.30 -10.52
N HIS C 159 -3.91 -40.34 -10.08
CA HIS C 159 -5.03 -40.01 -10.91
C HIS C 159 -5.70 -38.76 -10.34
N GLN C 160 -5.78 -37.73 -11.16
CA GLN C 160 -6.25 -36.46 -10.74
C GLN C 160 -7.75 -36.36 -10.78
N LEU C 161 -8.33 -35.80 -9.72
CA LEU C 161 -9.75 -35.51 -9.61
C LEU C 161 -9.99 -34.02 -9.81
N GLU C 162 -11.26 -33.59 -9.70
CA GLU C 162 -11.58 -32.19 -9.83
C GLU C 162 -10.91 -31.39 -8.70
N ASN C 163 -10.50 -30.17 -9.00
CA ASN C 163 -10.06 -29.27 -7.94
C ASN C 163 -11.27 -29.08 -7.01
N ALA C 164 -11.03 -29.09 -5.72
CA ALA C 164 -12.15 -29.16 -4.79
C ALA C 164 -12.90 -27.84 -4.66
N PHE C 165 -12.21 -26.73 -4.89
CA PHE C 165 -12.75 -25.38 -4.64
C PHE C 165 -12.38 -24.46 -5.79
N ILE C 166 -13.06 -23.35 -5.82
CA ILE C 166 -12.65 -22.28 -6.69
C ILE C 166 -11.46 -21.53 -6.03
N PRO C 167 -10.56 -20.93 -6.78
CA PRO C 167 -9.51 -20.10 -6.20
C PRO C 167 -10.18 -18.93 -5.41
N PHE C 168 -9.50 -18.35 -4.42
CA PHE C 168 -8.14 -18.64 -3.99
C PHE C 168 -8.16 -19.40 -2.66
N ASN C 169 -7.51 -20.54 -2.62
CA ASN C 169 -7.56 -21.40 -1.45
C ASN C 169 -6.29 -22.21 -1.40
N ARG C 170 -5.88 -22.53 -0.18
CA ARG C 170 -4.78 -23.44 0.04
C ARG C 170 -4.78 -24.01 1.47
N ASN C 171 -3.76 -24.75 1.81
CA ASN C 171 -3.74 -25.47 3.07
C ASN C 171 -4.95 -26.41 3.16
N GLY C 172 -5.18 -27.13 2.07
CA GLY C 172 -6.23 -28.16 2.04
C GLY C 172 -5.74 -29.43 2.67
N VAL C 173 -6.50 -29.96 3.61
CA VAL C 173 -6.04 -31.11 4.43
C VAL C 173 -7.28 -31.98 4.68
N LEU C 174 -7.26 -33.20 4.11
CA LEU C 174 -8.33 -34.17 4.27
C LEU C 174 -8.31 -34.83 5.63
N PHE C 175 -9.49 -35.17 6.15
CA PHE C 175 -9.62 -36.11 7.28
C PHE C 175 -9.33 -37.55 6.83
N PRO C 176 -8.74 -38.35 7.74
CA PRO C 176 -8.23 -39.64 7.35
C PRO C 176 -9.31 -40.75 7.35
N ARG C 177 -10.55 -40.37 7.53
CA ARG C 177 -11.71 -41.24 7.41
C ARG C 177 -12.88 -40.38 7.06
N LYS C 178 -13.96 -41.00 6.60
CA LYS C 178 -15.18 -40.22 6.38
C LYS C 178 -15.78 -39.78 7.73
N ILE C 179 -16.47 -38.65 7.70
CA ILE C 179 -17.19 -38.06 8.82
C ILE C 179 -18.66 -38.17 8.53
N ASN C 180 -19.34 -39.05 9.28
CA ASN C 180 -20.79 -39.36 9.02
C ASN C 180 -21.06 -39.63 7.53
N GLY C 181 -20.18 -40.41 6.91
CA GLY C 181 -20.42 -40.89 5.57
C GLY C 181 -19.91 -40.05 4.43
N ARG C 182 -19.30 -38.91 4.77
CA ARG C 182 -18.76 -38.01 3.78
C ARG C 182 -17.26 -37.76 3.91
N PHE C 183 -16.62 -37.52 2.79
CA PHE C 183 -15.29 -37.05 2.81
C PHE C 183 -15.33 -35.66 3.43
N ALA C 184 -14.27 -35.28 4.14
CA ALA C 184 -14.16 -33.94 4.77
C ALA C 184 -12.76 -33.37 4.60
N MET C 185 -12.72 -32.05 4.43
CA MET C 185 -11.48 -31.36 4.18
C MET C 185 -11.45 -30.01 4.86
N LEU C 186 -10.34 -29.74 5.51
CA LEU C 186 -10.05 -28.38 5.97
C LEU C 186 -9.44 -27.60 4.85
N SER C 187 -9.73 -26.28 4.77
CA SER C 187 -9.08 -25.43 3.80
C SER C 187 -8.85 -24.05 4.37
N ARG C 188 -8.47 -23.11 3.53
CA ARG C 188 -8.00 -21.82 4.01
C ARG C 188 -8.09 -20.78 2.92
N PRO C 189 -9.23 -20.12 2.87
CA PRO C 189 -9.43 -19.10 1.83
C PRO C 189 -8.30 -18.08 1.87
N SER C 190 -7.82 -17.74 0.70
CA SER C 190 -6.62 -16.95 0.54
C SER C 190 -6.87 -15.80 -0.48
N ASP C 191 -5.75 -15.22 -0.96
CA ASP C 191 -5.76 -14.32 -2.14
C ASP C 191 -4.71 -14.79 -3.11
N ASN C 192 -4.33 -13.94 -4.07
CA ASN C 192 -3.32 -14.37 -5.08
C ASN C 192 -2.00 -13.77 -4.75
N GLY C 193 -1.68 -13.56 -3.48
CA GLY C 193 -0.34 -13.14 -3.14
C GLY C 193 0.11 -13.72 -1.83
N HIS C 194 0.86 -12.92 -1.05
CA HIS C 194 1.35 -13.40 0.24
C HIS C 194 0.29 -13.00 1.24
N THR C 195 -0.69 -13.83 1.32
CA THR C 195 -1.99 -13.49 1.95
C THR C 195 -1.87 -12.93 3.36
N PRO C 196 -2.44 -11.79 3.62
CA PRO C 196 -2.28 -11.14 4.93
C PRO C 196 -3.40 -11.49 5.92
N PHE C 197 -4.09 -12.57 5.68
CA PHE C 197 -5.23 -12.99 6.49
C PHE C 197 -5.40 -14.50 6.30
N GLY C 198 -6.22 -15.16 7.10
CA GLY C 198 -6.49 -16.56 6.87
C GLY C 198 -7.22 -17.25 7.99
N ASP C 199 -8.44 -17.68 7.73
CA ASP C 199 -9.22 -18.50 8.62
C ASP C 199 -9.22 -19.93 8.11
N ILE C 200 -9.32 -20.88 9.01
CA ILE C 200 -9.51 -22.27 8.62
C ILE C 200 -11.02 -22.59 8.49
N PHE C 201 -11.38 -23.22 7.37
CA PHE C 201 -12.71 -23.69 7.07
C PHE C 201 -12.71 -25.20 6.94
N TYR C 202 -13.92 -25.74 6.89
CA TYR C 202 -14.22 -27.17 6.80
C TYR C 202 -15.30 -27.35 5.77
N SER C 203 -15.13 -28.37 4.89
CA SER C 203 -16.15 -28.71 3.87
C SER C 203 -16.27 -30.20 3.73
N GLU C 204 -17.40 -30.65 3.17
CA GLU C 204 -17.63 -32.08 2.99
C GLU C 204 -17.97 -32.38 1.54
N SER C 205 -17.89 -33.66 1.20
CA SER C 205 -18.22 -34.09 -0.14
C SER C 205 -18.72 -35.53 -0.04
N PRO C 206 -19.81 -35.85 -0.76
CA PRO C 206 -20.27 -37.24 -0.80
C PRO C 206 -19.41 -38.10 -1.76
N ASP C 207 -18.66 -37.49 -2.66
CA ASP C 207 -18.11 -38.20 -3.82
C ASP C 207 -16.75 -37.75 -4.34
N MET C 208 -16.11 -36.84 -3.61
CA MET C 208 -14.79 -36.34 -3.99
C MET C 208 -14.86 -35.56 -5.31
N GLU C 209 -16.01 -34.98 -5.60
CA GLU C 209 -16.18 -34.20 -6.82
C GLU C 209 -16.92 -32.92 -6.44
N PHE C 210 -18.05 -33.03 -5.76
CA PHE C 210 -18.85 -31.86 -5.39
C PHE C 210 -18.72 -31.64 -3.86
N TRP C 211 -18.45 -30.41 -3.46
CA TRP C 211 -18.08 -30.02 -2.09
C TRP C 211 -19.07 -28.97 -1.59
N GLY C 212 -19.32 -28.99 -0.29
CA GLY C 212 -20.33 -28.18 0.26
C GLY C 212 -20.37 -28.25 1.77
N ARG C 213 -21.42 -27.68 2.36
CA ARG C 213 -21.59 -27.64 3.79
C ARG C 213 -20.42 -26.96 4.45
N HIS C 214 -20.03 -25.81 3.91
CA HIS C 214 -18.81 -25.10 4.33
C HIS C 214 -19.05 -24.52 5.70
N ARG C 215 -18.11 -24.68 6.59
CA ARG C 215 -18.27 -24.15 7.98
C ARG C 215 -16.93 -23.56 8.41
N HIS C 216 -17.01 -22.39 9.02
CA HIS C 216 -15.87 -21.77 9.65
C HIS C 216 -15.38 -22.55 10.88
N VAL C 217 -14.09 -22.77 10.93
CA VAL C 217 -13.48 -23.51 12.02
C VAL C 217 -12.90 -22.53 13.03
N MET C 218 -11.91 -21.77 12.60
CA MET C 218 -11.35 -20.76 13.48
C MET C 218 -10.67 -19.65 12.74
N SER C 219 -10.56 -18.55 13.43
CA SER C 219 -9.89 -17.36 12.92
C SER C 219 -8.56 -17.17 13.67
N PRO C 220 -7.70 -16.29 13.16
CA PRO C 220 -6.53 -15.85 13.95
C PRO C 220 -6.97 -15.30 15.32
N ALA C 221 -6.12 -15.54 16.28
CA ALA C 221 -6.40 -15.03 17.61
C ALA C 221 -6.14 -13.55 17.67
N ALA C 222 -6.61 -12.92 18.75
CA ALA C 222 -6.30 -11.51 18.97
C ALA C 222 -4.82 -11.37 19.35
N PHE C 223 -4.20 -10.33 18.83
CA PHE C 223 -2.82 -10.01 19.13
C PHE C 223 -2.50 -10.04 20.65
N GLU C 224 -3.42 -9.49 21.44
CA GLU C 224 -3.24 -9.38 22.89
C GLU C 224 -3.44 -10.69 23.66
N VAL C 225 -3.84 -11.74 22.96
CA VAL C 225 -4.09 -13.06 23.59
C VAL C 225 -3.04 -14.08 23.15
N SER C 226 -2.80 -14.14 21.84
CA SER C 226 -1.91 -15.17 21.30
C SER C 226 -1.33 -14.68 19.98
N ALA C 227 -0.20 -13.96 20.01
CA ALA C 227 0.24 -13.25 18.82
C ALA C 227 0.95 -14.15 17.84
N TRP C 228 1.37 -15.34 18.20
CA TRP C 228 2.03 -16.21 17.18
C TRP C 228 1.02 -16.63 16.07
N GLN C 229 -0.31 -16.46 16.34
CA GLN C 229 -1.36 -16.94 15.49
C GLN C 229 -2.36 -15.79 15.27
N CYS C 230 -1.86 -14.54 15.22
CA CYS C 230 -2.76 -13.41 15.09
C CYS C 230 -2.93 -12.83 13.71
N THR C 231 -2.09 -13.20 12.73
CA THR C 231 -2.24 -12.69 11.36
C THR C 231 -3.04 -13.63 10.50
N LYS C 232 -2.64 -14.88 10.47
CA LYS C 232 -3.31 -15.92 9.70
C LYS C 232 -2.95 -17.29 10.29
N ILE C 233 -3.82 -18.26 10.01
CA ILE C 233 -3.58 -19.62 10.43
C ILE C 233 -3.86 -20.55 9.28
N GLY C 234 -3.34 -21.76 9.33
CA GLY C 234 -3.65 -22.78 8.33
C GLY C 234 -3.40 -24.17 8.84
N ALA C 235 -4.18 -25.14 8.35
CA ALA C 235 -4.05 -26.50 8.83
C ALA C 235 -2.72 -27.09 8.31
N GLY C 236 -2.09 -27.97 9.12
CA GLY C 236 -0.79 -28.58 8.77
C GLY C 236 -0.95 -30.05 8.44
N PRO C 237 -0.48 -30.97 9.32
CA PRO C 237 -0.71 -32.37 9.12
C PRO C 237 -2.15 -32.82 9.08
N ILE C 238 -2.37 -34.01 8.52
CA ILE C 238 -3.69 -34.67 8.56
C ILE C 238 -4.17 -34.71 10.00
N PRO C 239 -5.39 -34.37 10.25
CA PRO C 239 -5.95 -34.54 11.60
C PRO C 239 -5.73 -35.93 12.18
N VAL C 240 -5.39 -35.95 13.47
CA VAL C 240 -5.11 -37.19 14.21
C VAL C 240 -6.29 -37.50 15.16
N GLU C 241 -6.98 -38.60 14.95
CA GLU C 241 -8.12 -38.93 15.79
C GLU C 241 -7.65 -39.33 17.17
N THR C 242 -8.30 -38.76 18.19
CA THR C 242 -8.11 -39.18 19.58
C THR C 242 -9.46 -39.35 20.20
N PRO C 243 -9.50 -40.04 21.38
CA PRO C 243 -10.79 -40.14 22.04
C PRO C 243 -11.35 -38.79 22.50
N GLU C 244 -10.53 -37.77 22.59
CA GLU C 244 -10.99 -36.47 23.02
C GLU C 244 -11.15 -35.45 21.90
N GLY C 245 -11.18 -35.94 20.65
CA GLY C 245 -11.35 -35.06 19.54
C GLY C 245 -10.29 -35.24 18.48
N TRP C 246 -10.44 -34.54 17.36
CA TRP C 246 -9.41 -34.49 16.32
C TRP C 246 -8.30 -33.56 16.78
N LEU C 247 -7.11 -34.08 16.85
CA LEU C 247 -5.95 -33.25 17.12
C LEU C 247 -5.45 -32.63 15.79
N LEU C 248 -5.60 -31.32 15.76
CA LEU C 248 -5.19 -30.51 14.69
C LEU C 248 -3.91 -29.77 15.02
N ILE C 249 -2.88 -30.05 14.24
N ILE C 249 -2.88 -30.03 14.23
CA ILE C 249 -1.63 -29.31 14.33
CA ILE C 249 -1.64 -29.29 14.33
C ILE C 249 -1.67 -28.27 13.20
C ILE C 249 -1.66 -28.27 13.19
N TYR C 250 -1.53 -26.98 13.53
CA TYR C 250 -1.74 -25.91 12.54
C TYR C 250 -0.71 -24.84 12.70
N HIS C 251 -0.38 -24.15 11.61
CA HIS C 251 0.53 -23.04 11.66
C HIS C 251 -0.20 -21.75 11.96
N GLY C 252 0.52 -20.86 12.60
CA GLY C 252 0.11 -19.52 12.79
C GLY C 252 1.21 -18.53 12.49
N VAL C 253 0.80 -17.35 12.05
CA VAL C 253 1.71 -16.27 11.64
C VAL C 253 1.57 -15.05 12.52
N LEU C 254 2.73 -14.51 12.84
CA LEU C 254 2.88 -13.18 13.47
C LEU C 254 3.56 -12.26 12.48
N HIS C 255 2.99 -11.06 12.33
CA HIS C 255 3.56 -10.10 11.35
C HIS C 255 4.44 -9.10 12.09
N SER C 256 5.76 -9.26 11.98
CA SER C 256 6.67 -8.33 12.60
C SER C 256 6.97 -7.22 11.58
N CYS C 257 7.78 -6.25 12.01
CA CYS C 257 8.16 -5.20 11.08
C CYS C 257 8.95 -5.76 9.95
N ASN C 258 9.62 -6.89 10.11
CA ASN C 258 10.45 -7.48 9.09
C ASN C 258 9.90 -8.69 8.38
N GLY C 259 8.65 -9.05 8.61
CA GLY C 259 8.00 -10.03 7.80
C GLY C 259 7.19 -10.97 8.70
N TYR C 260 6.93 -12.12 8.16
CA TYR C 260 6.09 -13.10 8.82
C TYR C 260 6.94 -14.09 9.62
N VAL C 261 6.49 -14.54 10.80
CA VAL C 261 7.15 -15.58 11.53
C VAL C 261 6.10 -16.70 11.65
N TYR C 262 6.43 -17.89 11.16
CA TYR C 262 5.53 -19.02 11.19
C TYR C 262 5.94 -19.90 12.35
N SER C 263 4.96 -20.10 13.25
CA SER C 263 5.09 -21.04 14.34
C SER C 263 3.94 -22.06 14.24
N PHE C 264 3.93 -23.07 15.10
CA PHE C 264 2.80 -23.99 15.04
C PHE C 264 2.34 -24.47 16.42
N GLY C 265 1.08 -24.80 16.50
CA GLY C 265 0.44 -25.20 17.73
C GLY C 265 -0.65 -26.19 17.49
N SER C 266 -1.54 -26.32 18.51
CA SER C 266 -2.51 -27.43 18.51
C SER C 266 -3.87 -27.02 18.96
N ALA C 267 -4.87 -27.69 18.36
CA ALA C 267 -6.29 -27.49 18.73
C ALA C 267 -6.94 -28.88 18.75
N LEU C 268 -8.10 -28.99 19.40
CA LEU C 268 -8.89 -30.23 19.42
C LEU C 268 -10.26 -29.88 18.86
N LEU C 269 -10.67 -30.61 17.83
CA LEU C 269 -11.96 -30.42 17.14
C LEU C 269 -12.94 -31.49 17.59
N ASP C 270 -14.20 -31.14 17.67
CA ASP C 270 -15.23 -32.17 17.91
C ASP C 270 -15.14 -33.34 16.93
N LEU C 271 -15.29 -34.57 17.41
CA LEU C 271 -15.20 -35.73 16.54
C LEU C 271 -16.23 -35.82 15.42
N ASP C 272 -17.47 -35.45 15.77
CA ASP C 272 -18.61 -35.62 14.90
C ASP C 272 -18.90 -34.43 14.04
N GLU C 273 -18.57 -33.21 14.51
CA GLU C 273 -18.74 -31.97 13.80
C GLU C 273 -17.42 -31.18 13.89
N PRO C 274 -16.47 -31.52 13.03
CA PRO C 274 -15.10 -31.03 13.29
C PRO C 274 -14.84 -29.58 13.09
N TRP C 275 -15.82 -28.82 12.60
CA TRP C 275 -15.75 -27.41 12.60
C TRP C 275 -15.94 -26.76 13.95
N LYS C 276 -16.35 -27.53 14.97
CA LYS C 276 -16.52 -27.05 16.33
C LYS C 276 -15.21 -27.27 17.06
N VAL C 277 -14.59 -26.17 17.42
CA VAL C 277 -13.33 -26.24 18.17
C VAL C 277 -13.54 -26.33 19.67
N LYS C 278 -12.99 -27.38 20.29
CA LYS C 278 -13.27 -27.61 21.71
C LYS C 278 -12.18 -26.95 22.55
N PHE C 279 -10.93 -27.01 22.08
CA PHE C 279 -9.77 -26.44 22.82
C PHE C 279 -8.76 -25.95 21.78
N ARG C 280 -8.04 -24.90 22.14
CA ARG C 280 -7.06 -24.28 21.21
C ARG C 280 -5.93 -23.68 22.01
N SER C 281 -4.71 -24.11 21.72
CA SER C 281 -3.58 -23.70 22.57
C SER C 281 -3.30 -22.20 22.52
N GLY C 282 -2.97 -21.61 23.65
CA GLY C 282 -2.42 -20.27 23.72
C GLY C 282 -1.00 -20.19 23.29
N PRO C 283 -0.10 -20.92 23.94
CA PRO C 283 1.28 -21.00 23.50
C PRO C 283 1.44 -21.84 22.24
N TYR C 284 2.51 -21.57 21.51
CA TYR C 284 2.87 -22.40 20.39
C TYR C 284 3.47 -23.72 20.95
N LEU C 285 3.49 -24.75 20.09
CA LEU C 285 4.30 -25.95 20.31
C LEU C 285 5.74 -25.80 19.82
N LEU C 286 5.93 -25.10 18.70
CA LEU C 286 7.27 -24.92 18.12
C LEU C 286 7.32 -23.62 17.38
N ALA C 287 8.44 -22.92 17.49
CA ALA C 287 8.65 -21.64 16.83
C ALA C 287 10.08 -21.57 16.33
N PRO C 288 10.35 -20.73 15.34
CA PRO C 288 11.68 -20.79 14.74
C PRO C 288 12.78 -20.33 15.69
N ARG C 289 13.76 -21.20 15.89
CA ARG C 289 14.82 -21.00 16.87
C ARG C 289 16.22 -21.38 16.31
N GLU C 290 16.28 -22.52 15.67
CA GLU C 290 17.52 -23.02 15.15
C GLU C 290 17.92 -22.31 13.87
N PRO C 291 19.30 -22.37 13.62
CA PRO C 291 19.71 -21.70 12.39
C PRO C 291 19.01 -22.24 11.15
N TYR C 292 18.78 -23.52 11.06
CA TYR C 292 18.06 -24.07 9.89
C TYR C 292 16.57 -23.63 9.77
N GLU C 293 16.01 -23.14 10.86
CA GLU C 293 14.65 -22.55 10.85
C GLU C 293 14.70 -21.03 10.62
N CYS C 294 15.80 -20.38 10.99
CA CYS C 294 15.87 -18.93 10.97
C CYS C 294 16.51 -18.39 9.71
N MET C 295 17.35 -19.18 9.04
CA MET C 295 18.09 -18.70 7.88
C MET C 295 17.80 -19.62 6.73
N GLY C 296 17.58 -19.05 5.55
CA GLY C 296 17.29 -19.79 4.35
C GLY C 296 16.46 -18.98 3.40
N ASP C 297 15.80 -19.66 2.47
CA ASP C 297 15.03 -19.01 1.38
C ASP C 297 13.93 -18.06 1.92
N VAL C 298 13.28 -18.45 3.03
CA VAL C 298 12.30 -17.63 3.71
C VAL C 298 12.66 -17.81 5.23
N PRO C 299 13.32 -16.79 5.80
CA PRO C 299 13.68 -16.86 7.21
C PRO C 299 12.45 -16.95 8.15
N ASN C 300 12.67 -17.63 9.26
CA ASN C 300 11.76 -17.65 10.38
C ASN C 300 10.45 -18.39 10.08
N VAL C 301 10.60 -19.64 9.61
CA VAL C 301 9.46 -20.49 9.26
C VAL C 301 9.59 -21.90 9.78
N CYS C 302 8.61 -22.34 10.59
CA CYS C 302 8.42 -23.73 10.94
C CYS C 302 7.02 -24.09 10.45
N PHE C 303 6.90 -24.93 9.40
CA PHE C 303 5.64 -25.11 8.71
C PHE C 303 5.30 -26.62 8.74
N PRO C 304 4.39 -27.05 9.66
CA PRO C 304 4.17 -28.53 9.79
C PRO C 304 3.30 -29.04 8.69
N CYS C 305 3.74 -30.16 8.08
CA CYS C 305 3.19 -30.64 6.85
CA CYS C 305 3.10 -30.65 6.88
C CYS C 305 2.63 -32.12 6.97
N ALA C 306 3.13 -32.88 7.94
CA ALA C 306 2.73 -34.27 8.07
C ALA C 306 3.09 -34.79 9.44
N ALA C 307 2.45 -35.89 9.83
CA ALA C 307 2.79 -36.53 11.11
C ALA C 307 2.53 -38.03 10.96
N LEU C 308 3.39 -38.80 11.60
CA LEU C 308 3.19 -40.24 11.84
C LEU C 308 2.91 -40.46 13.29
N HIS C 309 2.01 -41.35 13.62
CA HIS C 309 1.74 -41.57 15.04
C HIS C 309 1.38 -43.03 15.31
N ASP C 310 1.45 -43.39 16.59
CA ASP C 310 1.12 -44.78 17.09
C ASP C 310 0.27 -44.64 18.34
N ASN C 311 -1.00 -44.95 18.25
CA ASN C 311 -1.90 -44.83 19.37
C ASN C 311 -1.53 -45.72 20.53
N GLU C 312 -0.86 -46.82 20.26
CA GLU C 312 -0.46 -47.78 21.31
C GLU C 312 0.61 -47.19 22.24
N THR C 313 1.59 -46.46 21.70
CA THR C 313 2.61 -45.90 22.54
C THR C 313 2.38 -44.42 22.87
N GLY C 314 1.41 -43.80 22.18
CA GLY C 314 1.23 -42.36 22.22
C GLY C 314 2.21 -41.51 21.45
N ARG C 315 3.13 -42.09 20.70
CA ARG C 315 4.22 -41.30 20.06
C ARG C 315 3.70 -40.67 18.75
N ILE C 316 4.13 -39.47 18.52
CA ILE C 316 3.93 -38.73 17.30
C ILE C 316 5.21 -38.10 16.86
N ALA C 317 5.40 -38.14 15.55
CA ALA C 317 6.57 -37.57 14.88
C ALA C 317 6.00 -36.58 13.81
N ILE C 318 6.33 -35.30 13.96
CA ILE C 318 5.77 -34.23 13.12
C ILE C 318 6.89 -33.73 12.20
N TYR C 319 6.61 -33.77 10.90
CA TYR C 319 7.47 -33.22 9.84
C TYR C 319 7.16 -31.77 9.63
N TYR C 320 8.18 -30.93 9.49
CA TYR C 320 7.93 -29.56 9.27
C TYR C 320 9.00 -28.91 8.37
N GLY C 321 8.55 -28.04 7.49
CA GLY C 321 9.46 -27.29 6.67
C GLY C 321 10.14 -26.20 7.49
N CYS C 322 11.44 -26.04 7.26
CA CYS C 322 12.31 -25.10 7.96
C CYS C 322 12.85 -24.06 7.03
N ALA C 323 12.46 -22.80 7.23
CA ALA C 323 12.94 -21.66 6.46
C ALA C 323 12.64 -21.85 4.95
N ASP C 324 11.60 -22.59 4.63
CA ASP C 324 11.31 -22.95 3.21
C ASP C 324 12.54 -23.49 2.48
N THR C 325 13.37 -24.20 3.21
CA THR C 325 14.65 -24.73 2.64
C THR C 325 14.85 -26.22 2.79
N VAL C 326 14.64 -26.71 4.00
CA VAL C 326 14.89 -28.09 4.39
C VAL C 326 13.70 -28.61 5.19
N THR C 327 13.78 -29.89 5.53
CA THR C 327 12.73 -30.59 6.35
C THR C 327 13.30 -31.04 7.63
N GLY C 328 12.58 -30.76 8.72
CA GLY C 328 12.93 -31.22 10.05
C GLY C 328 11.85 -32.11 10.64
N LEU C 329 12.19 -32.78 11.74
CA LEU C 329 11.27 -33.61 12.51
C LEU C 329 11.27 -33.14 13.95
N ALA C 330 10.09 -33.27 14.57
CA ALA C 330 9.96 -33.04 16.00
C ALA C 330 9.07 -34.13 16.57
N PHE C 331 9.23 -34.43 17.85
CA PHE C 331 8.59 -35.58 18.50
C PHE C 331 7.79 -35.14 19.70
N GLY C 332 6.77 -35.92 20.01
CA GLY C 332 6.08 -35.72 21.27
C GLY C 332 5.14 -36.86 21.56
N TYR C 333 4.43 -36.78 22.65
CA TYR C 333 3.40 -37.76 22.96
C TYR C 333 2.01 -37.18 22.83
N ILE C 334 1.13 -37.93 22.19
CA ILE C 334 -0.21 -37.43 21.94
C ILE C 334 -0.95 -37.08 23.26
N PRO C 335 -0.91 -37.95 24.26
CA PRO C 335 -1.56 -37.54 25.51
C PRO C 335 -1.05 -36.25 26.14
N GLU C 336 0.25 -36.01 26.03
CA GLU C 336 0.87 -34.77 26.53
C GLU C 336 0.38 -33.57 25.71
N ILE C 337 0.29 -33.72 24.39
CA ILE C 337 -0.20 -32.64 23.52
C ILE C 337 -1.66 -32.32 23.77
N ILE C 338 -2.46 -33.34 24.00
CA ILE C 338 -3.86 -33.18 24.38
C ILE C 338 -3.88 -32.38 25.70
N GLU C 339 -3.18 -32.84 26.71
CA GLU C 339 -3.18 -32.18 28.01
C GLU C 339 -2.75 -30.68 27.89
N PHE C 340 -1.73 -30.40 27.07
CA PHE C 340 -1.20 -29.04 26.86
C PHE C 340 -2.29 -28.20 26.20
N THR C 341 -2.97 -28.77 25.22
CA THR C 341 -3.98 -28.01 24.42
C THR C 341 -5.13 -27.59 25.36
N LYS C 342 -5.51 -28.53 26.19
CA LYS C 342 -6.64 -28.28 27.07
C LYS C 342 -6.22 -27.33 28.20
N ARG C 343 -5.11 -27.59 28.87
CA ARG C 343 -4.73 -26.76 29.99
C ARG C 343 -4.37 -25.32 29.63
N THR C 344 -3.90 -25.10 28.41
CA THR C 344 -3.53 -23.80 27.94
C THR C 344 -4.58 -23.16 27.01
N SER C 345 -5.77 -23.72 26.93
CA SER C 345 -6.76 -23.33 25.94
C SER C 345 -7.19 -21.90 26.06
N ILE C 346 -7.26 -21.23 24.91
CA ILE C 346 -7.80 -19.88 24.87
C ILE C 346 -9.25 -19.83 24.53
N ILE C 347 -9.78 -20.80 24.52
CA ILE C 347 -11.24 -20.89 24.46
C ILE C 347 -11.78 -21.82 25.54
N ILE D 28 -6.00 34.34 -37.27
CA ILE D 28 -6.81 35.06 -36.25
C ILE D 28 -7.28 34.10 -35.15
N ILE D 29 -6.61 34.16 -34.01
CA ILE D 29 -6.96 33.22 -32.92
C ILE D 29 -8.30 33.48 -32.20
N PRO D 30 -8.88 32.41 -31.62
CA PRO D 30 -10.11 32.60 -30.91
C PRO D 30 -9.94 33.55 -29.71
N TRP D 31 -11.01 34.28 -29.40
CA TRP D 31 -10.98 35.25 -28.32
C TRP D 31 -12.35 35.56 -27.80
N GLU D 32 -12.45 35.73 -26.49
CA GLU D 32 -13.63 36.28 -25.85
C GLU D 32 -13.09 37.28 -24.88
N GLU D 33 -13.66 38.47 -24.84
CA GLU D 33 -13.18 39.50 -23.91
C GLU D 33 -13.51 39.15 -22.48
N ARG D 34 -12.66 39.59 -21.56
CA ARG D 34 -12.88 39.40 -20.14
C ARG D 34 -14.21 40.02 -19.72
N PRO D 35 -15.06 39.23 -19.06
CA PRO D 35 -16.35 39.77 -18.64
C PRO D 35 -16.15 41.00 -17.75
N ALA D 36 -17.04 41.98 -17.88
CA ALA D 36 -16.99 43.17 -17.00
C ALA D 36 -16.94 42.78 -15.51
N GLY D 37 -16.06 43.45 -14.77
CA GLY D 37 -15.89 43.20 -13.35
C GLY D 37 -15.08 41.97 -12.98
N CYS D 38 -14.89 41.06 -13.95
CA CYS D 38 -14.03 39.85 -13.75
C CYS D 38 -12.61 40.24 -13.43
N LYS D 39 -12.13 39.73 -12.32
CA LYS D 39 -10.81 40.08 -11.84
C LYS D 39 -9.77 38.99 -12.15
N ASP D 40 -10.22 37.93 -12.83
CA ASP D 40 -9.33 36.74 -12.98
C ASP D 40 -8.35 36.95 -14.12
N VAL D 41 -7.16 36.41 -13.95
CA VAL D 41 -6.13 36.40 -14.97
C VAL D 41 -6.55 35.58 -16.19
N LEU D 42 -7.24 34.48 -15.96
CA LEU D 42 -7.81 33.66 -17.03
C LEU D 42 -9.30 33.48 -16.87
N TRP D 43 -10.03 33.46 -17.99
CA TRP D 43 -11.43 33.20 -17.93
C TRP D 43 -11.89 32.16 -18.94
N ARG D 44 -12.87 31.38 -18.56
CA ARG D 44 -13.41 30.34 -19.39
C ARG D 44 -14.25 30.82 -20.55
N SER D 45 -14.15 30.14 -21.66
CA SER D 45 -15.06 30.39 -22.77
C SER D 45 -16.47 30.14 -22.34
N VAL D 46 -17.41 30.99 -22.80
CA VAL D 46 -18.81 30.76 -22.47
C VAL D 46 -19.38 29.61 -23.29
N ALA D 47 -18.67 29.17 -24.31
CA ALA D 47 -19.07 28.04 -25.14
C ALA D 47 -18.50 26.71 -24.67
N ASN D 48 -17.91 26.65 -23.49
CA ASN D 48 -17.33 25.41 -23.08
C ASN D 48 -18.40 24.40 -22.78
N PRO D 49 -18.21 23.11 -23.03
CA PRO D 49 -17.05 22.53 -23.68
C PRO D 49 -17.08 22.82 -25.16
N ILE D 50 -15.92 23.05 -25.75
CA ILE D 50 -15.87 23.33 -27.16
C ILE D 50 -15.78 22.07 -27.98
N ILE D 51 -15.34 20.96 -27.40
CA ILE D 51 -15.42 19.69 -28.09
C ILE D 51 -16.18 18.73 -27.22
N PRO D 52 -17.27 18.16 -27.73
CA PRO D 52 -18.07 17.25 -26.89
C PRO D 52 -17.50 15.83 -26.92
N ARG D 53 -17.90 14.99 -25.99
CA ARG D 53 -17.33 13.67 -25.86
C ARG D 53 -17.70 12.70 -27.01
N ASP D 54 -18.81 13.00 -27.70
CA ASP D 54 -19.42 12.09 -28.63
C ASP D 54 -19.35 12.59 -30.05
N LEU D 55 -18.33 13.39 -30.34
CA LEU D 55 -18.18 13.94 -31.65
C LEU D 55 -17.99 12.85 -32.73
N LEU D 56 -17.32 11.75 -32.39
CA LEU D 56 -17.08 10.71 -33.32
C LEU D 56 -18.02 9.53 -33.07
N PRO D 57 -18.21 8.69 -34.07
CA PRO D 57 -19.18 7.61 -33.83
C PRO D 57 -18.79 6.65 -32.68
N THR D 58 -17.50 6.54 -32.41
CA THR D 58 -17.05 5.60 -31.37
C THR D 58 -16.34 6.32 -30.24
N SER D 59 -16.43 7.65 -30.14
CA SER D 59 -15.70 8.35 -29.11
C SER D 59 -16.39 8.28 -27.77
N ASN D 60 -15.60 8.00 -26.74
CA ASN D 60 -16.06 8.05 -25.36
C ASN D 60 -15.75 9.37 -24.72
N SER D 61 -14.65 9.97 -25.15
CA SER D 61 -14.17 11.22 -24.57
C SER D 61 -13.13 11.83 -25.48
N ILE D 62 -13.03 13.16 -25.43
CA ILE D 62 -12.11 13.90 -26.27
C ILE D 62 -11.58 15.04 -25.48
N PHE D 63 -10.31 14.95 -25.09
CA PHE D 63 -9.87 15.84 -24.02
C PHE D 63 -8.39 16.25 -24.01
N ASN D 64 -7.63 15.83 -25.01
CA ASN D 64 -6.43 16.68 -25.38
C ASN D 64 -6.57 17.12 -26.82
N SER D 65 -6.17 18.34 -27.04
CA SER D 65 -6.34 19.02 -28.29
C SER D 65 -5.02 19.78 -28.53
N ALA D 66 -4.08 19.09 -29.19
CA ALA D 66 -2.83 19.73 -29.51
C ALA D 66 -3.03 20.53 -30.83
N VAL D 67 -3.27 21.81 -30.69
N VAL D 67 -3.12 21.83 -30.70
CA VAL D 67 -3.69 22.68 -31.79
CA VAL D 67 -3.68 22.70 -31.72
C VAL D 67 -2.57 23.63 -32.21
C VAL D 67 -2.60 23.68 -32.19
N VAL D 68 -2.56 23.92 -33.51
CA VAL D 68 -1.63 24.88 -34.09
C VAL D 68 -2.35 25.60 -35.26
N PRO D 69 -1.84 26.76 -35.60
CA PRO D 69 -2.24 27.33 -36.88
C PRO D 69 -1.76 26.45 -38.04
N PHE D 70 -2.61 26.29 -39.04
CA PHE D 70 -2.26 25.59 -40.25
C PHE D 70 -2.95 26.19 -41.47
N GLY D 71 -2.16 26.69 -42.39
CA GLY D 71 -2.72 27.23 -43.61
C GLY D 71 -3.71 28.30 -43.26
N ASP D 72 -4.89 28.11 -43.82
CA ASP D 72 -6.01 29.00 -43.67
C ASP D 72 -6.50 29.07 -42.21
N GLY D 73 -6.48 27.95 -41.55
CA GLY D 73 -7.10 27.84 -40.27
C GLY D 73 -6.18 27.12 -39.31
N PHE D 74 -6.70 26.04 -38.80
CA PHE D 74 -6.06 25.38 -37.70
C PHE D 74 -6.07 23.88 -37.89
N ALA D 75 -5.05 23.25 -37.32
CA ALA D 75 -5.01 21.83 -37.29
C ALA D 75 -4.70 21.37 -35.88
N GLY D 76 -4.92 20.10 -35.65
CA GLY D 76 -4.48 19.51 -34.35
C GLY D 76 -4.47 17.99 -34.33
N VAL D 77 -3.89 17.48 -33.22
CA VAL D 77 -3.85 16.08 -32.91
C VAL D 77 -4.56 15.93 -31.60
N PHE D 78 -5.61 15.12 -31.61
CA PHE D 78 -6.56 14.99 -30.52
C PHE D 78 -6.50 13.63 -29.89
N ARG D 79 -6.51 13.61 -28.56
CA ARG D 79 -6.70 12.36 -27.86
C ARG D 79 -8.19 12.09 -27.86
N CYS D 80 -8.58 10.99 -28.47
CA CYS D 80 -9.98 10.54 -28.44
C CYS D 80 -10.00 9.11 -27.93
N ASP D 81 -10.51 8.90 -26.73
CA ASP D 81 -10.60 7.55 -26.21
C ASP D 81 -11.92 6.99 -26.69
N ASP D 82 -11.89 5.77 -27.11
CA ASP D 82 -13.07 5.13 -27.68
C ASP D 82 -13.94 4.39 -26.70
N THR D 83 -15.01 3.77 -27.20
CA THR D 83 -15.94 3.07 -26.38
C THR D 83 -15.33 1.70 -25.84
N SER D 84 -14.15 1.35 -26.31
CA SER D 84 -13.36 0.25 -25.72
C SER D 84 -12.40 0.78 -24.62
N ARG D 85 -12.46 2.08 -24.40
CA ARG D 85 -11.54 2.83 -23.57
C ARG D 85 -10.11 2.65 -24.01
N ARG D 86 -9.91 2.44 -25.34
CA ARG D 86 -8.60 2.57 -25.89
C ARG D 86 -8.21 4.05 -26.13
N MET D 87 -6.94 4.34 -25.98
CA MET D 87 -6.36 5.70 -26.14
C MET D 87 -5.78 5.84 -27.55
N ARG D 88 -6.39 6.67 -28.38
CA ARG D 88 -5.95 6.85 -29.75
C ARG D 88 -5.83 8.36 -30.05
N LEU D 89 -4.98 8.69 -31.01
CA LEU D 89 -4.81 10.06 -31.51
C LEU D 89 -5.56 10.18 -32.87
N HIS D 90 -6.21 11.32 -33.08
CA HIS D 90 -6.90 11.60 -34.36
C HIS D 90 -6.53 12.97 -34.83
N VAL D 91 -6.44 13.17 -36.15
CA VAL D 91 -6.17 14.49 -36.68
C VAL D 91 -7.46 15.22 -36.85
N GLY D 92 -7.42 16.54 -36.63
CA GLY D 92 -8.59 17.39 -36.86
C GLY D 92 -8.18 18.74 -37.49
N PHE D 93 -9.19 19.40 -38.06
CA PHE D 93 -9.04 20.70 -38.74
C PHE D 93 -10.17 21.59 -38.36
N SER D 94 -9.88 22.89 -38.33
CA SER D 94 -10.88 23.87 -37.95
C SER D 94 -10.60 25.19 -38.64
N LYS D 95 -11.68 25.89 -39.00
CA LYS D 95 -11.53 27.22 -39.55
C LYS D 95 -11.28 28.24 -38.44
N ASP D 96 -11.92 28.05 -37.29
CA ASP D 96 -11.86 29.05 -36.21
C ASP D 96 -11.18 28.60 -34.92
N ALA D 97 -10.74 27.34 -34.91
CA ALA D 97 -10.05 26.72 -33.74
C ALA D 97 -11.00 26.39 -32.60
N ILE D 98 -12.30 26.53 -32.86
CA ILE D 98 -13.34 26.31 -31.87
C ILE D 98 -14.20 25.09 -32.20
N ASN D 99 -14.66 25.05 -33.43
CA ASN D 99 -15.46 23.96 -33.92
C ASN D 99 -14.59 23.09 -34.77
N TRP D 100 -14.48 21.83 -34.39
CA TRP D 100 -13.48 20.99 -34.94
C TRP D 100 -14.07 19.87 -35.80
N ASN D 101 -13.42 19.61 -36.91
N ASN D 101 -13.44 19.62 -36.93
CA ASN D 101 -13.74 18.47 -37.73
CA ASN D 101 -13.71 18.47 -37.78
C ASN D 101 -12.62 17.47 -37.52
C ASN D 101 -12.61 17.48 -37.50
N ILE D 102 -12.93 16.47 -36.72
CA ILE D 102 -11.93 15.44 -36.36
C ILE D 102 -12.21 14.20 -37.18
N LYS D 103 -11.12 13.62 -37.69
CA LYS D 103 -11.15 12.45 -38.50
C LYS D 103 -11.62 11.28 -37.68
N GLU D 104 -12.52 10.49 -38.24
CA GLU D 104 -13.14 9.39 -37.48
C GLU D 104 -12.18 8.28 -37.18
N GLU D 105 -11.20 8.05 -38.07
CA GLU D 105 -10.25 6.97 -37.95
C GLU D 105 -9.01 7.48 -37.28
N PRO D 106 -8.50 6.71 -36.28
CA PRO D 106 -7.26 7.12 -35.70
C PRO D 106 -6.10 7.32 -36.63
N LEU D 107 -5.28 8.29 -36.24
N LEU D 107 -5.27 8.29 -36.24
CA LEU D 107 -4.01 8.58 -36.82
CA LEU D 107 -4.00 8.57 -36.84
C LEU D 107 -3.07 7.37 -36.82
C LEU D 107 -3.09 7.35 -36.83
N LYS D 108 -2.44 7.10 -37.97
CA LYS D 108 -1.52 5.96 -38.13
C LYS D 108 -0.20 6.52 -38.63
N PHE D 109 0.89 6.11 -38.03
CA PHE D 109 2.19 6.62 -38.44
C PHE D 109 2.94 5.72 -39.39
N GLN D 110 3.70 6.35 -40.28
CA GLN D 110 4.65 5.63 -41.13
C GLN D 110 5.93 5.47 -40.29
N CYS D 111 6.51 4.29 -40.26
CA CYS D 111 7.83 4.20 -39.63
C CYS D 111 8.69 3.11 -40.25
N ASP D 112 9.95 3.40 -40.56
CA ASP D 112 10.77 2.37 -41.20
C ASP D 112 11.29 1.31 -40.21
N ASP D 113 11.23 1.57 -38.90
CA ASP D 113 11.62 0.55 -37.92
C ASP D 113 10.37 -0.10 -37.35
N GLU D 114 10.20 -1.37 -37.59
CA GLU D 114 9.03 -2.11 -37.23
C GLU D 114 8.86 -2.23 -35.69
N GLU D 115 9.97 -2.27 -34.98
CA GLU D 115 9.99 -2.37 -33.52
C GLU D 115 9.42 -1.09 -32.90
N ILE D 116 9.87 0.08 -33.35
CA ILE D 116 9.35 1.37 -32.85
C ILE D 116 7.98 1.67 -33.43
N GLY D 117 7.73 1.24 -34.67
CA GLY D 117 6.47 1.57 -35.29
C GLY D 117 5.29 0.76 -34.83
N THR D 118 5.49 -0.20 -33.97
CA THR D 118 4.38 -0.98 -33.40
C THR D 118 3.50 -0.09 -32.49
N TRP D 119 2.21 -0.05 -32.78
CA TRP D 119 1.27 0.78 -32.00
C TRP D 119 0.76 -0.05 -30.85
N VAL D 120 0.89 0.48 -29.64
CA VAL D 120 0.27 -0.11 -28.45
C VAL D 120 -0.82 0.81 -27.93
N TYR D 121 -0.47 2.07 -27.63
CA TYR D 121 -1.46 3.09 -27.20
C TYR D 121 -0.82 4.47 -27.36
N GLY D 122 -1.62 5.53 -27.34
CA GLY D 122 -1.07 6.84 -27.36
C GLY D 122 -2.02 7.83 -26.77
N TYR D 123 -1.48 8.74 -25.96
CA TYR D 123 -2.24 9.81 -25.37
C TYR D 123 -1.35 11.03 -25.18
N ASP D 124 -1.90 12.11 -24.64
CA ASP D 124 -1.08 13.26 -24.19
C ASP D 124 -0.34 13.96 -25.37
N PRO D 125 -1.03 14.17 -26.51
CA PRO D 125 -0.27 14.75 -27.62
C PRO D 125 0.11 16.21 -27.42
N ARG D 126 1.20 16.66 -28.02
CA ARG D 126 1.56 18.05 -28.14
C ARG D 126 2.14 18.28 -29.57
N VAL D 127 1.83 19.44 -30.15
CA VAL D 127 2.22 19.69 -31.53
C VAL D 127 2.83 21.09 -31.62
N CYS D 128 3.98 21.21 -32.29
CA CYS D 128 4.50 22.51 -32.63
C CYS D 128 5.33 22.49 -33.92
N PHE D 129 5.39 23.66 -34.55
CA PHE D 129 6.27 23.86 -35.73
C PHE D 129 7.69 24.18 -35.27
N ILE D 130 8.70 23.47 -35.81
CA ILE D 130 10.09 23.82 -35.55
C ILE D 130 10.81 23.84 -36.92
N GLU D 131 11.26 25.04 -37.27
CA GLU D 131 12.14 25.26 -38.42
C GLU D 131 11.47 25.07 -39.76
N ASP D 132 11.04 23.85 -40.03
CA ASP D 132 10.55 23.48 -41.33
C ASP D 132 9.42 22.47 -41.36
N ARG D 133 8.90 22.07 -40.20
CA ARG D 133 7.88 21.04 -40.24
C ARG D 133 7.21 20.99 -38.86
N TYR D 134 6.09 20.27 -38.75
CA TYR D 134 5.41 20.14 -37.47
C TYR D 134 5.89 18.89 -36.80
N TYR D 135 6.18 19.01 -35.51
CA TYR D 135 6.52 17.84 -34.68
C TYR D 135 5.38 17.58 -33.73
N VAL D 136 5.07 16.29 -33.61
CA VAL D 136 4.12 15.74 -32.68
C VAL D 136 4.87 14.85 -31.64
N THR D 137 4.60 15.08 -30.37
CA THR D 137 5.04 14.20 -29.27
C THR D 137 3.80 13.67 -28.64
N TRP D 138 3.93 12.50 -28.03
CA TRP D 138 2.80 11.97 -27.33
C TRP D 138 3.27 10.94 -26.34
N CYS D 139 2.40 10.53 -25.42
CA CYS D 139 2.79 9.43 -24.48
C CYS D 139 2.51 8.14 -25.26
N ASN D 140 3.59 7.47 -25.69
CA ASN D 140 3.55 6.31 -26.54
C ASN D 140 3.89 5.05 -25.77
N GLY D 141 3.09 4.02 -25.91
CA GLY D 141 3.40 2.76 -25.29
C GLY D 141 4.55 2.03 -25.93
N TYR D 142 5.68 1.88 -25.19
CA TYR D 142 6.78 1.01 -25.62
C TYR D 142 7.29 0.39 -24.38
N HIS D 143 6.70 -0.76 -24.01
CA HIS D 143 6.99 -1.40 -22.73
C HIS D 143 6.79 -0.44 -21.58
N GLY D 144 5.69 0.28 -21.67
CA GLY D 144 5.32 1.30 -20.72
C GLY D 144 5.33 2.69 -21.35
N PRO D 145 4.92 3.71 -20.60
CA PRO D 145 4.84 5.03 -21.17
C PRO D 145 6.20 5.65 -21.43
N THR D 146 6.34 6.18 -22.65
CA THR D 146 7.46 7.01 -22.96
C THR D 146 7.03 8.08 -23.90
N ILE D 147 7.98 8.89 -24.39
N ILE D 147 7.98 8.85 -24.42
CA ILE D 147 7.63 10.00 -25.30
CA ILE D 147 7.59 9.97 -25.27
C ILE D 147 7.88 9.60 -26.75
C ILE D 147 7.87 9.65 -26.74
N GLY D 148 6.81 9.41 -27.50
CA GLY D 148 6.90 9.22 -28.90
C GLY D 148 7.12 10.53 -29.59
N VAL D 149 7.77 10.47 -30.79
CA VAL D 149 8.04 11.61 -31.61
C VAL D 149 7.72 11.27 -33.05
N ALA D 150 7.16 12.27 -33.73
CA ALA D 150 6.93 12.15 -35.21
C ALA D 150 6.92 13.53 -35.79
N TYR D 151 6.97 13.59 -37.13
CA TYR D 151 6.77 14.86 -37.81
C TYR D 151 5.79 14.73 -38.98
N THR D 152 5.29 15.88 -39.36
CA THR D 152 4.40 16.01 -40.55
C THR D 152 4.65 17.36 -41.21
N PHE D 153 4.60 17.36 -42.56
CA PHE D 153 4.62 18.62 -43.29
C PHE D 153 3.18 19.08 -43.62
N ASP D 154 2.20 18.17 -43.59
CA ASP D 154 0.88 18.48 -44.17
C ASP D 154 -0.30 18.03 -43.38
N PHE D 155 -0.05 17.39 -42.21
CA PHE D 155 -1.12 16.88 -41.39
C PHE D 155 -1.91 15.81 -42.06
N GLU D 156 -1.30 15.17 -43.05
CA GLU D 156 -1.85 13.99 -43.73
C GLU D 156 -0.99 12.76 -43.51
N THR D 157 0.30 12.86 -43.83
N THR D 157 0.30 12.87 -43.79
CA THR D 157 1.21 11.76 -43.57
CA THR D 157 1.24 11.77 -43.60
C THR D 157 2.10 12.16 -42.38
C THR D 157 2.09 12.17 -42.37
N PHE D 158 2.23 11.24 -41.44
CA PHE D 158 3.03 11.46 -40.22
C PHE D 158 4.12 10.40 -40.14
N HIS D 159 5.34 10.85 -39.94
CA HIS D 159 6.51 10.00 -40.01
C HIS D 159 7.04 9.88 -38.55
N GLN D 160 7.06 8.65 -38.05
CA GLN D 160 7.51 8.41 -36.67
C GLN D 160 8.99 8.33 -36.58
N LEU D 161 9.50 8.95 -35.52
CA LEU D 161 10.93 8.96 -35.23
C LEU D 161 11.16 8.13 -33.96
N GLU D 162 12.40 8.08 -33.55
CA GLU D 162 12.69 7.33 -32.33
C GLU D 162 11.96 7.88 -31.10
N ASN D 163 11.53 6.99 -30.20
CA ASN D 163 11.04 7.47 -28.93
C ASN D 163 12.19 8.23 -28.24
N ALA D 164 11.93 9.38 -27.64
CA ALA D 164 13.02 10.22 -27.15
C ALA D 164 13.73 9.69 -25.94
N PHE D 165 13.00 8.97 -25.12
CA PHE D 165 13.52 8.53 -23.83
C PHE D 165 13.15 7.08 -23.60
N ILE D 166 13.77 6.48 -22.60
CA ILE D 166 13.36 5.21 -22.08
C ILE D 166 12.15 5.41 -21.16
N PRO D 167 11.24 4.44 -21.07
CA PRO D 167 10.16 4.55 -20.12
C PRO D 167 10.79 4.65 -18.71
N PHE D 168 10.09 5.22 -17.73
CA PHE D 168 8.71 5.71 -17.83
C PHE D 168 8.71 7.25 -17.84
N ASN D 169 8.05 7.82 -18.84
CA ASN D 169 8.08 9.24 -19.02
C ASN D 169 6.84 9.68 -19.78
N ARG D 170 6.42 10.87 -19.48
CA ARG D 170 5.35 11.48 -20.20
C ARG D 170 5.33 13.00 -20.03
N ASN D 171 4.31 13.66 -20.53
CA ASN D 171 4.25 15.09 -20.53
C ASN D 171 5.46 15.67 -21.26
N GLY D 172 5.75 15.07 -22.40
CA GLY D 172 6.86 15.55 -23.30
C GLY D 172 6.31 16.72 -24.11
N VAL D 173 7.04 17.84 -24.05
CA VAL D 173 6.66 19.08 -24.70
C VAL D 173 7.87 19.76 -25.31
N LEU D 174 7.90 19.87 -26.64
CA LEU D 174 9.02 20.50 -27.34
C LEU D 174 8.96 22.00 -27.28
N PHE D 175 10.12 22.61 -27.27
CA PHE D 175 10.26 24.02 -27.56
C PHE D 175 10.04 24.32 -29.03
N PRO D 176 9.42 25.49 -29.28
CA PRO D 176 9.06 25.84 -30.68
C PRO D 176 10.18 26.36 -31.58
N ARG D 177 11.41 26.39 -31.09
CA ARG D 177 12.57 26.63 -31.88
C ARG D 177 13.72 25.92 -31.19
N LYS D 178 14.84 25.83 -31.86
CA LYS D 178 16.04 25.33 -31.26
C LYS D 178 16.53 26.32 -30.26
N ILE D 179 17.20 25.79 -29.25
CA ILE D 179 17.82 26.54 -28.17
C ILE D 179 19.28 26.38 -28.37
N ASN D 180 19.94 27.45 -28.83
CA ASN D 180 21.37 27.40 -29.04
C ASN D 180 21.79 26.22 -29.95
N GLY D 181 21.00 25.95 -30.95
CA GLY D 181 21.36 25.06 -31.98
C GLY D 181 20.92 23.62 -31.74
N ARG D 182 20.17 23.38 -30.66
CA ARG D 182 19.66 22.04 -30.39
C ARG D 182 18.17 22.08 -30.16
N PHE D 183 17.50 21.02 -30.59
CA PHE D 183 16.13 20.74 -30.23
C PHE D 183 16.11 20.59 -28.69
N ALA D 184 14.98 20.97 -28.11
CA ALA D 184 14.82 20.93 -26.64
C ALA D 184 13.41 20.47 -26.28
N MET D 185 13.32 19.67 -25.21
CA MET D 185 12.05 19.13 -24.82
C MET D 185 11.93 19.07 -23.29
N LEU D 186 10.81 19.52 -22.77
CA LEU D 186 10.43 19.22 -21.40
C LEU D 186 9.85 17.80 -21.31
N SER D 187 10.04 17.16 -20.15
CA SER D 187 9.49 15.79 -19.92
C SER D 187 9.23 15.64 -18.43
N ARG D 188 8.78 14.50 -18.07
CA ARG D 188 8.25 14.28 -16.73
C ARG D 188 8.39 12.80 -16.37
N PRO D 189 9.53 12.42 -15.81
CA PRO D 189 9.75 11.03 -15.37
C PRO D 189 8.59 10.52 -14.47
N SER D 190 8.18 9.31 -14.75
CA SER D 190 6.93 8.77 -14.26
C SER D 190 7.14 7.32 -13.80
N ASP D 191 6.06 6.59 -13.53
CA ASP D 191 6.13 5.15 -13.23
C ASP D 191 5.12 4.53 -14.15
N ASN D 192 4.70 3.31 -13.91
CA ASN D 192 3.79 2.62 -14.83
C ASN D 192 2.38 2.53 -14.26
N GLY D 193 2.06 3.46 -13.38
CA GLY D 193 0.71 3.56 -12.81
C GLY D 193 0.22 4.99 -12.80
N HIS D 194 -0.68 5.25 -11.84
CA HIS D 194 -1.12 6.63 -11.57
C HIS D 194 -0.07 7.29 -10.71
N THR D 195 0.88 7.87 -11.35
CA THR D 195 2.17 8.17 -10.69
C THR D 195 2.01 9.13 -9.53
N PRO D 196 2.56 8.80 -8.37
CA PRO D 196 2.36 9.61 -7.20
C PRO D 196 3.43 10.64 -6.95
N PHE D 197 4.14 11.04 -7.98
CA PHE D 197 5.23 11.97 -7.91
C PHE D 197 5.38 12.60 -9.31
N GLY D 198 6.15 13.65 -9.44
CA GLY D 198 6.51 14.15 -10.75
C GLY D 198 7.21 15.48 -10.79
N ASP D 199 8.46 15.47 -11.23
CA ASP D 199 9.27 16.66 -11.47
C ASP D 199 9.32 16.92 -12.99
N ILE D 200 9.39 18.17 -13.40
CA ILE D 200 9.64 18.50 -14.78
C ILE D 200 11.15 18.58 -15.04
N PHE D 201 11.56 17.98 -16.16
CA PHE D 201 12.92 17.94 -16.62
C PHE D 201 13.00 18.53 -18.04
N TYR D 202 14.23 18.84 -18.42
CA TYR D 202 14.59 19.47 -19.69
C TYR D 202 15.71 18.68 -20.32
N SER D 203 15.62 18.44 -21.63
CA SER D 203 16.62 17.72 -22.35
C SER D 203 16.79 18.34 -23.73
N GLU D 204 17.96 18.07 -24.34
CA GLU D 204 18.28 18.55 -25.68
C GLU D 204 18.74 17.45 -26.61
N SER D 205 18.69 17.74 -27.93
CA SER D 205 19.10 16.81 -28.96
C SER D 205 19.67 17.61 -30.13
N PRO D 206 20.82 17.15 -30.66
CA PRO D 206 21.34 17.80 -31.89
C PRO D 206 20.53 17.41 -33.13
N ASP D 207 19.75 16.33 -33.08
CA ASP D 207 19.28 15.66 -34.27
C ASP D 207 17.89 15.01 -34.28
N MET D 208 17.14 15.18 -33.19
CA MET D 208 15.84 14.51 -33.05
C MET D 208 15.96 12.99 -32.98
N GLU D 209 17.14 12.49 -32.60
CA GLU D 209 17.34 11.05 -32.45
C GLU D 209 17.98 10.74 -31.11
N PHE D 210 19.05 11.44 -30.77
CA PHE D 210 19.78 11.19 -29.54
C PHE D 210 19.59 12.38 -28.62
N TRP D 211 19.27 12.08 -27.36
CA TRP D 211 18.84 13.12 -26.38
C TRP D 211 19.75 13.06 -25.17
N GLY D 212 19.88 14.20 -24.50
CA GLY D 212 20.87 14.30 -23.46
C GLY D 212 20.91 15.68 -22.80
N ARG D 213 21.94 15.94 -21.99
N ARG D 213 21.94 15.92 -21.99
CA ARG D 213 22.06 17.16 -21.21
CA ARG D 213 22.09 17.13 -21.21
C ARG D 213 20.82 17.41 -20.39
C ARG D 213 20.84 17.40 -20.39
N HIS D 214 20.41 16.38 -19.64
CA HIS D 214 19.16 16.41 -18.90
C HIS D 214 19.36 17.31 -17.69
N ARG D 215 18.38 18.13 -17.46
CA ARG D 215 18.42 19.06 -16.35
C ARG D 215 17.10 19.11 -15.65
N HIS D 216 17.14 19.17 -14.31
CA HIS D 216 15.91 19.32 -13.55
C HIS D 216 15.40 20.74 -13.65
N VAL D 217 14.12 20.88 -13.88
CA VAL D 217 13.48 22.21 -14.00
C VAL D 217 12.84 22.59 -12.68
N MET D 218 11.86 21.79 -12.30
CA MET D 218 11.21 22.03 -11.01
C MET D 218 10.48 20.82 -10.49
N SER D 219 10.32 20.83 -9.15
CA SER D 219 9.64 19.78 -8.41
C SER D 219 8.30 20.31 -7.92
N PRO D 220 7.45 19.41 -7.44
CA PRO D 220 6.25 19.89 -6.77
C PRO D 220 6.63 20.82 -5.58
N ALA D 221 5.76 21.78 -5.32
CA ALA D 221 5.84 22.67 -4.19
C ALA D 221 5.54 21.96 -2.87
N ALA D 222 5.98 22.53 -1.77
CA ALA D 222 5.56 22.05 -0.44
C ALA D 222 4.06 22.26 -0.25
N PHE D 223 3.44 21.34 0.47
CA PHE D 223 2.02 21.37 0.73
C PHE D 223 1.63 22.70 1.39
N GLU D 224 2.47 23.21 2.29
N GLU D 224 2.48 23.16 2.30
CA GLU D 224 2.11 24.42 3.03
CA GLU D 224 2.19 24.35 3.07
C GLU D 224 2.31 25.68 2.21
C GLU D 224 2.37 25.66 2.26
N VAL D 225 3.01 25.58 1.08
CA VAL D 225 3.28 26.72 0.26
C VAL D 225 2.28 26.83 -0.88
N SER D 226 2.06 25.74 -1.60
CA SER D 226 1.19 25.79 -2.77
C SER D 226 0.65 24.39 -3.05
N ALA D 227 -0.46 24.03 -2.41
CA ALA D 227 -0.89 22.63 -2.40
C ALA D 227 -1.48 22.18 -3.71
N TRP D 228 -1.89 23.08 -4.57
CA TRP D 228 -2.45 22.63 -5.86
C TRP D 228 -1.39 21.95 -6.74
N GLN D 229 -0.14 22.10 -6.36
CA GLN D 229 0.97 21.62 -7.13
C GLN D 229 1.99 20.89 -6.25
N CYS D 230 1.50 20.25 -5.23
CA CYS D 230 2.39 19.57 -4.24
C CYS D 230 2.57 18.07 -4.42
N THR D 231 1.77 17.39 -5.24
CA THR D 231 1.92 15.95 -5.47
C THR D 231 2.85 15.67 -6.63
N LYS D 232 2.54 16.33 -7.74
CA LYS D 232 3.25 16.16 -9.00
C LYS D 232 2.83 17.33 -9.91
N ILE D 233 3.72 17.59 -10.89
CA ILE D 233 3.56 18.59 -11.89
C ILE D 233 3.94 18.05 -13.26
N GLY D 234 3.44 18.72 -14.30
CA GLY D 234 3.82 18.33 -15.67
C GLY D 234 3.56 19.46 -16.65
N ALA D 235 4.37 19.53 -17.69
CA ALA D 235 4.22 20.62 -18.68
C ALA D 235 2.96 20.45 -19.46
N GLY D 236 2.39 21.58 -19.87
CA GLY D 236 1.16 21.61 -20.67
C GLY D 236 1.43 22.07 -22.11
N PRO D 237 0.92 23.24 -22.46
CA PRO D 237 1.08 23.76 -23.82
C PRO D 237 2.58 23.88 -24.14
N ILE D 238 2.88 24.00 -25.45
CA ILE D 238 4.20 24.37 -25.93
C ILE D 238 4.65 25.67 -25.23
N PRO D 239 5.90 25.73 -24.80
CA PRO D 239 6.33 26.96 -24.20
C PRO D 239 6.14 28.18 -25.14
N VAL D 240 5.77 29.32 -24.55
CA VAL D 240 5.54 30.57 -25.28
C VAL D 240 6.64 31.55 -25.01
N GLU D 241 7.35 31.94 -26.08
CA GLU D 241 8.47 32.83 -25.95
C GLU D 241 8.01 34.26 -25.64
N THR D 242 8.59 34.85 -24.62
CA THR D 242 8.33 36.27 -24.24
C THR D 242 9.68 36.92 -24.02
N PRO D 243 9.70 38.28 -23.96
CA PRO D 243 10.91 38.97 -23.60
C PRO D 243 11.44 38.65 -22.18
N GLU D 244 10.58 38.26 -21.25
CA GLU D 244 11.02 37.99 -19.87
C GLU D 244 11.36 36.48 -19.62
N GLY D 245 11.40 35.66 -20.68
CA GLY D 245 11.55 34.19 -20.53
C GLY D 245 10.50 33.37 -21.28
N TRP D 246 10.58 32.05 -21.16
CA TRP D 246 9.56 31.17 -21.70
C TRP D 246 8.40 31.07 -20.71
N LEU D 247 7.20 31.41 -21.18
CA LEU D 247 5.97 31.14 -20.41
C LEU D 247 5.61 29.70 -20.50
N LEU D 248 5.68 29.05 -19.33
CA LEU D 248 5.30 27.66 -19.17
C LEU D 248 3.98 27.61 -18.41
N ILE D 249 2.97 27.02 -19.05
CA ILE D 249 1.74 26.70 -18.42
C ILE D 249 1.82 25.18 -18.11
N TYR D 250 1.57 24.87 -16.85
CA TYR D 250 1.80 23.48 -16.41
C TYR D 250 0.68 23.07 -15.41
N HIS D 251 0.41 21.76 -15.36
CA HIS D 251 -0.58 21.24 -14.36
C HIS D 251 0.15 20.89 -13.09
N GLY D 252 -0.63 20.92 -12.01
CA GLY D 252 -0.20 20.50 -10.64
C GLY D 252 -1.34 19.65 -10.06
N VAL D 253 -0.95 18.68 -9.25
CA VAL D 253 -1.89 17.84 -8.57
C VAL D 253 -1.87 18.01 -7.06
N LEU D 254 -3.08 18.00 -6.48
N LEU D 254 -3.08 17.98 -6.48
CA LEU D 254 -3.34 17.91 -5.03
CA LEU D 254 -3.32 17.92 -5.05
C LEU D 254 -4.00 16.59 -4.81
C LEU D 254 -4.00 16.62 -4.80
N HIS D 255 -3.50 15.91 -3.79
CA HIS D 255 -4.01 14.55 -3.37
C HIS D 255 -4.91 14.71 -2.19
N SER D 256 -6.20 14.66 -2.46
CA SER D 256 -7.23 14.71 -1.40
C SER D 256 -7.55 13.30 -0.94
N CYS D 257 -8.40 13.16 0.06
CA CYS D 257 -8.74 11.81 0.50
C CYS D 257 -9.50 11.05 -0.55
N ASN D 258 -10.11 11.75 -1.51
CA ASN D 258 -10.91 11.17 -2.55
C ASN D 258 -10.31 11.20 -3.93
N GLY D 259 -9.04 11.56 -4.03
CA GLY D 259 -8.38 11.42 -5.31
C GLY D 259 -7.50 12.62 -5.63
N TYR D 260 -7.15 12.73 -6.90
CA TYR D 260 -6.31 13.81 -7.32
C TYR D 260 -7.21 14.92 -7.86
N VAL D 261 -6.80 16.13 -7.63
CA VAL D 261 -7.40 17.31 -8.25
C VAL D 261 -6.31 17.95 -9.13
N TYR D 262 -6.59 18.09 -10.43
CA TYR D 262 -5.65 18.73 -11.35
C TYR D 262 -6.07 20.19 -11.59
N SER D 263 -5.16 21.09 -11.29
CA SER D 263 -5.26 22.50 -11.60
C SER D 263 -4.10 22.90 -12.49
N PHE D 264 -4.08 24.15 -12.94
CA PHE D 264 -2.90 24.61 -13.70
C PHE D 264 -2.51 26.02 -13.43
N GLY D 265 -1.24 26.30 -13.69
CA GLY D 265 -0.63 27.56 -13.31
C GLY D 265 0.47 27.90 -14.32
N SER D 266 1.30 28.86 -13.90
CA SER D 266 2.27 29.47 -14.79
C SER D 266 3.61 29.68 -14.13
N ALA D 267 4.66 29.55 -14.98
CA ALA D 267 6.06 29.81 -14.60
C ALA D 267 6.76 30.50 -15.76
N LEU D 268 7.86 31.17 -15.43
CA LEU D 268 8.74 31.81 -16.43
C LEU D 268 10.14 31.24 -16.35
N LEU D 269 10.59 30.65 -17.47
CA LEU D 269 11.89 30.00 -17.57
C LEU D 269 12.88 30.90 -18.29
N ASP D 270 14.14 30.78 -17.92
CA ASP D 270 15.17 31.56 -18.58
C ASP D 270 15.17 31.29 -20.06
N LEU D 271 15.36 32.33 -20.89
CA LEU D 271 15.34 32.12 -22.34
C LEU D 271 16.41 31.21 -22.87
N ASP D 272 17.62 31.37 -22.37
CA ASP D 272 18.79 30.65 -22.92
C ASP D 272 19.04 29.33 -22.26
N GLU D 273 18.64 29.20 -21.00
CA GLU D 273 18.83 27.98 -20.24
C GLU D 273 17.54 27.66 -19.53
N PRO D 274 16.60 27.04 -20.25
CA PRO D 274 15.20 27.01 -19.80
C PRO D 274 14.90 26.11 -18.58
N TRP D 275 15.88 25.32 -18.15
CA TRP D 275 15.77 24.59 -16.89
C TRP D 275 15.95 25.51 -15.67
N LYS D 276 16.42 26.74 -15.88
CA LYS D 276 16.50 27.72 -14.83
C LYS D 276 15.20 28.51 -14.71
N VAL D 277 14.50 28.35 -13.59
N VAL D 277 14.54 28.37 -13.57
CA VAL D 277 13.19 28.99 -13.44
CA VAL D 277 13.21 28.97 -13.37
C VAL D 277 13.37 30.37 -12.80
C VAL D 277 13.38 30.38 -12.81
N LYS D 278 12.78 31.37 -13.45
CA LYS D 278 12.83 32.77 -12.97
C LYS D 278 11.73 33.07 -11.99
N PHE D 279 10.51 32.64 -12.30
CA PHE D 279 9.31 32.95 -11.47
C PHE D 279 8.36 31.73 -11.61
N ARG D 280 7.57 31.43 -10.55
CA ARG D 280 6.65 30.29 -10.52
C ARG D 280 5.48 30.71 -9.68
N SER D 281 4.27 30.70 -10.21
CA SER D 281 3.09 31.20 -9.45
C SER D 281 2.79 30.33 -8.21
N GLY D 282 2.42 30.99 -7.14
CA GLY D 282 1.82 30.38 -5.95
C GLY D 282 0.40 29.93 -6.21
N PRO D 283 -0.49 30.87 -6.62
CA PRO D 283 -1.87 30.53 -6.97
C PRO D 283 -1.91 29.78 -8.30
N TYR D 284 -2.95 29.00 -8.48
CA TYR D 284 -3.26 28.49 -9.78
C TYR D 284 -3.82 29.60 -10.68
N LEU D 285 -3.83 29.31 -11.99
CA LEU D 285 -4.61 30.08 -12.97
C LEU D 285 -6.07 29.59 -13.13
N LEU D 286 -6.24 28.29 -13.12
CA LEU D 286 -7.52 27.64 -13.30
C LEU D 286 -7.54 26.31 -12.51
N ALA D 287 -8.70 26.05 -11.91
CA ALA D 287 -8.98 24.82 -11.15
C ALA D 287 -10.40 24.35 -11.38
N PRO D 288 -10.69 23.08 -11.11
CA PRO D 288 -11.99 22.56 -11.45
C PRO D 288 -13.09 23.19 -10.63
N ARG D 289 -14.04 23.74 -11.35
CA ARG D 289 -15.14 24.49 -10.78
C ARG D 289 -16.47 24.16 -11.45
N GLU D 290 -16.48 24.13 -12.78
CA GLU D 290 -17.66 23.88 -13.53
C GLU D 290 -18.08 22.42 -13.55
N PRO D 291 -19.43 22.20 -13.82
CA PRO D 291 -19.81 20.79 -13.83
C PRO D 291 -19.04 19.96 -14.84
N TYR D 292 -18.68 20.53 -15.96
CA TYR D 292 -17.96 19.78 -17.01
C TYR D 292 -16.52 19.50 -16.59
N GLU D 293 -16.02 20.22 -15.59
CA GLU D 293 -14.67 19.94 -15.02
C GLU D 293 -14.70 19.00 -13.81
N CYS D 294 -15.86 18.94 -13.15
CA CYS D 294 -16.00 18.26 -11.86
C CYS D 294 -16.80 17.00 -11.97
N MET D 295 -17.39 16.69 -13.11
CA MET D 295 -18.10 15.45 -13.28
C MET D 295 -17.68 14.89 -14.65
N GLY D 296 -17.37 13.59 -14.68
CA GLY D 296 -16.86 12.94 -15.87
C GLY D 296 -16.15 11.66 -15.58
N ASP D 297 -15.45 11.16 -16.59
CA ASP D 297 -14.73 9.94 -16.50
C ASP D 297 -13.68 10.07 -15.40
N VAL D 298 -13.11 11.26 -15.21
CA VAL D 298 -12.13 11.49 -14.13
C VAL D 298 -12.48 12.81 -13.51
N PRO D 299 -13.22 12.76 -12.38
CA PRO D 299 -13.68 14.04 -11.85
C PRO D 299 -12.53 14.97 -11.36
N ASN D 300 -12.80 16.25 -11.35
CA ASN D 300 -11.88 17.26 -10.89
C ASN D 300 -10.53 17.41 -11.61
N VAL D 301 -10.63 17.57 -12.91
CA VAL D 301 -9.48 17.69 -13.77
C VAL D 301 -9.61 18.89 -14.73
N CYS D 302 -8.63 19.77 -14.66
CA CYS D 302 -8.36 20.77 -15.70
C CYS D 302 -6.95 20.55 -16.18
N PHE D 303 -6.75 20.09 -17.41
CA PHE D 303 -5.44 19.62 -17.84
C PHE D 303 -5.07 20.37 -19.15
N PRO D 304 -4.23 21.38 -19.05
CA PRO D 304 -3.88 22.15 -20.23
C PRO D 304 -2.93 21.43 -21.22
N CYS D 305 -3.25 21.51 -22.51
CA CYS D 305 -2.60 20.73 -23.51
C CYS D 305 -2.07 21.56 -24.73
N ALA D 306 -2.62 22.75 -24.91
CA ALA D 306 -2.16 23.61 -26.02
C ALA D 306 -2.56 25.02 -25.77
N ALA D 307 -1.94 25.93 -26.50
CA ALA D 307 -2.30 27.32 -26.58
C ALA D 307 -1.99 27.93 -27.93
N LEU D 308 -2.83 28.91 -28.28
CA LEU D 308 -2.59 29.73 -29.45
C LEU D 308 -2.40 31.11 -28.86
N HIS D 309 -1.52 31.91 -29.47
CA HIS D 309 -1.29 33.25 -28.96
C HIS D 309 -0.91 34.28 -30.03
N ASP D 310 -1.06 35.56 -29.68
CA ASP D 310 -0.78 36.66 -30.63
C ASP D 310 0.00 37.70 -29.89
N ASN D 311 1.27 37.84 -30.25
CA ASN D 311 2.13 38.76 -29.53
C ASN D 311 1.75 40.20 -29.75
N GLU D 312 1.11 40.49 -30.87
CA GLU D 312 0.76 41.88 -31.13
C GLU D 312 -0.29 42.34 -30.15
N THR D 313 -1.26 41.50 -29.80
CA THR D 313 -2.32 41.90 -28.89
C THR D 313 -2.10 41.38 -27.47
N GLY D 314 -1.15 40.47 -27.31
CA GLY D 314 -0.99 39.77 -26.03
C GLY D 314 -2.05 38.70 -25.74
N ARG D 315 -2.95 38.42 -26.67
CA ARG D 315 -4.00 37.47 -26.39
C ARG D 315 -3.39 36.06 -26.35
N ILE D 316 -3.92 35.24 -25.43
CA ILE D 316 -3.60 33.78 -25.41
C ILE D 316 -4.88 33.03 -25.16
N ALA D 317 -5.04 31.93 -25.89
CA ALA D 317 -6.15 30.99 -25.74
C ALA D 317 -5.57 29.61 -25.39
N ILE D 318 -5.98 29.13 -24.22
CA ILE D 318 -5.49 27.88 -23.67
C ILE D 318 -6.55 26.81 -23.72
N TYR D 319 -6.18 25.72 -24.38
CA TYR D 319 -7.00 24.51 -24.48
C TYR D 319 -6.71 23.59 -23.30
N TYR D 320 -7.76 23.03 -22.72
CA TYR D 320 -7.60 22.14 -21.56
C TYR D 320 -8.62 21.03 -21.53
N GLY D 321 -8.18 19.83 -21.12
CA GLY D 321 -9.09 18.75 -20.90
C GLY D 321 -9.83 18.92 -19.58
N CYS D 322 -11.09 18.59 -19.65
CA CYS D 322 -12.07 18.74 -18.58
C CYS D 322 -12.58 17.38 -18.15
N ALA D 323 -12.27 17.01 -16.89
CA ALA D 323 -12.71 15.75 -16.30
C ALA D 323 -12.36 14.54 -17.13
N ASP D 324 -11.31 14.66 -17.93
CA ASP D 324 -10.94 13.64 -18.93
C ASP D 324 -12.12 13.19 -19.80
N THR D 325 -12.97 14.16 -20.17
CA THR D 325 -14.20 13.85 -20.88
C THR D 325 -14.37 14.72 -22.09
N VAL D 326 -14.20 16.03 -21.91
CA VAL D 326 -14.43 17.03 -22.96
C VAL D 326 -13.25 18.01 -23.00
N THR D 327 -13.25 18.90 -23.97
CA THR D 327 -12.22 19.92 -24.13
C THR D 327 -12.87 21.30 -23.93
N GLY D 328 -12.15 22.12 -23.21
CA GLY D 328 -12.55 23.47 -22.89
C GLY D 328 -11.47 24.45 -23.33
N LEU D 329 -11.90 25.71 -23.39
CA LEU D 329 -11.06 26.84 -23.72
C LEU D 329 -11.07 27.89 -22.64
N ALA D 330 -9.94 28.52 -22.40
CA ALA D 330 -9.84 29.66 -21.48
C ALA D 330 -8.93 30.74 -22.09
N PHE D 331 -9.13 31.99 -21.69
CA PHE D 331 -8.47 33.13 -22.38
C PHE D 331 -7.76 33.95 -21.36
N GLY D 332 -6.70 34.63 -21.80
CA GLY D 332 -6.03 35.62 -20.94
C GLY D 332 -5.10 36.51 -21.75
N TYR D 333 -4.39 37.41 -21.06
CA TYR D 333 -3.37 38.26 -21.71
C TYR D 333 -1.98 37.90 -21.20
N ILE D 334 -1.06 37.66 -22.12
CA ILE D 334 0.30 37.24 -21.76
C ILE D 334 0.95 38.23 -20.79
N PRO D 335 0.82 39.55 -21.03
CA PRO D 335 1.47 40.44 -20.03
C PRO D 335 0.86 40.34 -18.63
N GLU D 336 -0.45 40.08 -18.56
CA GLU D 336 -1.09 39.92 -17.24
C GLU D 336 -0.63 38.62 -16.58
N ILE D 337 -0.53 37.57 -17.36
CA ILE D 337 -0.06 36.29 -16.83
C ILE D 337 1.36 36.46 -16.28
N ILE D 338 2.20 37.17 -17.02
CA ILE D 338 3.55 37.38 -16.59
C ILE D 338 3.65 38.19 -15.28
N GLU D 339 2.87 39.26 -15.20
CA GLU D 339 2.85 40.09 -14.00
C GLU D 339 2.33 39.29 -12.79
N PHE D 340 1.31 38.48 -13.02
CA PHE D 340 0.76 37.58 -11.99
C PHE D 340 1.82 36.59 -11.51
N THR D 341 2.55 35.97 -12.47
CA THR D 341 3.54 34.95 -12.13
C THR D 341 4.66 35.60 -11.27
N LYS D 342 5.03 36.82 -11.62
CA LYS D 342 6.06 37.50 -10.83
C LYS D 342 5.60 37.93 -9.46
N ARG D 343 4.44 38.57 -9.42
CA ARG D 343 3.95 39.14 -8.18
C ARG D 343 3.74 38.04 -7.16
N THR D 344 3.28 36.89 -7.62
CA THR D 344 2.86 35.81 -6.71
C THR D 344 3.93 34.71 -6.60
N SER D 345 5.13 34.99 -7.09
CA SER D 345 6.14 33.95 -7.21
C SER D 345 6.54 33.31 -5.89
N ILE D 346 6.63 31.99 -5.94
CA ILE D 346 7.12 31.22 -4.82
C ILE D 346 8.59 30.89 -4.93
N ILE D 347 9.26 31.44 -5.93
CA ILE D 347 10.71 31.54 -5.98
C ILE D 347 11.14 33.00 -6.04
N VAL E 27 -30.60 36.53 21.90
CA VAL E 27 -30.08 35.95 20.59
C VAL E 27 -31.20 35.36 19.73
N ILE E 28 -31.22 35.70 18.47
CA ILE E 28 -32.18 35.16 17.50
C ILE E 28 -31.43 34.22 16.53
N ILE E 29 -31.55 32.91 16.74
CA ILE E 29 -30.80 31.95 15.95
C ILE E 29 -31.53 31.77 14.63
N PRO E 30 -30.78 31.49 13.57
CA PRO E 30 -31.41 31.23 12.31
C PRO E 30 -32.31 30.03 12.40
N TRP E 31 -33.36 30.03 11.57
CA TRP E 31 -34.37 28.99 11.64
C TRP E 31 -35.21 28.94 10.41
N GLU E 32 -35.51 27.72 9.98
CA GLU E 32 -36.56 27.45 9.02
C GLU E 32 -37.37 26.30 9.51
N GLU E 33 -38.67 26.39 9.38
CA GLU E 33 -39.51 25.32 9.88
C GLU E 33 -39.42 24.12 9.00
N ARG E 34 -39.74 22.98 9.58
CA ARG E 34 -39.62 21.74 8.87
C ARG E 34 -40.50 21.80 7.63
N PRO E 35 -39.96 21.33 6.49
CA PRO E 35 -40.77 21.30 5.29
C PRO E 35 -42.01 20.48 5.44
N ALA E 36 -43.06 20.86 4.74
CA ALA E 36 -44.33 20.14 4.88
C ALA E 36 -44.12 18.70 4.40
N GLY E 37 -44.62 17.74 5.17
CA GLY E 37 -44.47 16.33 4.83
C GLY E 37 -43.16 15.73 5.31
N CYS E 38 -42.20 16.57 5.71
CA CYS E 38 -40.85 16.08 6.03
C CYS E 38 -40.82 15.28 7.33
N LYS E 39 -40.33 14.04 7.27
CA LYS E 39 -40.23 13.27 8.47
C LYS E 39 -38.82 13.15 9.01
N ASP E 40 -37.88 13.91 8.46
CA ASP E 40 -36.49 13.78 8.91
C ASP E 40 -36.28 14.57 10.17
N VAL E 41 -35.34 14.11 10.99
CA VAL E 41 -34.96 14.83 12.22
C VAL E 41 -34.24 16.13 11.96
N LEU E 42 -33.42 16.17 10.92
CA LEU E 42 -32.84 17.43 10.49
C LEU E 42 -33.19 17.71 9.07
N TRP E 43 -33.32 18.99 8.75
CA TRP E 43 -33.60 19.39 7.39
C TRP E 43 -32.70 20.53 6.94
N ARG E 44 -32.26 20.43 5.70
CA ARG E 44 -31.38 21.42 5.11
C ARG E 44 -32.12 22.75 4.89
N SER E 45 -31.40 23.84 5.07
CA SER E 45 -31.90 25.14 4.66
C SER E 45 -32.21 25.13 3.19
N VAL E 46 -33.29 25.82 2.83
CA VAL E 46 -33.59 26.00 1.43
C VAL E 46 -32.61 26.99 0.75
N ALA E 47 -31.91 27.80 1.54
CA ALA E 47 -30.92 28.80 1.07
C ALA E 47 -29.49 28.22 0.86
N ASN E 48 -29.30 26.94 1.07
CA ASN E 48 -27.95 26.39 0.98
C ASN E 48 -27.40 26.46 -0.41
N PRO E 49 -26.10 26.67 -0.58
CA PRO E 49 -25.12 26.95 0.47
C PRO E 49 -25.26 28.35 0.99
N ILE E 50 -25.08 28.54 2.29
CA ILE E 50 -25.26 29.87 2.88
C ILE E 50 -23.98 30.69 2.73
N ILE E 51 -22.84 30.01 2.51
CA ILE E 51 -21.60 30.75 2.23
C ILE E 51 -20.98 30.19 1.00
N PRO E 52 -20.75 31.03 -0.03
CA PRO E 52 -20.19 30.57 -1.30
C PRO E 52 -18.69 30.53 -1.29
N ARG E 53 -18.12 29.80 -2.24
CA ARG E 53 -16.67 29.49 -2.22
C ARG E 53 -15.81 30.74 -2.53
N ASP E 54 -16.42 31.72 -3.21
CA ASP E 54 -15.68 32.89 -3.70
C ASP E 54 -16.07 34.18 -3.00
N LEU E 55 -16.40 34.09 -1.74
CA LEU E 55 -16.66 35.27 -0.97
C LEU E 55 -15.51 36.28 -0.85
N LEU E 56 -14.28 35.81 -0.80
CA LEU E 56 -13.14 36.67 -0.68
C LEU E 56 -12.44 36.71 -2.05
N PRO E 57 -11.61 37.76 -2.27
CA PRO E 57 -10.98 37.90 -3.59
C PRO E 57 -10.06 36.72 -4.00
N THR E 58 -9.49 36.07 -3.00
CA THR E 58 -8.63 34.95 -3.23
C THR E 58 -9.13 33.65 -2.61
N SER E 59 -10.38 33.59 -2.22
CA SER E 59 -10.85 32.33 -1.65
C SER E 59 -11.16 31.27 -2.72
N ASN E 60 -10.66 30.04 -2.46
CA ASN E 60 -11.01 28.87 -3.22
C ASN E 60 -12.18 28.10 -2.67
N SER E 61 -12.39 28.18 -1.38
CA SER E 61 -13.39 27.41 -0.69
C SER E 61 -13.49 27.91 0.75
N ILE E 62 -14.71 27.83 1.27
CA ILE E 62 -15.04 28.31 2.62
C ILE E 62 -15.99 27.30 3.21
N PHE E 63 -15.51 26.48 4.17
CA PHE E 63 -16.23 25.29 4.58
C PHE E 63 -15.97 24.90 6.00
N ASN E 64 -15.22 25.67 6.76
CA ASN E 64 -15.57 25.50 8.23
C ASN E 64 -15.98 26.84 8.72
N SER E 65 -16.96 26.80 9.58
CA SER E 65 -17.57 28.03 10.02
C SER E 65 -17.76 27.83 11.51
N ALA E 66 -16.79 28.22 12.31
CA ALA E 66 -16.98 28.12 13.75
C ALA E 66 -17.70 29.38 14.32
N VAL E 67 -19.03 29.26 14.51
CA VAL E 67 -19.92 30.42 14.72
C VAL E 67 -20.38 30.44 16.17
N VAL E 68 -20.48 31.67 16.72
CA VAL E 68 -21.07 31.89 18.03
C VAL E 68 -21.85 33.20 18.04
N PRO E 69 -22.83 33.32 18.93
CA PRO E 69 -23.42 34.66 19.17
C PRO E 69 -22.38 35.60 19.67
N PHE E 70 -22.49 36.89 19.31
CA PHE E 70 -21.55 37.89 19.73
C PHE E 70 -22.18 39.28 19.65
N GLY E 71 -22.20 39.99 20.77
CA GLY E 71 -23.01 41.22 20.92
C GLY E 71 -24.43 41.03 20.42
N ASP E 72 -24.83 41.95 19.54
CA ASP E 72 -26.13 41.91 18.91
C ASP E 72 -26.28 40.96 17.69
N GLY E 73 -25.19 40.27 17.32
CA GLY E 73 -25.25 39.44 16.13
C GLY E 73 -24.42 38.21 16.42
N PHE E 74 -23.56 37.86 15.46
CA PHE E 74 -22.77 36.63 15.43
C PHE E 74 -21.36 36.90 14.95
N ALA E 75 -20.44 36.08 15.44
CA ALA E 75 -19.06 36.10 14.94
C ALA E 75 -18.62 34.65 14.69
N GLY E 76 -17.53 34.51 13.96
CA GLY E 76 -16.98 33.18 13.80
C GLY E 76 -15.54 33.25 13.29
N VAL E 77 -14.93 32.07 13.27
CA VAL E 77 -13.63 31.87 12.64
C VAL E 77 -13.85 30.84 11.54
N PHE E 78 -13.43 31.18 10.31
CA PHE E 78 -13.76 30.45 9.12
C PHE E 78 -12.51 29.88 8.50
N ARG E 79 -12.58 28.64 8.04
CA ARG E 79 -11.48 28.08 7.28
C ARG E 79 -11.74 28.44 5.82
N CYS E 80 -10.89 29.32 5.30
CA CYS E 80 -10.97 29.80 3.91
C CYS E 80 -9.71 29.33 3.23
N ASP E 81 -9.80 28.32 2.37
CA ASP E 81 -8.61 27.94 1.64
C ASP E 81 -8.49 28.91 0.43
N ASP E 82 -7.26 29.35 0.12
CA ASP E 82 -7.06 30.27 -0.93
C ASP E 82 -6.77 29.61 -2.26
N THR E 83 -6.53 30.44 -3.27
CA THR E 83 -6.22 29.94 -4.62
C THR E 83 -4.78 29.37 -4.78
N SER E 84 -3.97 29.43 -3.73
CA SER E 84 -2.76 28.62 -3.58
C SER E 84 -3.01 27.28 -2.85
N ARG E 85 -4.23 27.07 -2.44
CA ARG E 85 -4.73 25.92 -1.70
C ARG E 85 -4.06 25.86 -0.35
N ARG E 86 -3.61 27.02 0.15
CA ARG E 86 -3.23 27.16 1.58
C ARG E 86 -4.49 27.24 2.48
N MET E 87 -4.37 26.71 3.69
CA MET E 87 -5.45 26.66 4.67
C MET E 87 -5.18 27.79 5.68
N ARG E 88 -6.08 28.78 5.68
CA ARG E 88 -6.00 29.91 6.58
C ARG E 88 -7.32 30.06 7.31
N LEU E 89 -7.25 30.72 8.45
CA LEU E 89 -8.43 31.10 9.26
C LEU E 89 -8.68 32.59 9.14
N HIS E 90 -9.98 32.96 9.03
CA HIS E 90 -10.43 34.34 8.86
C HIS E 90 -11.54 34.60 9.83
N VAL E 91 -11.55 35.79 10.41
CA VAL E 91 -12.68 36.17 11.26
C VAL E 91 -13.84 36.67 10.42
N GLY E 92 -15.06 36.35 10.83
CA GLY E 92 -16.24 36.97 10.16
C GLY E 92 -17.31 37.40 11.18
N PHE E 93 -18.23 38.24 10.72
CA PHE E 93 -19.34 38.77 11.53
C PHE E 93 -20.60 38.75 10.67
N SER E 94 -21.76 38.61 11.32
CA SER E 94 -23.06 38.55 10.65
C SER E 94 -24.13 39.03 11.57
N LYS E 95 -25.13 39.73 11.04
CA LYS E 95 -26.25 40.06 11.89
C LYS E 95 -27.22 38.89 12.09
N ASP E 96 -27.36 38.04 11.07
CA ASP E 96 -28.37 36.98 11.01
C ASP E 96 -27.84 35.54 11.08
N ALA E 97 -26.53 35.44 11.04
CA ALA E 97 -25.82 34.13 11.11
C ALA E 97 -25.86 33.35 9.81
N ILE E 98 -26.41 33.97 8.73
CA ILE E 98 -26.58 33.34 7.44
C ILE E 98 -25.75 34.06 6.37
N ASN E 99 -25.78 35.39 6.42
CA ASN E 99 -25.05 36.26 5.50
C ASN E 99 -23.84 36.83 6.18
N TRP E 100 -22.64 36.37 5.78
CA TRP E 100 -21.42 36.64 6.53
C TRP E 100 -20.52 37.64 5.83
N ASN E 101 -19.89 38.49 6.66
CA ASN E 101 -18.91 39.41 6.27
C ASN E 101 -17.62 38.92 6.85
N ILE E 102 -16.87 38.26 5.99
CA ILE E 102 -15.58 37.64 6.37
C ILE E 102 -14.40 38.53 6.02
N LYS E 103 -13.50 38.74 6.96
CA LYS E 103 -12.32 39.56 6.66
C LYS E 103 -11.43 38.99 5.56
N GLU E 104 -10.97 39.87 4.63
CA GLU E 104 -10.13 39.43 3.51
C GLU E 104 -8.76 38.90 3.96
N GLU E 105 -8.23 39.47 5.02
CA GLU E 105 -6.90 39.12 5.51
C GLU E 105 -7.04 38.01 6.57
N PRO E 106 -6.14 37.03 6.52
CA PRO E 106 -6.22 35.96 7.51
C PRO E 106 -5.94 36.44 8.90
N LEU E 107 -6.56 35.74 9.83
CA LEU E 107 -6.33 35.91 11.22
C LEU E 107 -4.87 35.60 11.57
N LYS E 108 -4.28 36.45 12.38
CA LYS E 108 -2.95 36.22 12.94
C LYS E 108 -3.06 36.13 14.48
N PHE E 109 -2.29 35.23 15.04
CA PHE E 109 -2.28 34.99 16.49
C PHE E 109 -1.08 35.68 17.15
N GLN E 110 -1.31 36.33 18.28
CA GLN E 110 -0.25 36.83 19.08
C GLN E 110 0.18 35.68 19.97
N CYS E 111 1.47 35.58 20.16
CA CYS E 111 2.07 34.56 21.02
C CYS E 111 3.45 35.09 21.44
N ASP E 112 3.86 34.99 22.69
CA ASP E 112 5.22 35.47 22.93
C ASP E 112 6.26 34.34 22.80
N ASP E 113 5.83 33.10 22.58
CA ASP E 113 6.80 32.01 22.35
C ASP E 113 6.90 31.84 20.85
N GLU E 114 8.07 32.08 20.31
CA GLU E 114 8.23 32.18 18.88
C GLU E 114 8.03 30.79 18.23
N GLU E 115 8.46 29.77 18.95
CA GLU E 115 8.37 28.41 18.45
C GLU E 115 6.92 27.98 18.24
N ILE E 116 6.09 28.20 19.23
CA ILE E 116 4.69 27.82 19.13
C ILE E 116 3.96 28.83 18.24
N GLY E 117 4.38 30.11 18.27
CA GLY E 117 3.70 31.09 17.51
C GLY E 117 4.01 31.07 16.02
N THR E 118 4.89 30.18 15.57
CA THR E 118 5.16 30.07 14.12
C THR E 118 3.99 29.47 13.37
N TRP E 119 3.55 30.16 12.32
CA TRP E 119 2.42 29.69 11.55
C TRP E 119 2.90 28.81 10.43
N VAL E 120 2.33 27.63 10.30
CA VAL E 120 2.60 26.71 9.18
C VAL E 120 1.31 26.54 8.37
N TYR E 121 0.23 26.14 9.02
CA TYR E 121 -1.12 26.11 8.45
C TYR E 121 -2.18 25.93 9.53
N GLY E 122 -3.46 26.12 9.20
CA GLY E 122 -4.52 25.88 10.18
C GLY E 122 -5.83 25.59 9.51
N TYR E 123 -6.59 24.67 10.07
CA TYR E 123 -7.90 24.32 9.52
C TYR E 123 -8.80 23.86 10.64
N ASP E 124 -10.02 23.42 10.38
CA ASP E 124 -10.81 22.70 11.38
C ASP E 124 -11.06 23.62 12.63
N PRO E 125 -11.39 24.94 12.49
CA PRO E 125 -11.59 25.71 13.74
C PRO E 125 -12.86 25.30 14.49
N ARG E 126 -12.84 25.52 15.81
CA ARG E 126 -14.08 25.43 16.63
C ARG E 126 -13.99 26.53 17.65
N VAL E 127 -15.13 27.14 17.99
CA VAL E 127 -15.09 28.26 18.91
C VAL E 127 -16.20 28.16 19.96
N CYS E 128 -15.87 28.44 21.21
CA CYS E 128 -16.88 28.56 22.26
C CYS E 128 -16.44 29.55 23.32
N PHE E 129 -17.44 30.04 24.07
CA PHE E 129 -17.18 30.88 25.25
C PHE E 129 -17.07 29.97 26.46
N ILE E 130 -16.01 30.15 27.24
CA ILE E 130 -15.84 29.47 28.49
C ILE E 130 -15.48 30.53 29.58
N GLU E 131 -16.47 30.76 30.46
CA GLU E 131 -16.39 31.61 31.67
C GLU E 131 -16.20 33.08 31.45
N ASP E 132 -15.15 33.51 30.76
CA ASP E 132 -14.83 34.91 30.65
C ASP E 132 -14.29 35.31 29.30
N ARG E 133 -14.29 34.38 28.34
CA ARG E 133 -13.67 34.72 27.04
C ARG E 133 -13.99 33.62 26.03
N TYR E 134 -13.70 33.91 24.78
CA TYR E 134 -13.91 32.94 23.74
C TYR E 134 -12.62 32.16 23.50
N TYR E 135 -12.74 30.84 23.37
CA TYR E 135 -11.58 30.07 22.99
C TYR E 135 -11.76 29.50 21.59
N VAL E 136 -10.66 29.40 20.87
N VAL E 136 -10.63 29.47 20.86
CA VAL E 136 -10.68 28.87 19.52
CA VAL E 136 -10.54 28.90 19.50
C VAL E 136 -9.64 27.77 19.47
C VAL E 136 -9.61 27.69 19.56
N THR E 137 -10.05 26.59 19.01
CA THR E 137 -9.14 25.49 18.75
C THR E 137 -9.14 25.31 17.22
N TRP E 138 -8.07 24.75 16.71
CA TRP E 138 -7.96 24.49 15.29
C TRP E 138 -6.91 23.41 15.10
N CYS E 139 -6.91 22.80 13.90
CA CYS E 139 -5.84 21.84 13.55
C CYS E 139 -4.69 22.69 13.08
N ASN E 140 -3.67 22.78 13.93
CA ASN E 140 -2.53 23.64 13.78
C ASN E 140 -1.28 22.82 13.39
N GLY E 141 -0.53 23.28 12.40
CA GLY E 141 0.63 22.52 12.00
C GLY E 141 1.80 22.85 12.90
N TYR E 142 2.29 21.83 13.58
CA TYR E 142 3.48 21.91 14.39
C TYR E 142 4.16 20.59 14.24
N HIS E 143 5.04 20.51 13.23
CA HIS E 143 5.57 19.20 12.83
C HIS E 143 4.49 18.14 12.57
N GLY E 144 3.43 18.58 11.87
CA GLY E 144 2.27 17.76 11.68
C GLY E 144 1.06 18.31 12.39
N PRO E 145 -0.08 17.67 12.14
CA PRO E 145 -1.33 18.21 12.70
C PRO E 145 -1.38 17.99 14.22
N THR E 146 -1.75 19.08 14.92
CA THR E 146 -2.12 19.00 16.32
C THR E 146 -3.16 20.02 16.59
N ILE E 147 -3.58 20.11 17.87
CA ILE E 147 -4.64 21.02 18.21
C ILE E 147 -4.02 22.31 18.78
N GLY E 148 -4.24 23.38 18.02
CA GLY E 148 -3.87 24.70 18.44
C GLY E 148 -4.96 25.25 19.33
N VAL E 149 -4.59 26.14 20.24
N VAL E 149 -4.60 26.17 20.21
CA VAL E 149 -5.57 26.79 21.12
CA VAL E 149 -5.51 26.75 21.21
C VAL E 149 -5.23 28.27 21.25
C VAL E 149 -5.23 28.28 21.28
N ALA E 150 -6.28 29.07 21.28
CA ALA E 150 -6.15 30.55 21.49
C ALA E 150 -7.42 31.06 22.13
N TYR E 151 -7.31 32.29 22.60
CA TYR E 151 -8.47 33.00 23.17
C TYR E 151 -8.54 34.44 22.66
N THR E 152 -9.77 34.96 22.70
CA THR E 152 -10.05 36.34 22.32
C THR E 152 -11.15 36.84 23.25
N PHE E 153 -11.07 38.11 23.62
CA PHE E 153 -12.20 38.79 24.26
C PHE E 153 -13.10 39.53 23.25
N ASP E 154 -12.61 39.83 22.05
CA ASP E 154 -13.32 40.74 21.14
C ASP E 154 -13.40 40.35 19.70
N PHE E 155 -12.89 39.18 19.34
CA PHE E 155 -12.77 38.79 17.96
C PHE E 155 -11.98 39.72 17.07
N GLU E 156 -11.03 40.41 17.67
CA GLU E 156 -10.10 41.23 16.94
C GLU E 156 -8.70 40.83 17.24
N THR E 157 -8.36 40.74 18.49
CA THR E 157 -7.05 40.23 18.89
C THR E 157 -7.17 38.82 19.47
N PHE E 158 -6.34 37.91 18.92
CA PHE E 158 -6.39 36.52 19.35
C PHE E 158 -5.04 36.16 19.97
N HIS E 159 -5.08 35.53 21.12
CA HIS E 159 -3.91 35.21 21.89
C HIS E 159 -3.71 33.72 21.92
N GLN E 160 -2.59 33.25 21.35
CA GLN E 160 -2.32 31.83 21.22
C GLN E 160 -1.70 31.26 22.49
N LEU E 161 -2.16 30.07 22.82
CA LEU E 161 -1.62 29.31 23.94
C LEU E 161 -0.90 28.07 23.45
N GLU E 162 -0.41 27.27 24.41
CA GLU E 162 0.24 26.00 24.02
C GLU E 162 -0.65 25.12 23.16
N ASN E 163 -0.06 24.45 22.18
CA ASN E 163 -0.77 23.40 21.53
C ASN E 163 -1.12 22.37 22.62
N ALA E 164 -2.33 21.87 22.56
CA ALA E 164 -2.83 21.07 23.69
C ALA E 164 -2.20 19.69 23.75
N PHE E 165 -1.82 19.17 22.61
CA PHE E 165 -1.33 17.81 22.48
C PHE E 165 -0.13 17.71 21.56
N ILE E 166 0.53 16.58 21.63
CA ILE E 166 1.56 16.19 20.68
C ILE E 166 0.91 15.78 19.40
N PRO E 167 1.51 16.03 18.24
CA PRO E 167 0.93 15.50 17.00
C PRO E 167 0.91 13.99 17.06
N PHE E 168 0.05 13.27 16.34
CA PHE E 168 -0.86 13.77 15.38
C PHE E 168 -2.26 13.72 15.92
N ASN E 169 -2.95 14.86 15.83
CA ASN E 169 -4.30 15.00 16.41
C ASN E 169 -5.05 16.10 15.71
N ARG E 170 -6.35 15.93 15.64
CA ARG E 170 -7.23 16.96 15.14
C ARG E 170 -8.68 16.73 15.58
N ASN E 171 -9.61 17.51 15.05
CA ASN E 171 -10.97 17.47 15.56
C ASN E 171 -11.00 17.74 17.08
N GLY E 172 -10.27 18.75 17.51
CA GLY E 172 -10.28 19.17 18.90
C GLY E 172 -11.47 20.06 19.12
N VAL E 173 -12.25 19.74 20.14
CA VAL E 173 -13.47 20.46 20.45
C VAL E 173 -13.65 20.65 21.95
N LEU E 174 -13.63 21.90 22.39
CA LEU E 174 -13.81 22.19 23.82
C LEU E 174 -15.24 22.06 24.28
N PHE E 175 -15.42 21.71 25.53
CA PHE E 175 -16.71 21.87 26.18
C PHE E 175 -16.89 23.34 26.59
N PRO E 176 -18.15 23.80 26.56
CA PRO E 176 -18.46 25.22 26.78
C PRO E 176 -18.56 25.66 28.25
N ARG E 177 -18.11 24.80 29.19
CA ARG E 177 -17.88 25.17 30.57
C ARG E 177 -16.87 24.19 31.11
N LYS E 178 -16.36 24.49 32.29
CA LYS E 178 -15.55 23.54 32.97
C LYS E 178 -16.35 22.36 33.47
N ILE E 179 -15.71 21.23 33.50
CA ILE E 179 -16.31 19.99 33.99
C ILE E 179 -15.60 19.74 35.32
N ASN E 180 -16.37 19.77 36.42
N ASN E 180 -16.37 19.79 36.41
CA ASN E 180 -15.82 19.67 37.79
CA ASN E 180 -15.80 19.51 37.73
C ASN E 180 -14.50 20.41 37.97
C ASN E 180 -14.49 20.37 37.95
N GLY E 181 -14.49 21.65 37.54
CA GLY E 181 -13.36 22.57 37.80
C GLY E 181 -12.19 22.50 36.84
N ARG E 182 -12.31 21.75 35.75
CA ARG E 182 -11.23 21.64 34.75
C ARG E 182 -11.78 21.91 33.35
N PHE E 183 -10.97 22.52 32.48
CA PHE E 183 -11.30 22.63 31.10
C PHE E 183 -11.28 21.22 30.54
N ALA E 184 -12.11 21.01 29.50
CA ALA E 184 -12.24 19.68 28.91
C ALA E 184 -12.33 19.81 27.38
N MET E 185 -11.69 18.86 26.71
CA MET E 185 -11.63 18.83 25.24
C MET E 185 -11.76 17.44 24.65
N LEU E 186 -12.63 17.30 23.62
CA LEU E 186 -12.62 16.13 22.81
C LEU E 186 -11.48 16.28 21.79
N SER E 187 -10.91 15.15 21.42
CA SER E 187 -9.90 15.16 20.31
C SER E 187 -9.95 13.85 19.57
N ARG E 188 -9.00 13.71 18.64
CA ARG E 188 -9.08 12.65 17.65
C ARG E 188 -7.66 12.29 17.17
N PRO E 189 -6.97 11.38 17.86
CA PRO E 189 -5.64 10.89 17.40
C PRO E 189 -5.66 10.54 15.92
N SER E 190 -4.65 11.01 15.21
CA SER E 190 -4.65 10.90 13.74
C SER E 190 -3.26 10.43 13.30
N ASP E 191 -3.03 10.50 11.99
CA ASP E 191 -1.66 10.33 11.43
C ASP E 191 -1.32 11.60 10.64
N ASN E 192 -0.33 11.54 9.76
CA ASN E 192 0.02 12.71 8.98
C ASN E 192 -0.42 12.58 7.52
N GLY E 193 -1.48 11.83 7.28
CA GLY E 193 -2.06 11.72 5.98
C GLY E 193 -3.56 11.77 6.03
N HIS E 194 -4.18 11.14 5.05
CA HIS E 194 -5.65 11.02 5.04
C HIS E 194 -6.03 9.84 5.96
N THR E 195 -6.12 10.12 7.24
CA THR E 195 -6.00 9.04 8.26
C THR E 195 -7.07 7.97 8.08
N PRO E 196 -6.70 6.71 8.08
CA PRO E 196 -7.64 5.62 7.82
C PRO E 196 -8.23 5.03 9.09
N PHE E 197 -8.20 5.78 10.14
CA PHE E 197 -8.69 5.36 11.43
C PHE E 197 -9.06 6.61 12.24
N GLY E 198 -9.75 6.44 13.35
CA GLY E 198 -9.99 7.56 14.23
C GLY E 198 -11.00 7.34 15.34
N ASP E 199 -10.52 7.34 16.56
CA ASP E 199 -11.35 7.28 17.77
C ASP E 199 -11.45 8.66 18.39
N ILE E 200 -12.57 8.96 19.02
CA ILE E 200 -12.68 10.18 19.78
C ILE E 200 -12.22 9.99 21.22
N PHE E 201 -11.42 10.93 21.72
CA PHE E 201 -10.89 10.94 23.06
C PHE E 201 -11.34 12.18 23.77
N TYR E 202 -11.17 12.14 25.07
CA TYR E 202 -11.52 13.22 26.02
C TYR E 202 -10.31 13.45 26.89
N SER E 203 -10.04 14.70 27.16
CA SER E 203 -8.93 15.12 28.05
C SER E 203 -9.35 16.35 28.85
N GLU E 204 -8.58 16.59 29.93
CA GLU E 204 -8.86 17.69 30.88
C GLU E 204 -7.59 18.50 31.13
N SER E 205 -7.77 19.72 31.58
CA SER E 205 -6.69 20.58 31.94
C SER E 205 -7.14 21.52 33.06
N PRO E 206 -6.27 21.69 34.04
CA PRO E 206 -6.62 22.64 35.07
C PRO E 206 -6.38 24.07 34.64
N ASP E 207 -5.54 24.26 33.62
CA ASP E 207 -4.97 25.57 33.38
C ASP E 207 -4.86 26.02 31.92
N MET E 208 -5.39 25.25 31.01
CA MET E 208 -5.28 25.58 29.60
C MET E 208 -3.84 25.50 29.10
N GLU E 209 -2.99 24.79 29.79
CA GLU E 209 -1.60 24.62 29.42
C GLU E 209 -1.15 23.17 29.45
N PHE E 210 -1.45 22.49 30.54
CA PHE E 210 -1.12 21.07 30.71
C PHE E 210 -2.39 20.22 30.65
N TRP E 211 -2.31 19.12 29.92
CA TRP E 211 -3.48 18.29 29.59
C TRP E 211 -3.23 16.87 30.02
N GLY E 212 -4.32 16.17 30.37
CA GLY E 212 -4.17 14.85 30.92
C GLY E 212 -5.51 14.23 31.27
N ARG E 213 -5.46 13.14 32.03
N ARG E 213 -5.43 13.14 32.03
CA ARG E 213 -6.64 12.36 32.32
CA ARG E 213 -6.56 12.33 32.35
C ARG E 213 -7.35 11.94 31.04
C ARG E 213 -7.33 11.92 31.07
N HIS E 214 -6.56 11.40 30.11
CA HIS E 214 -7.13 11.03 28.82
C HIS E 214 -8.04 9.82 28.90
N ARG E 215 -9.20 9.91 28.28
CA ARG E 215 -10.15 8.79 28.30
C ARG E 215 -10.72 8.58 26.93
N HIS E 216 -10.82 7.32 26.54
CA HIS E 216 -11.40 6.96 25.26
C HIS E 216 -12.94 7.20 25.29
N VAL E 217 -13.51 7.84 24.26
CA VAL E 217 -14.96 8.12 24.22
C VAL E 217 -15.63 7.09 23.36
N MET E 218 -15.28 7.06 22.07
CA MET E 218 -15.81 6.02 21.21
C MET E 218 -14.96 5.72 20.00
N SER E 219 -15.19 4.52 19.45
CA SER E 219 -14.49 4.05 18.29
C SER E 219 -15.50 4.00 17.15
N PRO E 220 -15.01 3.91 15.91
CA PRO E 220 -15.91 3.64 14.80
C PRO E 220 -16.72 2.40 15.07
N ALA E 221 -17.94 2.37 14.56
CA ALA E 221 -18.79 1.24 14.68
C ALA E 221 -18.37 0.12 13.72
N ALA E 222 -18.86 -1.06 13.99
CA ALA E 222 -18.69 -2.15 13.05
C ALA E 222 -19.44 -1.84 11.76
N PHE E 223 -18.89 -2.33 10.66
CA PHE E 223 -19.44 -2.11 9.35
C PHE E 223 -20.85 -2.67 9.26
N GLU E 224 -21.07 -3.82 9.88
CA GLU E 224 -22.35 -4.46 9.75
C GLU E 224 -23.43 -3.81 10.63
N VAL E 225 -23.01 -2.93 11.51
CA VAL E 225 -23.92 -2.28 12.42
C VAL E 225 -24.26 -0.86 11.95
N SER E 226 -23.25 -0.08 11.63
CA SER E 226 -23.47 1.27 11.17
C SER E 226 -22.33 1.75 10.29
N ALA E 227 -22.46 1.55 9.00
CA ALA E 227 -21.31 1.69 8.14
C ALA E 227 -20.98 3.13 7.85
N TRP E 228 -21.90 4.07 8.06
CA TRP E 228 -21.53 5.49 7.84
C TRP E 228 -20.50 6.01 8.80
N GLN E 229 -20.24 5.24 9.85
CA GLN E 229 -19.35 5.67 10.91
C GLN E 229 -18.36 4.50 11.27
N CYS E 230 -17.96 3.72 10.28
CA CYS E 230 -17.13 2.50 10.52
C CYS E 230 -15.65 2.68 10.21
N THR E 231 -15.25 3.72 9.52
CA THR E 231 -13.81 3.94 9.19
C THR E 231 -13.10 4.80 10.23
N LYS E 232 -13.71 5.93 10.53
CA LYS E 232 -13.24 6.88 11.51
C LYS E 232 -14.36 7.82 11.88
N ILE E 233 -14.23 8.42 13.07
CA ILE E 233 -15.20 9.39 13.57
C ILE E 233 -14.43 10.60 14.11
N GLY E 234 -15.12 11.75 14.25
CA GLY E 234 -14.53 12.89 14.88
C GLY E 234 -15.61 13.86 15.37
N ALA E 235 -15.34 14.57 16.45
CA ALA E 235 -16.28 15.56 17.02
C ALA E 235 -16.49 16.69 16.04
N GLY E 236 -17.71 17.23 16.01
CA GLY E 236 -18.05 18.38 15.15
C GLY E 236 -18.23 19.64 15.95
N PRO E 237 -19.49 20.08 16.08
CA PRO E 237 -19.79 21.22 16.90
C PRO E 237 -19.43 21.08 18.35
N ILE E 238 -19.30 22.23 19.01
CA ILE E 238 -19.22 22.26 20.49
C ILE E 238 -20.34 21.43 21.10
N PRO E 239 -20.01 20.55 22.07
CA PRO E 239 -21.05 19.77 22.77
C PRO E 239 -22.16 20.69 23.33
N VAL E 240 -23.40 20.28 23.16
N VAL E 240 -23.39 20.20 23.21
CA VAL E 240 -24.49 21.11 23.68
CA VAL E 240 -24.62 20.97 23.60
C VAL E 240 -25.12 20.40 24.88
C VAL E 240 -25.14 20.34 24.90
N GLU E 241 -25.17 21.12 26.00
CA GLU E 241 -25.62 20.58 27.25
C GLU E 241 -27.12 20.45 27.27
N THR E 242 -27.60 19.27 27.64
CA THR E 242 -29.02 18.99 27.81
C THR E 242 -29.21 18.36 29.17
N PRO E 243 -30.45 18.37 29.68
CA PRO E 243 -30.62 17.61 30.88
C PRO E 243 -30.31 16.09 30.70
N GLU E 244 -30.32 15.55 29.48
CA GLU E 244 -30.20 14.13 29.22
C GLU E 244 -28.70 13.77 28.90
N GLY E 245 -27.78 14.73 29.07
CA GLY E 245 -26.39 14.51 28.65
C GLY E 245 -25.88 15.62 27.76
N TRP E 246 -24.62 15.51 27.40
CA TRP E 246 -24.09 16.35 26.33
C TRP E 246 -24.50 15.79 24.99
N LEU E 247 -25.09 16.64 24.15
CA LEU E 247 -25.41 16.23 22.77
C LEU E 247 -24.19 16.49 21.92
N LEU E 248 -23.65 15.39 21.40
CA LEU E 248 -22.44 15.41 20.51
C LEU E 248 -22.90 15.15 19.12
N ILE E 249 -22.66 16.11 18.24
CA ILE E 249 -22.86 15.88 16.82
C ILE E 249 -21.42 15.63 16.26
N TYR E 250 -21.29 14.53 15.53
CA TYR E 250 -19.96 14.09 15.08
C TYR E 250 -20.05 13.52 13.69
N HIS E 251 -18.93 13.63 12.98
CA HIS E 251 -18.86 13.06 11.65
C HIS E 251 -18.39 11.58 11.75
N GLY E 252 -18.77 10.83 10.71
CA GLY E 252 -18.39 9.44 10.48
C GLY E 252 -18.03 9.25 9.01
N VAL E 253 -17.04 8.39 8.79
CA VAL E 253 -16.63 8.02 7.45
C VAL E 253 -16.91 6.58 7.10
N LEU E 254 -17.43 6.42 5.89
CA LEU E 254 -17.54 5.19 5.18
C LEU E 254 -16.51 5.15 4.04
N HIS E 255 -15.80 4.02 3.91
CA HIS E 255 -14.75 3.89 2.89
C HIS E 255 -15.32 3.07 1.72
N SER E 256 -15.69 3.76 0.65
CA SER E 256 -16.17 3.06 -0.55
C SER E 256 -14.99 2.75 -1.48
N CYS E 257 -15.25 2.07 -2.60
CA CYS E 257 -14.16 1.77 -3.51
C CYS E 257 -13.61 3.06 -4.07
N ASN E 258 -14.43 4.09 -4.08
CA ASN E 258 -14.07 5.37 -4.66
C ASN E 258 -13.73 6.51 -3.71
N GLY E 259 -13.62 6.22 -2.44
CA GLY E 259 -13.16 7.22 -1.53
C GLY E 259 -13.99 7.22 -0.23
N TYR E 260 -13.80 8.26 0.52
CA TYR E 260 -14.48 8.44 1.81
C TYR E 260 -15.78 9.20 1.58
N VAL E 261 -16.83 8.79 2.28
CA VAL E 261 -18.10 9.54 2.32
C VAL E 261 -18.25 9.97 3.79
N TYR E 262 -18.37 11.29 3.99
CA TYR E 262 -18.54 11.85 5.34
C TYR E 262 -20.03 12.18 5.53
N SER E 263 -20.59 11.54 6.55
CA SER E 263 -21.99 11.76 7.05
C SER E 263 -21.84 12.22 8.51
N PHE E 264 -22.94 12.69 9.14
CA PHE E 264 -22.83 13.02 10.58
C PHE E 264 -24.07 12.59 11.30
N GLY E 265 -23.89 12.33 12.56
CA GLY E 265 -24.95 11.83 13.44
C GLY E 265 -24.78 12.34 14.86
N SER E 266 -25.45 11.67 15.79
CA SER E 266 -25.56 12.21 17.17
C SER E 266 -25.32 11.17 18.25
N ALA E 267 -24.71 11.60 19.33
CA ALA E 267 -24.55 10.80 20.53
C ALA E 267 -24.87 11.65 21.77
N LEU E 268 -25.17 10.98 22.89
CA LEU E 268 -25.34 11.66 24.16
C LEU E 268 -24.31 11.10 25.13
N LEU E 269 -23.57 12.01 25.76
CA LEU E 269 -22.50 11.73 26.71
C LEU E 269 -22.95 12.04 28.11
N ASP E 270 -22.47 11.28 29.07
CA ASP E 270 -22.73 11.58 30.50
C ASP E 270 -22.28 12.97 30.82
N LEU E 271 -23.08 13.69 31.65
CA LEU E 271 -22.78 15.10 31.95
C LEU E 271 -21.51 15.29 32.72
N ASP E 272 -21.28 14.41 33.67
CA ASP E 272 -20.15 14.55 34.62
C ASP E 272 -18.91 13.85 34.19
N GLU E 273 -19.05 12.78 33.40
CA GLU E 273 -17.92 12.01 32.93
C GLU E 273 -18.16 11.80 31.43
N PRO E 274 -17.79 12.78 30.61
CA PRO E 274 -18.28 12.84 29.23
C PRO E 274 -17.66 11.86 28.28
N TRP E 275 -16.65 11.10 28.74
CA TRP E 275 -16.16 9.95 28.05
C TRP E 275 -17.07 8.72 28.10
N LYS E 276 -18.07 8.74 28.96
CA LYS E 276 -19.04 7.67 29.01
C LYS E 276 -20.23 7.97 28.09
N VAL E 277 -20.35 7.20 27.04
CA VAL E 277 -21.36 7.44 26.03
C VAL E 277 -22.63 6.73 26.52
N LYS E 278 -23.76 7.47 26.60
CA LYS E 278 -25.05 6.88 26.95
C LYS E 278 -25.86 6.34 25.81
N PHE E 279 -25.87 7.05 24.69
CA PHE E 279 -26.64 6.66 23.52
C PHE E 279 -25.84 7.13 22.32
N ARG E 280 -25.96 6.40 21.25
CA ARG E 280 -25.25 6.67 20.00
C ARG E 280 -26.07 6.25 18.81
N SER E 281 -26.39 7.18 17.91
CA SER E 281 -27.27 6.85 16.77
C SER E 281 -26.73 5.76 15.88
N GLY E 282 -27.61 4.84 15.45
CA GLY E 282 -27.31 3.91 14.37
C GLY E 282 -27.36 4.60 13.01
N PRO E 283 -28.50 5.23 12.66
CA PRO E 283 -28.59 5.98 11.45
C PRO E 283 -27.85 7.31 11.53
N TYR E 284 -27.49 7.87 10.37
CA TYR E 284 -26.96 9.24 10.31
C TYR E 284 -28.14 10.24 10.54
N LEU E 285 -27.83 11.49 10.84
CA LEU E 285 -28.76 12.59 10.76
C LEU E 285 -28.73 13.23 9.35
N LEU E 286 -27.56 13.23 8.70
CA LEU E 286 -27.39 13.90 7.43
C LEU E 286 -26.28 13.28 6.68
N ALA E 287 -26.46 13.09 5.37
CA ALA E 287 -25.44 12.45 4.54
C ALA E 287 -25.44 13.15 3.16
N PRO E 288 -24.35 13.06 2.42
CA PRO E 288 -24.27 13.87 1.21
C PRO E 288 -25.30 13.42 0.16
N ARG E 289 -26.10 14.40 -0.27
CA ARG E 289 -27.27 14.15 -1.12
C ARG E 289 -27.36 15.19 -2.25
N GLU E 290 -27.20 16.43 -1.87
CA GLU E 290 -27.35 17.55 -2.77
C GLU E 290 -26.13 17.76 -3.60
N PRO E 291 -26.35 18.47 -4.78
CA PRO E 291 -25.16 18.64 -5.62
C PRO E 291 -24.05 19.39 -4.94
N TYR E 292 -24.36 20.33 -4.09
CA TYR E 292 -23.34 21.10 -3.39
C TYR E 292 -22.59 20.27 -2.28
N GLU E 293 -23.14 19.12 -1.95
CA GLU E 293 -22.50 18.13 -1.05
C GLU E 293 -21.75 17.07 -1.77
N CYS E 294 -22.16 16.77 -3.01
CA CYS E 294 -21.62 15.68 -3.79
C CYS E 294 -20.57 16.10 -4.76
N MET E 295 -20.51 17.33 -5.19
CA MET E 295 -19.56 17.74 -6.20
C MET E 295 -18.79 18.92 -5.63
N GLY E 296 -17.48 18.95 -5.87
CA GLY E 296 -16.65 20.06 -5.40
C GLY E 296 -15.25 19.57 -5.15
N ASP E 297 -14.49 20.34 -4.35
CA ASP E 297 -13.09 19.97 -4.11
C ASP E 297 -12.88 18.57 -3.53
N VAL E 298 -13.80 18.15 -2.66
CA VAL E 298 -13.79 16.77 -2.07
C VAL E 298 -15.21 16.27 -2.11
N PRO E 299 -15.50 15.41 -3.08
CA PRO E 299 -16.87 14.94 -3.30
C PRO E 299 -17.37 14.16 -2.06
N ASN E 300 -18.66 14.30 -1.80
CA ASN E 300 -19.38 13.44 -0.83
C ASN E 300 -18.97 13.72 0.62
N VAL E 301 -19.01 15.00 1.00
CA VAL E 301 -18.60 15.43 2.36
C VAL E 301 -19.70 16.28 2.96
N CYS E 302 -20.26 15.87 4.11
CA CYS E 302 -21.01 16.75 5.02
C CYS E 302 -20.29 16.73 6.35
N PHE E 303 -19.69 17.86 6.72
CA PHE E 303 -18.78 17.95 7.84
C PHE E 303 -19.22 19.02 8.83
N PRO E 304 -19.84 18.61 9.95
CA PRO E 304 -20.40 19.62 10.84
C PRO E 304 -19.35 20.25 11.70
N CYS E 305 -19.42 21.55 11.83
N CYS E 305 -19.29 21.57 11.81
CA CYS E 305 -18.36 22.36 12.41
CA CYS E 305 -18.30 22.21 12.71
C CYS E 305 -18.84 23.28 13.56
C CYS E 305 -18.85 23.25 13.69
N ALA E 306 -20.14 23.59 13.62
CA ALA E 306 -20.69 24.49 14.65
C ALA E 306 -22.19 24.35 14.70
N ALA E 307 -22.75 24.80 15.81
CA ALA E 307 -24.18 24.85 15.99
C ALA E 307 -24.55 26.07 16.84
N LEU E 308 -25.73 26.63 16.55
CA LEU E 308 -26.35 27.56 17.47
C LEU E 308 -27.62 26.93 17.99
N HIS E 309 -27.98 27.14 19.27
CA HIS E 309 -29.19 26.58 19.78
C HIS E 309 -29.87 27.50 20.76
N ASP E 310 -31.17 27.25 20.94
CA ASP E 310 -31.99 28.03 21.85
C ASP E 310 -32.66 27.08 22.79
N ASN E 311 -32.26 27.06 24.06
CA ASN E 311 -32.91 26.12 25.00
C ASN E 311 -34.40 26.43 25.25
N GLU E 312 -34.83 27.65 25.12
CA GLU E 312 -36.25 27.95 25.38
C GLU E 312 -37.14 27.15 24.41
N THR E 313 -36.73 27.09 23.15
CA THR E 313 -37.55 26.53 22.05
C THR E 313 -37.12 25.18 21.59
N GLY E 314 -35.92 24.79 21.98
CA GLY E 314 -35.34 23.54 21.49
C GLY E 314 -34.73 23.61 20.11
N ARG E 315 -34.73 24.78 19.48
CA ARG E 315 -34.24 24.89 18.12
C ARG E 315 -32.70 24.74 18.07
N ILE E 316 -32.20 24.04 17.05
CA ILE E 316 -30.76 23.99 16.78
C ILE E 316 -30.53 24.16 15.30
N ALA E 317 -29.52 24.96 14.99
CA ALA E 317 -29.03 25.19 13.64
C ALA E 317 -27.58 24.71 13.54
N ILE E 318 -27.34 23.76 12.63
CA ILE E 318 -26.01 23.07 12.54
C ILE E 318 -25.35 23.55 11.24
N TYR E 319 -24.18 24.11 11.36
CA TYR E 319 -23.33 24.52 10.25
C TYR E 319 -22.48 23.33 9.79
N TYR E 320 -22.39 23.10 8.47
CA TYR E 320 -21.60 21.99 8.00
C TYR E 320 -20.92 22.32 6.65
N GLY E 321 -19.71 21.85 6.48
CA GLY E 321 -18.98 22.00 5.22
C GLY E 321 -19.52 20.99 4.21
N CYS E 322 -19.69 21.47 2.99
CA CYS E 322 -20.23 20.73 1.88
C CYS E 322 -19.19 20.55 0.79
N ALA E 323 -18.84 19.29 0.58
CA ALA E 323 -17.81 18.88 -0.44
C ALA E 323 -16.44 19.65 -0.30
N ASP E 324 -16.11 20.06 0.92
CA ASP E 324 -14.97 20.91 1.21
C ASP E 324 -14.91 22.14 0.29
N THR E 325 -16.06 22.73 -0.02
CA THR E 325 -16.13 23.81 -0.97
C THR E 325 -16.93 24.97 -0.40
N VAL E 326 -18.09 24.68 0.16
CA VAL E 326 -19.02 25.76 0.60
C VAL E 326 -19.57 25.37 1.98
N THR E 327 -20.34 26.25 2.61
CA THR E 327 -20.97 25.93 3.91
C THR E 327 -22.49 25.92 3.77
N GLY E 328 -23.10 24.98 4.48
CA GLY E 328 -24.51 24.78 4.59
C GLY E 328 -24.99 24.84 6.01
N LEU E 329 -26.31 24.89 6.11
CA LEU E 329 -27.07 24.89 7.35
C LEU E 329 -28.15 23.84 7.34
N ALA E 330 -28.37 23.23 8.48
CA ALA E 330 -29.47 22.29 8.69
C ALA E 330 -30.10 22.60 10.03
N PHE E 331 -31.39 22.28 10.19
CA PHE E 331 -32.07 22.65 11.40
C PHE E 331 -32.75 21.44 11.95
N GLY E 332 -33.01 21.45 13.27
CA GLY E 332 -33.80 20.46 13.92
C GLY E 332 -34.18 20.87 15.33
N TYR E 333 -34.82 19.98 16.06
CA TYR E 333 -35.17 20.25 17.46
C TYR E 333 -34.36 19.32 18.35
N ILE E 334 -33.72 19.89 19.37
CA ILE E 334 -32.98 19.15 20.33
C ILE E 334 -33.74 17.97 20.92
N PRO E 335 -34.99 18.18 21.35
CA PRO E 335 -35.61 16.99 21.96
C PRO E 335 -35.89 15.88 20.96
N GLU E 336 -36.10 16.24 19.70
CA GLU E 336 -36.38 15.22 18.68
C GLU E 336 -35.08 14.52 18.35
N ILE E 337 -33.97 15.26 18.35
CA ILE E 337 -32.65 14.64 18.12
C ILE E 337 -32.34 13.67 19.24
N ILE E 338 -32.65 14.07 20.48
CA ILE E 338 -32.41 13.21 21.66
C ILE E 338 -33.27 11.99 21.54
N GLU E 339 -34.55 12.16 21.22
N GLU E 339 -34.54 12.16 21.26
CA GLU E 339 -35.42 10.98 21.04
CA GLU E 339 -35.39 10.98 21.15
C GLU E 339 -34.90 9.99 20.00
C GLU E 339 -34.95 9.99 20.00
N PHE E 340 -34.48 10.52 18.88
CA PHE E 340 -33.96 9.69 17.77
C PHE E 340 -32.68 8.97 18.20
N THR E 341 -31.82 9.67 18.92
CA THR E 341 -30.57 9.08 19.38
C THR E 341 -30.81 7.94 20.31
N LYS E 342 -31.79 8.12 21.23
CA LYS E 342 -32.10 7.00 22.13
C LYS E 342 -32.80 5.83 21.43
N ARG E 343 -33.81 6.16 20.63
CA ARG E 343 -34.62 5.11 19.97
C ARG E 343 -33.71 4.24 19.10
N THR E 344 -32.81 4.88 18.36
CA THR E 344 -32.00 4.18 17.39
C THR E 344 -30.62 3.80 17.95
N SER E 345 -30.40 3.96 19.26
CA SER E 345 -29.08 3.76 19.83
C SER E 345 -28.48 2.40 19.55
N ILE E 346 -27.19 2.39 19.22
CA ILE E 346 -26.47 1.14 19.01
C ILE E 346 -25.59 0.83 20.19
N ILE E 347 -25.84 1.62 21.40
CA ILE E 347 -25.45 1.19 22.76
C ILE E 347 -26.72 1.31 23.67
N ILE F 28 -45.78 -9.22 -20.46
CA ILE F 28 -45.35 -7.99 -21.21
C ILE F 28 -44.32 -7.10 -20.50
N ILE F 29 -43.15 -7.04 -21.11
CA ILE F 29 -41.98 -6.44 -20.49
C ILE F 29 -41.97 -4.97 -20.90
N PRO F 30 -41.41 -4.11 -20.06
CA PRO F 30 -41.31 -2.71 -20.35
C PRO F 30 -40.51 -2.48 -21.62
N TRP F 31 -40.88 -1.45 -22.38
CA TRP F 31 -40.19 -1.15 -23.63
C TRP F 31 -40.25 0.29 -24.02
N GLU F 32 -39.14 0.84 -24.50
CA GLU F 32 -39.12 2.16 -25.16
C GLU F 32 -38.34 1.98 -26.47
N GLU F 33 -38.82 2.54 -27.59
CA GLU F 33 -38.15 2.34 -28.85
C GLU F 33 -36.90 3.24 -28.95
N ARG F 34 -35.92 2.86 -29.76
CA ARG F 34 -34.70 3.68 -29.80
C ARG F 34 -34.99 5.09 -30.24
N PRO F 35 -34.43 6.09 -29.53
CA PRO F 35 -34.52 7.51 -29.94
C PRO F 35 -34.18 7.70 -31.41
N ALA F 36 -34.76 8.72 -32.03
CA ALA F 36 -34.55 8.94 -33.47
C ALA F 36 -33.07 9.09 -33.76
N GLY F 37 -32.59 8.42 -34.81
CA GLY F 37 -31.18 8.47 -35.16
C GLY F 37 -30.19 7.78 -34.21
N CYS F 38 -30.56 7.55 -32.96
CA CYS F 38 -29.65 6.87 -32.04
C CYS F 38 -29.12 5.57 -32.59
N LYS F 39 -27.79 5.48 -32.63
CA LYS F 39 -27.08 4.36 -33.27
C LYS F 39 -26.63 3.32 -32.23
N ASP F 40 -27.01 3.49 -30.99
CA ASP F 40 -26.44 2.66 -29.93
C ASP F 40 -27.20 1.36 -29.84
N VAL F 41 -26.49 0.31 -29.41
CA VAL F 41 -27.08 -0.98 -29.24
C VAL F 41 -28.06 -0.99 -28.08
N LEU F 42 -27.74 -0.21 -27.05
CA LEU F 42 -28.51 -0.11 -25.86
C LEU F 42 -28.82 1.39 -25.68
N TRP F 43 -30.02 1.70 -25.23
CA TRP F 43 -30.40 3.06 -24.88
C TRP F 43 -31.18 3.12 -23.54
N ARG F 44 -30.87 4.16 -22.82
CA ARG F 44 -31.46 4.42 -21.53
C ARG F 44 -32.90 4.78 -21.61
N SER F 45 -33.66 4.31 -20.64
CA SER F 45 -35.00 4.81 -20.46
C SER F 45 -34.99 6.35 -20.21
N VAL F 46 -35.88 7.08 -20.91
CA VAL F 46 -36.07 8.51 -20.58
C VAL F 46 -36.67 8.75 -19.17
N ALA F 47 -37.32 7.74 -18.62
CA ALA F 47 -37.79 7.78 -17.25
C ALA F 47 -36.73 7.55 -16.14
N ASN F 48 -35.48 7.30 -16.48
CA ASN F 48 -34.51 7.00 -15.41
C ASN F 48 -34.29 8.17 -14.49
N PRO F 49 -34.12 7.95 -13.20
CA PRO F 49 -34.11 6.61 -12.56
C PRO F 49 -35.48 6.05 -12.32
N ILE F 50 -35.66 4.75 -12.49
CA ILE F 50 -36.98 4.22 -12.33
C ILE F 50 -37.29 3.89 -10.90
N ILE F 51 -36.27 3.66 -10.04
CA ILE F 51 -36.55 3.50 -8.62
C ILE F 51 -35.70 4.54 -7.88
N PRO F 52 -36.33 5.37 -7.04
CA PRO F 52 -35.55 6.39 -6.35
C PRO F 52 -34.99 5.90 -5.02
N ARG F 53 -34.10 6.70 -4.45
CA ARG F 53 -33.32 6.25 -3.32
C ARG F 53 -34.18 6.21 -2.05
N ASP F 54 -35.28 6.96 -2.06
CA ASP F 54 -36.04 7.22 -0.85
C ASP F 54 -37.43 6.63 -0.91
N LEU F 55 -37.62 5.55 -1.65
CA LEU F 55 -38.89 4.87 -1.66
C LEU F 55 -39.34 4.49 -0.26
N LEU F 56 -38.45 3.92 0.55
CA LEU F 56 -38.81 3.43 1.92
C LEU F 56 -38.53 4.47 2.94
N PRO F 57 -39.17 4.38 4.10
CA PRO F 57 -38.97 5.43 5.11
C PRO F 57 -37.51 5.56 5.57
N THR F 58 -36.79 4.46 5.61
CA THR F 58 -35.38 4.56 5.99
C THR F 58 -34.41 4.06 4.90
N SER F 59 -34.80 4.11 3.64
CA SER F 59 -33.86 3.77 2.59
C SER F 59 -32.91 4.94 2.32
N ASN F 60 -31.63 4.61 2.22
CA ASN F 60 -30.57 5.50 1.73
C ASN F 60 -30.31 5.33 0.24
N SER F 61 -30.47 4.12 -0.30
CA SER F 61 -30.24 3.89 -1.72
C SER F 61 -30.90 2.57 -2.10
N ILE F 62 -31.28 2.46 -3.35
CA ILE F 62 -31.96 1.25 -3.83
C ILE F 62 -31.42 1.01 -5.21
N PHE F 63 -30.58 -0.01 -5.36
CA PHE F 63 -29.76 -0.09 -6.58
C PHE F 63 -29.33 -1.48 -7.06
N ASN F 64 -29.84 -2.53 -6.48
CA ASN F 64 -29.93 -3.77 -7.29
C ASN F 64 -31.39 -4.17 -7.23
N SER F 65 -31.84 -4.69 -8.32
CA SER F 65 -33.24 -4.99 -8.46
C SER F 65 -33.24 -6.30 -9.25
N ALA F 66 -33.29 -7.41 -8.52
CA ALA F 66 -33.40 -8.74 -9.12
C ALA F 66 -34.86 -9.13 -9.44
N VAL F 67 -35.25 -8.92 -10.70
CA VAL F 67 -36.64 -8.83 -11.10
C VAL F 67 -36.97 -9.99 -11.98
N VAL F 68 -38.21 -10.52 -11.85
CA VAL F 68 -38.68 -11.62 -12.68
C VAL F 68 -40.17 -11.40 -12.96
N PRO F 69 -40.68 -11.96 -14.04
CA PRO F 69 -42.14 -12.04 -14.17
C PRO F 69 -42.70 -12.89 -13.05
N PHE F 70 -43.80 -12.48 -12.48
CA PHE F 70 -44.48 -13.27 -11.48
C PHE F 70 -45.97 -13.08 -11.50
N GLY F 71 -46.72 -14.15 -11.63
CA GLY F 71 -48.17 -14.05 -11.57
C GLY F 71 -48.59 -13.07 -12.64
N ASP F 72 -49.39 -12.11 -12.22
CA ASP F 72 -49.93 -11.09 -13.10
C ASP F 72 -49.00 -10.02 -13.53
N GLY F 73 -47.88 -9.91 -12.86
CA GLY F 73 -46.94 -8.89 -13.16
C GLY F 73 -45.50 -9.36 -12.94
N PHE F 74 -44.90 -8.65 -12.03
CA PHE F 74 -43.49 -8.80 -11.71
C PHE F 74 -43.21 -8.79 -10.20
N ALA F 75 -42.15 -9.49 -9.83
CA ALA F 75 -41.69 -9.53 -8.46
C ALA F 75 -40.15 -9.33 -8.49
N GLY F 76 -39.60 -9.00 -7.33
CA GLY F 76 -38.16 -8.77 -7.23
C GLY F 76 -37.66 -8.84 -5.79
N VAL F 77 -36.35 -9.01 -5.67
CA VAL F 77 -35.60 -8.83 -4.43
C VAL F 77 -34.69 -7.68 -4.68
N PHE F 78 -34.72 -6.68 -3.80
CA PHE F 78 -34.03 -5.42 -4.02
C PHE F 78 -33.02 -5.17 -2.96
N ARG F 79 -31.85 -4.70 -3.35
CA ARG F 79 -30.92 -4.23 -2.37
C ARG F 79 -31.29 -2.80 -1.98
N CYS F 80 -31.64 -2.61 -0.71
CA CYS F 80 -32.00 -1.29 -0.17
C CYS F 80 -31.09 -1.08 1.01
N ASP F 81 -30.09 -0.21 0.86
CA ASP F 81 -29.25 0.12 1.97
C ASP F 81 -29.99 1.15 2.79
N ASP F 82 -29.95 1.01 4.09
CA ASP F 82 -30.70 1.94 4.94
C ASP F 82 -29.85 3.13 5.41
N THR F 83 -30.43 4.00 6.25
CA THR F 83 -29.75 5.19 6.74
C THR F 83 -28.73 4.92 7.84
N SER F 84 -28.57 3.65 8.22
CA SER F 84 -27.41 3.18 9.01
C SER F 84 -26.32 2.66 8.07
N ARG F 85 -26.61 2.63 6.79
CA ARG F 85 -25.71 2.09 5.74
C ARG F 85 -25.54 0.57 5.89
N ARG F 86 -26.57 -0.06 6.43
CA ARG F 86 -26.64 -1.50 6.43
C ARG F 86 -27.19 -1.99 5.06
N MET F 87 -26.71 -3.14 4.58
CA MET F 87 -27.14 -3.75 3.37
C MET F 87 -28.20 -4.81 3.61
N ARG F 88 -29.42 -4.54 3.13
CA ARG F 88 -30.56 -5.43 3.37
C ARG F 88 -31.24 -5.74 2.04
N LEU F 89 -31.93 -6.86 2.00
CA LEU F 89 -32.70 -7.25 0.83
C LEU F 89 -34.20 -7.10 1.20
N HIS F 90 -34.98 -6.61 0.25
CA HIS F 90 -36.43 -6.40 0.46
C HIS F 90 -37.16 -6.99 -0.75
N VAL F 91 -38.36 -7.57 -0.53
CA VAL F 91 -39.19 -8.00 -1.59
C VAL F 91 -40.03 -6.81 -2.14
N GLY F 92 -40.18 -6.78 -3.45
CA GLY F 92 -41.10 -5.85 -4.13
C GLY F 92 -41.89 -6.49 -5.23
N PHE F 93 -43.00 -5.80 -5.58
CA PHE F 93 -43.92 -6.22 -6.63
C PHE F 93 -44.30 -5.02 -7.49
N SER F 94 -44.64 -5.27 -8.75
CA SER F 94 -45.01 -4.21 -9.68
C SER F 94 -45.93 -4.78 -10.74
N LYS F 95 -46.88 -3.96 -11.20
CA LYS F 95 -47.72 -4.33 -12.35
C LYS F 95 -47.01 -4.20 -13.66
N ASP F 96 -46.23 -3.13 -13.76
CA ASP F 96 -45.55 -2.75 -14.97
C ASP F 96 -44.04 -2.92 -15.04
N ALA F 97 -43.44 -3.38 -13.96
CA ALA F 97 -41.96 -3.58 -13.81
C ALA F 97 -41.17 -2.29 -13.76
N ILE F 98 -41.88 -1.16 -13.70
CA ILE F 98 -41.24 0.14 -13.62
C ILE F 98 -41.47 0.84 -12.29
N ASN F 99 -42.71 0.83 -11.85
CA ASN F 99 -43.09 1.48 -10.63
C ASN F 99 -43.27 0.39 -9.61
N TRP F 100 -42.46 0.42 -8.55
CA TRP F 100 -42.32 -0.71 -7.66
C TRP F 100 -42.88 -0.42 -6.28
N ASN F 101 -43.52 -1.43 -5.70
CA ASN F 101 -44.00 -1.41 -4.34
C ASN F 101 -43.11 -2.36 -3.53
N ILE F 102 -42.18 -1.74 -2.83
CA ILE F 102 -41.19 -2.49 -2.04
C ILE F 102 -41.56 -2.57 -0.59
N LYS F 103 -41.56 -3.77 -0.08
CA LYS F 103 -41.82 -3.97 1.33
C LYS F 103 -40.88 -3.20 2.23
N GLU F 104 -41.44 -2.56 3.26
CA GLU F 104 -40.64 -1.83 4.25
C GLU F 104 -39.72 -2.68 5.12
N GLU F 105 -40.18 -3.85 5.51
N GLU F 105 -40.17 -3.81 5.64
CA GLU F 105 -39.45 -4.75 6.36
CA GLU F 105 -39.30 -4.61 6.51
C GLU F 105 -38.44 -5.52 5.48
C GLU F 105 -38.42 -5.43 5.54
N PRO F 106 -37.16 -5.62 5.92
CA PRO F 106 -36.28 -6.51 5.19
C PRO F 106 -36.75 -7.94 5.15
N LEU F 107 -36.35 -8.58 4.08
CA LEU F 107 -36.57 -10.00 3.90
C LEU F 107 -35.77 -10.82 4.93
N LYS F 108 -36.45 -11.77 5.60
CA LYS F 108 -35.80 -12.72 6.50
C LYS F 108 -35.95 -14.09 5.94
N PHE F 109 -34.84 -14.81 5.93
CA PHE F 109 -34.87 -16.15 5.44
C PHE F 109 -35.17 -17.16 6.55
N GLN F 110 -35.95 -18.15 6.19
CA GLN F 110 -36.21 -19.33 7.04
C GLN F 110 -35.06 -20.31 6.82
N CYS F 111 -34.50 -20.86 7.88
CA CYS F 111 -33.40 -21.82 7.73
C CYS F 111 -33.40 -22.68 9.01
N ASP F 112 -33.37 -23.99 8.92
CA ASP F 112 -33.29 -24.81 10.16
C ASP F 112 -31.89 -24.74 10.81
N ASP F 113 -30.85 -24.52 10.00
CA ASP F 113 -29.48 -24.53 10.49
C ASP F 113 -29.19 -23.16 11.04
N GLU F 114 -28.89 -23.06 12.30
CA GLU F 114 -28.75 -21.78 12.94
C GLU F 114 -27.45 -21.07 12.52
N GLU F 115 -26.41 -21.88 12.25
CA GLU F 115 -25.12 -21.37 11.85
C GLU F 115 -25.24 -20.67 10.47
N ILE F 116 -25.79 -21.34 9.47
CA ILE F 116 -25.97 -20.72 8.14
C ILE F 116 -27.06 -19.67 8.18
N GLY F 117 -28.12 -19.91 8.97
CA GLY F 117 -29.23 -18.94 8.99
C GLY F 117 -28.97 -17.60 9.67
N THR F 118 -27.81 -17.45 10.27
CA THR F 118 -27.46 -16.20 10.95
C THR F 118 -27.25 -15.07 9.94
N TRP F 119 -27.96 -13.97 10.12
CA TRP F 119 -27.86 -12.86 9.19
C TRP F 119 -26.74 -11.94 9.68
N VAL F 120 -25.85 -11.57 8.77
CA VAL F 120 -24.84 -10.55 9.00
C VAL F 120 -25.08 -9.37 8.07
N TYR F 121 -25.07 -9.62 6.77
CA TYR F 121 -25.44 -8.64 5.73
C TYR F 121 -25.78 -9.34 4.45
N GLY F 122 -26.40 -8.62 3.53
CA GLY F 122 -26.63 -9.18 2.20
C GLY F 122 -26.76 -8.12 1.15
N TYR F 123 -26.17 -8.38 -0.01
CA TYR F 123 -26.25 -7.48 -1.15
C TYR F 123 -26.17 -8.30 -2.43
N ASP F 124 -26.21 -7.64 -3.57
CA ASP F 124 -25.97 -8.28 -4.85
C ASP F 124 -27.00 -9.38 -5.13
N PRO F 125 -28.32 -9.16 -4.92
CA PRO F 125 -29.23 -10.31 -5.25
C PRO F 125 -29.44 -10.59 -6.73
N ARG F 126 -29.75 -11.84 -7.06
CA ARG F 126 -30.11 -12.24 -8.40
C ARG F 126 -31.20 -13.25 -8.22
N VAL F 127 -32.19 -13.25 -9.13
CA VAL F 127 -33.31 -14.17 -8.98
C VAL F 127 -33.66 -14.82 -10.30
N CYS F 128 -33.92 -16.11 -10.31
CA CYS F 128 -34.53 -16.69 -11.48
C CYS F 128 -35.34 -17.90 -11.13
N PHE F 129 -36.19 -18.31 -12.07
CA PHE F 129 -36.97 -19.49 -11.94
C PHE F 129 -36.19 -20.66 -12.48
N ILE F 130 -36.08 -21.73 -11.70
CA ILE F 130 -35.49 -22.96 -12.19
C ILE F 130 -36.39 -24.17 -11.92
N GLU F 131 -37.03 -24.64 -13.00
CA GLU F 131 -37.86 -25.88 -13.02
C GLU F 131 -39.16 -25.83 -12.25
N ASP F 132 -39.11 -25.59 -10.94
CA ASP F 132 -40.34 -25.57 -10.09
C ASP F 132 -40.42 -24.47 -9.05
N ARG F 133 -39.40 -23.62 -8.98
CA ARG F 133 -39.41 -22.57 -7.99
C ARG F 133 -38.46 -21.47 -8.37
N TYR F 134 -38.60 -20.38 -7.62
CA TYR F 134 -37.70 -19.26 -7.74
C TYR F 134 -36.49 -19.40 -6.81
N TYR F 135 -35.28 -19.27 -7.38
CA TYR F 135 -34.05 -19.25 -6.57
C TYR F 135 -33.51 -17.83 -6.48
N VAL F 136 -33.05 -17.47 -5.28
CA VAL F 136 -32.40 -16.19 -5.08
C VAL F 136 -30.98 -16.49 -4.59
N THR F 137 -30.04 -15.83 -5.22
CA THR F 137 -28.67 -15.81 -4.73
C THR F 137 -28.37 -14.37 -4.32
N TRP F 138 -27.40 -14.24 -3.45
CA TRP F 138 -26.97 -12.94 -2.98
C TRP F 138 -25.59 -13.05 -2.35
N CYS F 139 -24.96 -11.87 -2.13
CA CYS F 139 -23.62 -11.86 -1.45
C CYS F 139 -23.93 -11.81 0.03
N ASN F 140 -23.73 -12.96 0.65
CA ASN F 140 -24.11 -13.24 2.02
C ASN F 140 -22.87 -13.22 2.87
N GLY F 141 -22.94 -12.52 3.98
CA GLY F 141 -21.86 -12.50 4.94
C GLY F 141 -21.86 -13.75 5.76
N TYR F 142 -20.79 -14.50 5.65
CA TYR F 142 -20.50 -15.69 6.42
C TYR F 142 -19.00 -15.74 6.59
N HIS F 143 -18.53 -15.02 7.62
CA HIS F 143 -17.09 -14.85 7.80
C HIS F 143 -16.43 -14.23 6.54
N GLY F 144 -17.14 -13.23 6.02
CA GLY F 144 -16.75 -12.57 4.79
C GLY F 144 -17.75 -12.89 3.68
N PRO F 145 -17.56 -12.27 2.51
CA PRO F 145 -18.55 -12.44 1.48
C PRO F 145 -18.53 -13.79 0.83
N THR F 146 -19.71 -14.40 0.73
CA THR F 146 -19.89 -15.59 -0.09
C THR F 146 -21.23 -15.55 -0.78
N ILE F 147 -21.59 -16.65 -1.49
CA ILE F 147 -22.85 -16.72 -2.24
CA ILE F 147 -22.90 -16.65 -2.17
C ILE F 147 -23.91 -17.45 -1.40
N GLY F 148 -24.85 -16.71 -0.90
CA GLY F 148 -26.04 -17.26 -0.25
C GLY F 148 -27.01 -17.78 -1.29
N VAL F 149 -27.83 -18.77 -0.90
CA VAL F 149 -28.77 -19.37 -1.82
C VAL F 149 -30.07 -19.61 -1.06
N ALA F 150 -31.20 -19.37 -1.71
CA ALA F 150 -32.51 -19.62 -1.12
C ALA F 150 -33.50 -19.86 -2.22
N TYR F 151 -34.67 -20.37 -1.87
CA TYR F 151 -35.79 -20.49 -2.82
C TYR F 151 -37.09 -19.95 -2.23
N THR F 152 -37.99 -19.60 -3.12
CA THR F 152 -39.37 -19.29 -2.74
C THR F 152 -40.30 -19.82 -3.84
N PHE F 153 -41.49 -20.21 -3.42
CA PHE F 153 -42.59 -20.49 -4.35
C PHE F 153 -43.45 -19.30 -4.57
N ASP F 154 -43.47 -18.35 -3.62
CA ASP F 154 -44.52 -17.35 -3.63
C ASP F 154 -44.07 -15.93 -3.42
N PHE F 155 -42.78 -15.70 -3.34
CA PHE F 155 -42.23 -14.42 -2.95
C PHE F 155 -42.77 -13.90 -1.64
N GLU F 156 -43.22 -14.79 -0.74
CA GLU F 156 -43.63 -14.37 0.61
C GLU F 156 -42.70 -14.95 1.62
N THR F 157 -42.52 -16.27 1.58
CA THR F 157 -41.60 -16.99 2.47
C THR F 157 -40.41 -17.50 1.63
N PHE F 158 -39.21 -17.29 2.15
CA PHE F 158 -37.95 -17.66 1.45
C PHE F 158 -37.20 -18.61 2.34
N HIS F 159 -36.70 -19.67 1.74
CA HIS F 159 -36.13 -20.81 2.45
C HIS F 159 -34.65 -20.93 2.08
N GLN F 160 -33.79 -20.70 3.08
CA GLN F 160 -32.38 -20.63 2.83
C GLN F 160 -31.69 -22.01 2.77
N LEU F 161 -30.81 -22.14 1.78
CA LEU F 161 -30.04 -23.33 1.56
C LEU F 161 -28.58 -23.06 1.97
N GLU F 162 -27.73 -24.04 1.78
CA GLU F 162 -26.31 -23.85 2.05
C GLU F 162 -25.73 -22.74 1.20
N ASN F 163 -24.81 -22.00 1.77
CA ASN F 163 -23.97 -21.12 0.97
C ASN F 163 -23.24 -21.99 -0.02
N ALA F 164 -23.15 -21.53 -1.27
CA ALA F 164 -22.69 -22.38 -2.36
C ALA F 164 -21.19 -22.56 -2.28
N PHE F 165 -20.48 -21.58 -1.77
CA PHE F 165 -19.04 -21.52 -1.82
C PHE F 165 -18.43 -21.06 -0.51
N ILE F 166 -17.15 -21.35 -0.31
CA ILE F 166 -16.42 -20.77 0.74
C ILE F 166 -16.12 -19.32 0.41
N PRO F 167 -16.03 -18.41 1.40
CA PRO F 167 -15.61 -17.05 1.05
C PRO F 167 -14.21 -17.08 0.45
N PHE F 168 -13.78 -16.05 -0.31
CA PHE F 168 -14.50 -14.82 -0.63
C PHE F 168 -15.02 -14.91 -2.08
N ASN F 169 -16.31 -14.63 -2.29
CA ASN F 169 -16.97 -14.77 -3.55
C ASN F 169 -18.21 -13.92 -3.57
N ARG F 170 -18.48 -13.43 -4.76
CA ARG F 170 -19.70 -12.71 -5.02
C ARG F 170 -20.03 -12.64 -6.48
N ASN F 171 -21.04 -11.85 -6.88
CA ASN F 171 -21.55 -11.95 -8.23
C ASN F 171 -21.90 -13.38 -8.66
N GLY F 172 -22.65 -14.05 -7.79
CA GLY F 172 -23.24 -15.36 -8.05
C GLY F 172 -24.50 -15.25 -8.84
N VAL F 173 -24.52 -15.88 -10.03
CA VAL F 173 -25.63 -15.80 -10.96
C VAL F 173 -25.95 -17.18 -11.47
N LEU F 174 -27.11 -17.73 -11.09
CA LEU F 174 -27.61 -18.99 -11.61
C LEU F 174 -28.04 -18.97 -13.09
N PHE F 175 -27.84 -20.07 -13.77
CA PHE F 175 -28.48 -20.30 -15.07
C PHE F 175 -29.97 -20.63 -14.84
N PRO F 176 -30.83 -20.32 -15.82
CA PRO F 176 -32.25 -20.45 -15.55
C PRO F 176 -32.82 -21.82 -15.90
N ARG F 177 -31.97 -22.78 -16.18
CA ARG F 177 -32.36 -24.16 -16.30
C ARG F 177 -31.15 -24.96 -15.92
N LYS F 178 -31.34 -26.25 -15.75
CA LYS F 178 -30.20 -27.11 -15.62
C LYS F 178 -29.45 -27.24 -16.93
N ILE F 179 -28.16 -27.50 -16.77
CA ILE F 179 -27.25 -27.73 -17.86
C ILE F 179 -26.79 -29.17 -17.77
N ASN F 180 -27.21 -29.97 -18.75
N ASN F 180 -27.23 -29.97 -18.75
CA ASN F 180 -26.91 -31.39 -18.75
CA ASN F 180 -27.02 -31.41 -18.76
C ASN F 180 -27.21 -32.04 -17.38
C ASN F 180 -27.23 -32.03 -17.39
N GLY F 181 -28.39 -31.73 -16.81
CA GLY F 181 -28.88 -32.36 -15.61
C GLY F 181 -28.30 -31.84 -14.30
N ARG F 182 -27.53 -30.76 -14.35
CA ARG F 182 -27.02 -30.10 -13.17
C ARG F 182 -27.42 -28.63 -13.08
N PHE F 183 -27.64 -28.15 -11.87
CA PHE F 183 -27.76 -26.71 -11.64
C PHE F 183 -26.37 -26.07 -11.95
N ALA F 184 -26.35 -24.85 -12.45
CA ALA F 184 -25.08 -24.19 -12.83
C ALA F 184 -25.10 -22.73 -12.34
N MET F 185 -23.95 -22.23 -11.93
CA MET F 185 -23.81 -20.86 -11.39
C MET F 185 -22.51 -20.17 -11.80
N LEU F 186 -22.60 -18.92 -12.26
CA LEU F 186 -21.42 -18.13 -12.40
C LEU F 186 -21.10 -17.56 -11.07
N SER F 187 -19.82 -17.35 -10.83
CA SER F 187 -19.38 -16.62 -9.61
C SER F 187 -18.14 -15.84 -9.88
N ARG F 188 -17.54 -15.27 -8.83
CA ARG F 188 -16.49 -14.29 -9.02
C ARG F 188 -15.61 -14.27 -7.75
N PRO F 189 -14.59 -15.08 -7.72
CA PRO F 189 -13.74 -15.10 -6.55
C PRO F 189 -13.23 -13.69 -6.24
N SER F 190 -13.21 -13.36 -4.98
CA SER F 190 -12.95 -12.03 -4.50
C SER F 190 -11.96 -12.01 -3.32
N ASP F 191 -11.95 -10.90 -2.58
CA ASP F 191 -11.26 -10.81 -1.31
C ASP F 191 -12.16 -10.18 -0.30
N ASN F 192 -11.65 -9.71 0.84
CA ASN F 192 -12.53 -9.11 1.86
C ASN F 192 -12.50 -7.61 1.87
N GLY F 193 -12.19 -7.03 0.73
CA GLY F 193 -12.19 -5.58 0.62
C GLY F 193 -12.83 -5.16 -0.69
N HIS F 194 -12.38 -4.00 -1.17
CA HIS F 194 -12.75 -3.49 -2.48
C HIS F 194 -11.81 -4.15 -3.48
N THR F 195 -12.21 -5.32 -3.89
CA THR F 195 -11.36 -6.30 -4.59
C THR F 195 -10.69 -5.73 -5.81
N PRO F 196 -9.38 -5.80 -5.91
CA PRO F 196 -8.70 -5.17 -7.05
C PRO F 196 -8.45 -6.15 -8.20
N PHE F 197 -9.22 -7.19 -8.28
CA PHE F 197 -9.08 -8.24 -9.28
C PHE F 197 -10.41 -8.96 -9.42
N GLY F 198 -10.57 -9.79 -10.43
CA GLY F 198 -11.76 -10.59 -10.53
C GLY F 198 -12.01 -11.30 -11.84
N ASP F 199 -11.97 -12.58 -11.83
CA ASP F 199 -12.36 -13.39 -12.95
C ASP F 199 -13.74 -14.00 -12.70
N ILE F 200 -14.47 -14.31 -13.78
CA ILE F 200 -15.72 -15.04 -13.71
C ILE F 200 -15.45 -16.55 -13.83
N PHE F 201 -16.07 -17.31 -12.91
CA PHE F 201 -16.01 -18.76 -12.86
C PHE F 201 -17.40 -19.36 -13.06
N TYR F 202 -17.44 -20.64 -13.39
CA TYR F 202 -18.62 -21.41 -13.57
C TYR F 202 -18.52 -22.66 -12.74
N SER F 203 -19.60 -23.02 -12.06
CA SER F 203 -19.65 -24.22 -11.22
C SER F 203 -20.98 -24.94 -11.36
N GLU F 204 -21.01 -26.21 -11.08
CA GLU F 204 -22.23 -27.05 -11.20
C GLU F 204 -22.56 -27.77 -9.89
N SER F 205 -23.85 -28.11 -9.74
CA SER F 205 -24.28 -28.87 -8.59
C SER F 205 -25.39 -29.79 -8.97
N PRO F 206 -25.32 -31.06 -8.52
CA PRO F 206 -26.46 -31.96 -8.80
C PRO F 206 -27.69 -31.62 -7.95
N ASP F 207 -27.54 -30.90 -6.82
CA ASP F 207 -28.58 -30.88 -5.79
C ASP F 207 -28.78 -29.54 -5.09
N MET F 208 -28.09 -28.51 -5.53
CA MET F 208 -28.22 -27.24 -4.90
C MET F 208 -27.64 -27.24 -3.48
N GLU F 209 -26.75 -28.16 -3.23
CA GLU F 209 -26.09 -28.25 -1.92
C GLU F 209 -24.57 -28.37 -2.11
N PHE F 210 -24.13 -29.35 -2.91
CA PHE F 210 -22.71 -29.56 -3.13
C PHE F 210 -22.34 -29.08 -4.55
N TRP F 211 -21.25 -28.32 -4.62
CA TRP F 211 -20.83 -27.61 -5.83
C TRP F 211 -19.44 -28.03 -6.30
N GLY F 212 -19.18 -27.98 -7.60
CA GLY F 212 -17.95 -28.49 -8.09
C GLY F 212 -17.86 -28.38 -9.59
N ARG F 213 -16.89 -29.06 -10.15
N ARG F 213 -16.89 -29.06 -10.15
CA ARG F 213 -16.57 -28.91 -11.56
CA ARG F 213 -16.58 -28.90 -11.56
C ARG F 213 -16.33 -27.45 -11.95
C ARG F 213 -16.33 -27.45 -11.95
N HIS F 214 -15.53 -26.76 -11.16
CA HIS F 214 -15.27 -25.35 -11.36
C HIS F 214 -14.45 -25.10 -12.61
N ARG F 215 -14.90 -24.13 -13.38
CA ARG F 215 -14.23 -23.77 -14.65
C ARG F 215 -14.10 -22.26 -14.75
N HIS F 216 -12.93 -21.81 -15.16
CA HIS F 216 -12.70 -20.41 -15.46
C HIS F 216 -13.42 -20.00 -16.72
N VAL F 217 -14.17 -18.92 -16.69
CA VAL F 217 -14.90 -18.41 -17.86
C VAL F 217 -14.08 -17.34 -18.56
N MET F 218 -13.81 -16.27 -17.82
CA MET F 218 -13.00 -15.21 -18.40
C MET F 218 -12.34 -14.33 -17.34
N SER F 219 -11.22 -13.72 -17.71
CA SER F 219 -10.43 -12.77 -16.95
C SER F 219 -10.68 -11.36 -17.51
N PRO F 220 -10.31 -10.34 -16.72
CA PRO F 220 -10.29 -8.99 -17.26
C PRO F 220 -9.45 -8.93 -18.52
N ALA F 221 -9.82 -8.06 -19.44
CA ALA F 221 -9.02 -7.83 -20.63
C ALA F 221 -7.78 -7.02 -20.31
N ALA F 222 -6.83 -7.05 -21.22
CA ALA F 222 -5.69 -6.15 -21.16
C ALA F 222 -6.10 -4.70 -21.35
N PHE F 223 -5.46 -3.85 -20.58
CA PHE F 223 -5.67 -2.39 -20.59
C PHE F 223 -5.63 -1.88 -22.01
N GLU F 224 -4.70 -2.36 -22.81
CA GLU F 224 -4.57 -1.81 -24.15
C GLU F 224 -5.60 -2.32 -25.17
N VAL F 225 -6.29 -3.39 -24.83
CA VAL F 225 -7.35 -3.98 -25.61
C VAL F 225 -8.72 -3.45 -25.29
N SER F 226 -9.08 -3.44 -24.00
CA SER F 226 -10.40 -3.02 -23.57
C SER F 226 -10.37 -2.62 -22.12
N ALA F 227 -10.11 -1.34 -21.88
CA ALA F 227 -9.81 -0.83 -20.58
C ALA F 227 -11.03 -0.75 -19.68
N TRP F 228 -12.25 -0.74 -20.21
CA TRP F 228 -13.43 -0.62 -19.31
C TRP F 228 -13.58 -1.90 -18.51
N GLN F 229 -12.94 -2.98 -18.94
CA GLN F 229 -13.03 -4.27 -18.29
C GLN F 229 -11.66 -4.85 -17.91
N CYS F 230 -10.70 -3.99 -17.56
CA CYS F 230 -9.32 -4.50 -17.42
C CYS F 230 -8.92 -4.71 -15.96
N THR F 231 -9.71 -4.21 -14.99
CA THR F 231 -9.37 -4.44 -13.54
C THR F 231 -10.03 -5.69 -13.01
N LYS F 232 -11.34 -5.78 -13.18
CA LYS F 232 -12.12 -6.93 -12.75
C LYS F 232 -13.39 -6.94 -13.53
N ILE F 233 -14.04 -8.10 -13.53
CA ILE F 233 -15.31 -8.28 -14.21
C ILE F 233 -16.20 -9.11 -13.31
N GLY F 234 -17.51 -9.08 -13.56
CA GLY F 234 -18.43 -9.93 -12.84
C GLY F 234 -19.78 -10.03 -13.51
N ALA F 235 -20.39 -11.20 -13.38
CA ALA F 235 -21.67 -11.43 -14.04
C ALA F 235 -22.74 -10.52 -13.48
N GLY F 236 -23.68 -10.16 -14.36
CA GLY F 236 -24.79 -9.24 -14.02
C GLY F 236 -26.11 -9.99 -14.02
N PRO F 237 -27.01 -9.73 -15.00
CA PRO F 237 -28.25 -10.45 -15.09
C PRO F 237 -28.13 -11.94 -15.28
N ILE F 238 -29.21 -12.63 -14.96
CA ILE F 238 -29.28 -14.06 -15.26
C ILE F 238 -28.93 -14.26 -16.73
N PRO F 239 -28.12 -15.30 -17.07
CA PRO F 239 -27.83 -15.58 -18.48
C PRO F 239 -29.14 -15.78 -19.34
N VAL F 240 -29.12 -15.31 -20.57
CA VAL F 240 -30.27 -15.33 -21.49
C VAL F 240 -29.97 -16.34 -22.61
N GLU F 241 -30.80 -17.37 -22.67
CA GLU F 241 -30.63 -18.39 -23.70
C GLU F 241 -31.00 -17.87 -25.07
N THR F 242 -30.09 -18.08 -26.01
CA THR F 242 -30.36 -17.83 -27.42
C THR F 242 -30.02 -19.12 -28.16
N PRO F 243 -30.47 -19.22 -29.44
CA PRO F 243 -30.11 -20.38 -30.22
C PRO F 243 -28.60 -20.51 -30.39
N GLU F 244 -27.88 -19.39 -30.30
CA GLU F 244 -26.43 -19.31 -30.50
C GLU F 244 -25.55 -19.49 -29.25
N GLY F 245 -26.16 -19.53 -28.09
CA GLY F 245 -25.38 -19.51 -26.83
C GLY F 245 -26.10 -18.70 -25.78
N TRP F 246 -25.48 -18.59 -24.63
CA TRP F 246 -25.99 -17.76 -23.55
C TRP F 246 -25.44 -16.36 -23.71
N LEU F 247 -26.35 -15.38 -23.71
CA LEU F 247 -26.03 -14.00 -23.67
C LEU F 247 -25.77 -13.65 -22.20
N LEU F 248 -24.52 -13.34 -21.93
CA LEU F 248 -24.10 -12.87 -20.62
C LEU F 248 -23.89 -11.32 -20.67
N ILE F 249 -24.60 -10.62 -19.81
CA ILE F 249 -24.40 -9.19 -19.60
C ILE F 249 -23.58 -9.13 -18.29
N TYR F 250 -22.45 -8.42 -18.33
CA TYR F 250 -21.51 -8.41 -17.19
C TYR F 250 -20.87 -7.06 -17.04
N HIS F 251 -20.51 -6.72 -15.79
CA HIS F 251 -19.79 -5.50 -15.53
C HIS F 251 -18.29 -5.62 -15.63
N GLY F 252 -17.65 -4.49 -15.93
CA GLY F 252 -16.22 -4.36 -16.00
C GLY F 252 -15.77 -3.10 -15.35
N VAL F 253 -14.60 -3.16 -14.74
CA VAL F 253 -14.03 -2.04 -14.02
C VAL F 253 -12.75 -1.52 -14.64
N LEU F 254 -12.67 -0.20 -14.72
CA LEU F 254 -11.47 0.53 -15.10
C LEU F 254 -11.00 1.30 -13.86
N HIS F 255 -9.72 1.26 -13.60
CA HIS F 255 -9.13 1.91 -12.43
C HIS F 255 -8.44 3.20 -12.85
N SER F 256 -9.12 4.30 -12.58
CA SER F 256 -8.56 5.63 -12.84
C SER F 256 -7.82 6.11 -11.63
N CYS F 257 -7.16 7.25 -11.76
CA CYS F 257 -6.53 7.83 -10.61
C CYS F 257 -7.49 8.17 -9.54
N ASN F 258 -8.76 8.39 -9.86
CA ASN F 258 -9.74 8.85 -8.85
C ASN F 258 -10.75 7.82 -8.53
N GLY F 259 -10.52 6.60 -8.94
CA GLY F 259 -11.38 5.51 -8.52
C GLY F 259 -11.66 4.48 -9.56
N TYR F 260 -12.68 3.71 -9.31
CA TYR F 260 -13.15 2.73 -10.22
C TYR F 260 -14.32 3.27 -11.04
N VAL F 261 -14.40 2.89 -12.30
CA VAL F 261 -15.52 3.22 -13.15
C VAL F 261 -16.08 1.90 -13.58
N TYR F 262 -17.37 1.65 -13.31
CA TYR F 262 -18.05 0.42 -13.65
C TYR F 262 -18.86 0.71 -14.95
N SER F 263 -18.59 -0.10 -15.97
CA SER F 263 -19.35 -0.11 -17.21
C SER F 263 -19.85 -1.54 -17.41
N PHE F 264 -20.69 -1.78 -18.42
CA PHE F 264 -21.08 -3.12 -18.72
C PHE F 264 -21.11 -3.46 -20.20
N GLY F 265 -20.96 -4.74 -20.48
CA GLY F 265 -20.96 -5.24 -21.86
C GLY F 265 -21.51 -6.63 -21.99
N SER F 266 -21.17 -7.29 -23.10
CA SER F 266 -21.76 -8.56 -23.44
C SER F 266 -20.76 -9.57 -23.94
N ALA F 267 -21.09 -10.80 -23.65
CA ALA F 267 -20.42 -11.96 -24.18
C ALA F 267 -21.44 -13.04 -24.55
N LEU F 268 -21.01 -13.98 -25.39
CA LEU F 268 -21.78 -15.14 -25.72
C LEU F 268 -21.06 -16.40 -25.31
N LEU F 269 -21.69 -17.22 -24.47
CA LEU F 269 -21.07 -18.43 -24.01
C LEU F 269 -21.67 -19.62 -24.73
N ASP F 270 -20.89 -20.69 -24.86
CA ASP F 270 -21.37 -21.94 -25.45
C ASP F 270 -22.56 -22.45 -24.67
N LEU F 271 -23.58 -22.92 -25.38
CA LEU F 271 -24.82 -23.41 -24.73
C LEU F 271 -24.60 -24.60 -23.86
N ASP F 272 -23.73 -25.51 -24.28
CA ASP F 272 -23.56 -26.78 -23.59
C ASP F 272 -22.53 -26.75 -22.52
N GLU F 273 -21.49 -25.96 -22.75
CA GLU F 273 -20.33 -25.85 -21.85
C GLU F 273 -20.09 -24.37 -21.65
N PRO F 274 -20.86 -23.74 -20.76
CA PRO F 274 -20.90 -22.26 -20.77
C PRO F 274 -19.69 -21.54 -20.24
N TRP F 275 -18.69 -22.27 -19.78
CA TRP F 275 -17.44 -21.66 -19.47
C TRP F 275 -16.60 -21.36 -20.71
N LYS F 276 -16.99 -21.95 -21.87
CA LYS F 276 -16.33 -21.67 -23.13
C LYS F 276 -16.93 -20.42 -23.78
N VAL F 277 -16.16 -19.35 -23.86
CA VAL F 277 -16.63 -18.09 -24.42
C VAL F 277 -16.47 -18.10 -25.95
N LYS F 278 -17.56 -17.81 -26.64
CA LYS F 278 -17.51 -17.76 -28.09
C LYS F 278 -17.19 -16.36 -28.61
N PHE F 279 -17.82 -15.33 -28.05
CA PHE F 279 -17.51 -13.98 -28.41
C PHE F 279 -17.61 -13.07 -27.19
N ARG F 280 -16.85 -11.98 -27.20
CA ARG F 280 -16.78 -11.09 -26.09
C ARG F 280 -16.58 -9.70 -26.54
N SER F 281 -17.50 -8.80 -26.21
CA SER F 281 -17.39 -7.42 -26.78
C SER F 281 -16.15 -6.63 -26.39
N GLY F 282 -15.58 -5.89 -27.34
CA GLY F 282 -14.48 -4.95 -27.06
C GLY F 282 -15.03 -3.66 -26.45
N PRO F 283 -16.00 -3.02 -27.10
CA PRO F 283 -16.63 -1.81 -26.48
C PRO F 283 -17.63 -2.19 -25.38
N TYR F 284 -17.91 -1.24 -24.51
CA TYR F 284 -19.02 -1.43 -23.59
C TYR F 284 -20.38 -1.28 -24.29
N LEU F 285 -21.44 -1.77 -23.64
CA LEU F 285 -22.87 -1.46 -24.02
C LEU F 285 -23.28 -0.16 -23.38
N LEU F 286 -22.89 0.03 -22.13
CA LEU F 286 -23.26 1.22 -21.39
C LEU F 286 -22.19 1.60 -20.40
N ALA F 287 -21.96 2.91 -20.20
CA ALA F 287 -20.95 3.38 -19.23
C ALA F 287 -21.50 4.65 -18.59
N PRO F 288 -20.98 5.05 -17.44
CA PRO F 288 -21.60 6.16 -16.73
C PRO F 288 -21.44 7.49 -17.45
N ARG F 289 -22.57 8.13 -17.69
CA ARG F 289 -22.68 9.34 -18.48
C ARG F 289 -23.62 10.38 -17.84
N GLU F 290 -24.76 9.92 -17.40
CA GLU F 290 -25.79 10.79 -16.87
C GLU F 290 -25.52 11.21 -15.44
N PRO F 291 -26.06 12.34 -15.02
CA PRO F 291 -25.75 12.76 -13.63
C PRO F 291 -26.16 11.71 -12.54
N TYR F 292 -27.23 10.92 -12.79
CA TYR F 292 -27.68 9.87 -11.84
C TYR F 292 -26.74 8.64 -11.79
N GLU F 293 -25.88 8.55 -12.81
CA GLU F 293 -24.82 7.51 -12.87
C GLU F 293 -23.47 8.05 -12.35
N CYS F 294 -23.26 9.37 -12.46
CA CYS F 294 -21.97 9.96 -12.11
C CYS F 294 -21.92 10.66 -10.79
N MET F 295 -23.05 10.86 -10.16
CA MET F 295 -23.05 11.49 -8.84
C MET F 295 -23.88 10.65 -7.86
N GLY F 296 -23.38 10.43 -6.66
CA GLY F 296 -24.06 9.67 -5.67
C GLY F 296 -23.14 9.01 -4.68
N ASP F 297 -23.66 7.99 -4.00
CA ASP F 297 -22.91 7.35 -2.96
C ASP F 297 -21.58 6.75 -3.49
N VAL F 298 -21.62 6.18 -4.72
CA VAL F 298 -20.39 5.73 -5.39
C VAL F 298 -20.45 6.24 -6.82
N PRO F 299 -19.74 7.32 -7.08
CA PRO F 299 -19.75 7.92 -8.43
C PRO F 299 -19.22 6.97 -9.52
N ASN F 300 -19.80 7.11 -10.68
CA ASN F 300 -19.34 6.48 -11.91
C ASN F 300 -19.53 4.98 -11.90
N VAL F 301 -20.78 4.60 -11.62
CA VAL F 301 -21.19 3.21 -11.60
C VAL F 301 -22.45 2.92 -12.39
N CYS F 302 -22.36 2.00 -13.36
CA CYS F 302 -23.52 1.35 -13.93
C CYS F 302 -23.36 -0.16 -13.74
N PHE F 303 -24.23 -0.73 -12.90
CA PHE F 303 -24.06 -2.10 -12.48
C PHE F 303 -25.27 -2.93 -12.80
N PRO F 304 -25.22 -3.70 -13.89
CA PRO F 304 -26.39 -4.42 -14.28
C PRO F 304 -26.66 -5.63 -13.40
N CYS F 305 -27.93 -5.80 -13.05
CA CYS F 305 -28.32 -6.73 -12.05
C CYS F 305 -29.47 -7.69 -12.48
N ALA F 306 -30.28 -7.31 -13.48
CA ALA F 306 -31.38 -8.17 -13.89
C ALA F 306 -31.81 -7.73 -15.29
N ALA F 307 -32.44 -8.63 -16.01
CA ALA F 307 -33.09 -8.34 -17.30
C ALA F 307 -34.40 -9.07 -17.45
N LEU F 308 -35.30 -8.44 -18.22
CA LEU F 308 -36.55 -9.11 -18.66
C LEU F 308 -36.45 -9.16 -20.19
N HIS F 309 -36.89 -10.25 -20.80
CA HIS F 309 -36.81 -10.35 -22.27
C HIS F 309 -37.96 -11.16 -22.88
N ASP F 310 -38.10 -10.97 -24.18
CA ASP F 310 -39.19 -11.53 -25.01
C ASP F 310 -38.56 -12.14 -26.28
N ASN F 311 -38.51 -13.44 -26.33
CA ASN F 311 -37.90 -14.09 -27.42
C ASN F 311 -38.64 -13.83 -28.75
N GLU F 312 -39.95 -13.63 -28.69
CA GLU F 312 -40.78 -13.38 -29.89
C GLU F 312 -40.32 -12.10 -30.58
N THR F 313 -40.18 -11.02 -29.82
CA THR F 313 -39.77 -9.73 -30.40
C THR F 313 -38.28 -9.46 -30.39
N GLY F 314 -37.55 -10.19 -29.57
CA GLY F 314 -36.13 -9.94 -29.40
C GLY F 314 -35.81 -8.81 -28.42
N ARG F 315 -36.82 -8.25 -27.78
CA ARG F 315 -36.63 -7.15 -26.87
C ARG F 315 -36.05 -7.62 -25.51
N ILE F 316 -35.19 -6.78 -24.97
CA ILE F 316 -34.60 -6.98 -23.63
C ILE F 316 -34.54 -5.64 -22.91
N ALA F 317 -34.92 -5.64 -21.64
CA ALA F 317 -34.87 -4.49 -20.71
C ALA F 317 -33.91 -4.92 -19.58
N ILE F 318 -32.85 -4.16 -19.43
CA ILE F 318 -31.76 -4.43 -18.48
C ILE F 318 -31.84 -3.42 -17.34
N TYR F 319 -31.95 -3.93 -16.11
CA TYR F 319 -32.01 -3.13 -14.88
C TYR F 319 -30.60 -2.95 -14.39
N TYR F 320 -30.22 -1.77 -14.02
CA TYR F 320 -28.85 -1.55 -13.57
C TYR F 320 -28.81 -0.49 -12.47
N GLY F 321 -27.93 -0.71 -11.52
CA GLY F 321 -27.66 0.19 -10.41
C GLY F 321 -26.93 1.39 -10.92
N CYS F 322 -27.30 2.56 -10.41
CA CYS F 322 -26.69 3.87 -10.88
C CYS F 322 -26.05 4.57 -9.71
N ALA F 323 -24.69 4.72 -9.75
CA ALA F 323 -23.94 5.37 -8.68
C ALA F 323 -24.21 4.79 -7.29
N ASP F 324 -24.58 3.52 -7.25
CA ASP F 324 -24.94 2.81 -6.00
C ASP F 324 -25.97 3.62 -5.22
N THR F 325 -26.89 4.22 -5.97
CA THR F 325 -27.90 5.15 -5.33
C THR F 325 -29.31 4.86 -5.81
N VAL F 326 -29.51 4.73 -7.13
CA VAL F 326 -30.83 4.53 -7.72
C VAL F 326 -30.79 3.40 -8.76
N THR F 327 -31.94 3.03 -9.29
CA THR F 327 -32.02 2.01 -10.30
C THR F 327 -32.50 2.61 -11.62
N GLY F 328 -31.86 2.17 -12.69
CA GLY F 328 -32.24 2.55 -14.03
C GLY F 328 -32.52 1.38 -14.93
N LEU F 329 -33.07 1.69 -16.12
CA LEU F 329 -33.41 0.70 -17.10
C LEU F 329 -32.77 1.15 -18.46
N ALA F 330 -32.34 0.18 -19.23
CA ALA F 330 -31.89 0.36 -20.60
C ALA F 330 -32.48 -0.74 -21.47
N PHE F 331 -32.63 -0.44 -22.78
CA PHE F 331 -33.33 -1.36 -23.67
C PHE F 331 -32.46 -1.66 -24.85
N GLY F 332 -32.72 -2.80 -25.48
CA GLY F 332 -32.05 -3.14 -26.72
C GLY F 332 -32.71 -4.37 -27.34
N TYR F 333 -32.13 -4.83 -28.42
CA TYR F 333 -32.60 -6.03 -29.07
C TYR F 333 -31.56 -7.11 -28.97
N ILE F 334 -31.98 -8.28 -28.50
CA ILE F 334 -31.11 -9.45 -28.40
C ILE F 334 -30.32 -9.79 -29.69
N PRO F 335 -30.99 -9.86 -30.87
CA PRO F 335 -30.15 -10.09 -32.04
C PRO F 335 -29.16 -8.98 -32.33
N GLU F 336 -29.50 -7.73 -32.03
CA GLU F 336 -28.54 -6.65 -32.26
C GLU F 336 -27.34 -6.75 -31.30
N ILE F 337 -27.66 -7.08 -30.07
CA ILE F 337 -26.62 -7.27 -29.05
C ILE F 337 -25.67 -8.38 -29.45
N ILE F 338 -26.25 -9.48 -29.93
CA ILE F 338 -25.46 -10.59 -30.42
C ILE F 338 -24.54 -10.18 -31.58
N GLU F 339 -25.07 -9.48 -32.60
CA GLU F 339 -24.22 -9.11 -33.75
C GLU F 339 -23.14 -8.16 -33.33
N PHE F 340 -23.46 -7.23 -32.47
CA PHE F 340 -22.42 -6.29 -31.91
C PHE F 340 -21.31 -7.07 -31.17
N THR F 341 -21.69 -8.01 -30.33
CA THR F 341 -20.72 -8.84 -29.59
C THR F 341 -19.81 -9.60 -30.55
N LYS F 342 -20.39 -10.13 -31.64
CA LYS F 342 -19.58 -10.84 -32.62
C LYS F 342 -18.63 -9.92 -33.38
N ARG F 343 -19.18 -8.86 -33.94
CA ARG F 343 -18.38 -7.95 -34.76
C ARG F 343 -17.29 -7.25 -34.05
N THR F 344 -17.47 -6.99 -32.75
CA THR F 344 -16.45 -6.25 -32.04
C THR F 344 -15.69 -7.21 -31.11
N SER F 345 -15.82 -8.51 -31.33
CA SER F 345 -15.23 -9.49 -30.38
C SER F 345 -13.73 -9.37 -30.20
N ILE F 346 -13.28 -9.53 -28.96
CA ILE F 346 -11.86 -9.46 -28.69
C ILE F 346 -11.34 -10.87 -28.47
N ILE F 347 -12.17 -11.88 -28.69
CA ILE F 347 -11.67 -13.24 -28.92
C ILE F 347 -12.23 -13.81 -30.19
P PO4 G . 9.82 2.21 16.87
O1 PO4 G . 8.58 2.43 16.06
O2 PO4 G . 10.34 0.82 16.75
O3 PO4 G . 9.45 2.40 18.37
O4 PO4 G . 10.89 3.21 16.52
C1 NDG H . 4.38 -4.76 17.88
C2 NDG H . 5.54 -5.61 18.36
C3 NDG H . 6.53 -4.74 19.12
C4 NDG H . 6.95 -3.57 18.23
C5 NDG H . 5.78 -2.81 17.63
C6 NDG H . 6.31 -1.80 16.59
C7 NDG H . 4.96 -7.97 18.74
C8 NDG H . 4.55 -8.95 19.75
O5 NDG H . 4.88 -3.71 17.04
O3 NDG H . 7.62 -5.59 19.49
O4 NDG H . 7.83 -2.70 18.90
O6 NDG H . 7.05 -2.31 15.44
O7 NDG H . 5.11 -8.31 17.61
N2 NDG H . 5.13 -6.73 19.17
O1 NDG H . 3.62 -4.25 18.98
C1 GOL I . 12.37 -3.16 17.70
O1 GOL I . 12.98 -3.70 18.98
C2 GOL I . 10.80 -3.08 17.58
O2 GOL I . 10.09 -1.77 17.69
C3 GOL I . 10.38 -3.64 16.21
O3 GOL I . 10.42 -5.07 16.19
K K J . 14.57 20.90 17.96
C1 EDO K . -4.99 7.22 38.84
O1 EDO K . -5.57 8.25 37.99
C2 EDO K . -3.53 7.53 39.19
O2 EDO K . -3.41 8.72 39.98
C1 EDO L . 4.78 12.84 42.14
O1 EDO L . 5.17 13.52 43.35
C2 EDO L . 4.08 11.52 42.35
O2 EDO L . 2.71 11.54 41.92
P PO4 M . 17.52 -3.49 -8.49
O1 PO4 M . 16.29 -2.60 -8.33
O2 PO4 M . 17.18 -4.66 -9.44
O3 PO4 M . 18.06 -3.99 -7.19
O4 PO4 M . 18.58 -2.60 -9.08
C1 NDG N . 18.61 2.03 -1.67
C2 NDG N . 19.73 1.15 -1.10
C3 NDG N . 20.48 0.47 -2.23
C4 NDG N . 19.47 -0.28 -3.10
C5 NDG N . 18.40 0.66 -3.57
C6 NDG N . 17.35 -0.10 -4.37
C7 NDG N . 20.63 2.02 1.04
C8 NDG N . 21.60 2.97 1.63
O5 NDG N . 17.75 1.27 -2.49
O3 NDG N . 21.51 -0.37 -1.67
O4 NDG N . 20.12 -0.86 -4.22
O6 NDG N . 16.75 -1.20 -3.69
O7 NDG N . 19.92 1.38 1.78
N2 NDG N . 20.64 1.93 -0.30
O1 NDG N . 19.09 3.10 -2.41
C1 GOL O . 19.46 -4.75 -3.01
O1 GOL O . 19.21 -3.85 -1.90
C2 GOL O . 20.22 -4.19 -4.23
O2 GOL O . 19.61 -3.01 -4.91
C3 GOL O . 21.68 -4.00 -3.79
O3 GOL O . 22.37 -5.30 -3.91
C1 GOL P . 34.79 10.74 -24.78
O1 GOL P . 35.42 10.59 -26.06
C2 GOL P . 34.29 12.18 -24.58
O2 GOL P . 34.94 12.81 -23.47
C3 GOL P . 32.81 12.30 -24.31
O3 GOL P . 32.40 13.68 -24.37
K K Q . 14.36 -7.92 -26.93
P PO4 R . -0.28 -19.41 4.29
O1 PO4 R . -0.85 -18.19 3.56
O2 PO4 R . -0.70 -20.67 3.62
O3 PO4 R . -0.80 -19.46 5.75
O4 PO4 R . 1.21 -19.43 4.33
C1 NDG S . 4.33 -18.17 -3.25
C2 NDG S . 5.48 -19.02 -2.70
C3 NDG S . 4.91 -20.10 -1.78
C4 NDG S . 4.04 -19.44 -0.70
C5 NDG S . 2.95 -18.57 -1.32
C6 NDG S . 2.25 -17.79 -0.22
C7 NDG S . 7.45 -19.07 -4.20
C8 NDG S . 8.15 -19.79 -5.28
O5 NDG S . 3.51 -17.63 -2.22
O3 NDG S . 5.94 -20.88 -1.18
O4 NDG S . 3.46 -20.42 0.12
O6 NDG S . 3.10 -16.98 0.57
O7 NDG S . 7.95 -18.07 -3.77
N2 NDG S . 6.29 -19.59 -3.76
O1 NDG S . 3.58 -18.95 -4.13
C1 GOL T . 5.96 -20.80 4.52
O1 GOL T . 6.14 -22.23 4.24
C2 GOL T . 5.36 -20.11 3.27
O2 GOL T . 5.81 -18.73 3.09
C3 GOL T . 3.83 -20.26 3.34
O3 GOL T . 3.11 -19.44 2.39
K K U . -16.05 -23.05 14.76
P PO4 V . 0.49 13.10 -14.80
O1 PO4 V . -1.03 13.09 -14.81
O2 PO4 V . 1.07 11.86 -14.10
O3 PO4 V . 0.99 14.38 -14.09
O4 PO4 V . 1.00 13.12 -16.24
C1 NDG W . -3.72 5.85 -17.57
C2 NDG W . -4.86 6.71 -18.10
C3 NDG W . -4.36 8.04 -18.59
C4 NDG W . -3.59 8.70 -17.45
C5 NDG W . -2.51 7.81 -16.85
C6 NDG W . -1.88 8.42 -15.60
C7 NDG W . -6.75 5.38 -18.90
C8 NDG W . -7.31 4.65 -20.08
O5 NDG W . -2.97 6.51 -16.58
O3 NDG W . -5.49 8.81 -19.00
O4 NDG W . -2.98 9.90 -17.88
O6 NDG W . -2.81 8.67 -14.53
O7 NDG W . -7.32 5.28 -17.83
N2 NDG W . -5.64 6.08 -19.13
O1 NDG W . -2.89 5.47 -18.65
C1 GOL X . -5.00 12.92 -17.51
O1 GOL X . -5.75 14.15 -17.55
C2 GOL X . -4.55 12.55 -16.10
O2 GOL X . -3.26 11.91 -16.16
C3 GOL X . -5.60 11.70 -15.37
O3 GOL X . -5.13 10.38 -15.04
K K Y . 16.25 24.50 -12.01
P PO4 Z . -10.87 13.35 9.78
O1 PO4 Z . -10.54 14.52 10.67
O2 PO4 Z . -11.93 12.43 10.43
O3 PO4 Z . -9.56 12.55 9.67
O4 PO4 Z . -11.31 13.82 8.40
C1 NDG AA . -5.31 17.60 4.35
C2 NDG AA . -6.47 18.41 3.79
C3 NDG AA . -7.46 18.63 4.91
C4 NDG AA . -7.91 17.28 5.51
C5 NDG AA . -6.72 16.42 5.90
C6 NDG AA . -7.18 15.03 6.28
C7 NDG AA . -5.80 19.87 1.89
C8 NDG AA . -5.26 21.22 1.59
O5 NDG AA . -5.81 16.35 4.82
O3 NDG AA . -8.56 19.38 4.42
O4 NDG AA . -8.77 17.47 6.62
O6 NDG AA . -7.76 14.25 5.22
O7 NDG AA . -5.94 19.06 1.02
N2 NDG AA . -6.08 19.68 3.19
O1 NDG AA . -4.69 18.33 5.35
C1 GOL BA . -13.24 16.55 5.26
O1 GOL BA . -13.84 17.90 5.41
C2 GOL BA . -11.68 16.39 5.34
O2 GOL BA . -11.04 15.87 6.57
C3 GOL BA . -11.20 15.44 4.23
O3 GOL BA . -11.15 16.20 3.00
K K CA . -16.22 5.48 26.68
C1 EDO DA . -6.50 30.86 30.66
O1 EDO DA . -5.16 31.19 30.30
C2 EDO DA . -6.51 30.30 32.08
O2 EDO DA . -7.24 31.26 32.84
C1 EDO EA . -1.90 33.34 9.30
O1 EDO EA . -1.94 33.21 10.77
C2 EDO EA . -0.58 33.85 8.74
O2 EDO EA . -0.85 34.38 7.41
P PO4 FA . -17.13 -6.31 -7.79
O1 PO4 FA . -18.24 -7.28 -7.43
O2 PO4 FA . -15.90 -6.54 -6.90
O3 PO4 FA . -17.65 -4.90 -7.58
O4 PO4 FA . -16.70 -6.59 -9.27
C1 NDG GA . -18.67 -2.94 0.32
C2 NDG GA . -19.87 -2.18 -0.22
C3 NDG GA . -20.56 -2.90 -1.35
C4 NDG GA . -19.50 -3.27 -2.39
C5 NDG GA . -18.40 -4.08 -1.75
C6 NDG GA . -17.34 -4.31 -2.82
C7 NDG GA . -20.79 -0.77 1.51
C8 NDG GA . -21.95 -0.58 2.42
O5 NDG GA . -17.80 -3.33 -0.73
O3 NDG GA . -21.53 -2.03 -1.95
O4 NDG GA . -20.01 -4.00 -3.48
O6 NDG GA . -16.76 -3.11 -3.32
O7 NDG GA . -19.95 0.07 1.38
N2 NDG GA . -20.82 -1.92 0.84
O1 NDG GA . -19.12 -4.11 0.94
C1 GOL HA . -20.74 -1.22 -7.47
O1 GOL HA . -22.20 -1.38 -7.66
C2 GOL HA . -20.20 -1.65 -6.08
O2 GOL HA . -19.62 -2.99 -6.09
C3 GOL HA . -19.18 -0.59 -5.60
O3 GOL HA . -18.26 -1.22 -4.69
K K IA . -12.89 -20.17 -20.82
C1 EDO JA . -32.98 -29.01 -4.26
O1 EDO JA . -33.87 -29.59 -5.22
C2 EDO JA . -33.59 -27.73 -3.75
O2 EDO JA . -34.37 -28.01 -2.58
#